data_5VNI
#
_entry.id   5VNI
#
_cell.length_a   147.606
_cell.length_b   96.065
_cell.length_c   129.998
_cell.angle_alpha   90.00
_cell.angle_beta   90.06
_cell.angle_gamma   90.00
#
_symmetry.space_group_name_H-M   'C 1 2 1'
#
loop_
_entity.id
_entity.type
_entity.pdbx_description
1 polymer 'Protein transport protein Sec23A'
2 polymer 'Protein transport protein Sec24A'
3 polymer 'Vesicle-trafficking protein SEC22b'
4 polymer 'C-terminal FA'
5 non-polymer 'ZINC ION'
6 water water
#
loop_
_entity_poly.entity_id
_entity_poly.type
_entity_poly.pdbx_seq_one_letter_code
_entity_poly.pdbx_strand_id
1 'polypeptide(L)'
;MTTYLEFIQQNEERDGVRFSWNVWPSSRLEATRMVVPVAALFTPLKERPDLPPIQYEPVLCSRTTCRAVLNPLCQVDYRA
KLWACNFCYQRNQFPPSYAGISELNQPAELLPQFSSIEYVVLRGPQMPLIFLYVVDTCMEDEDLQALKESMQMSLSLLPP
TALVGLITFGRMVQVHELGCEGISKSYVFRGTKDLSAKQLQEMLGLSKVPLTQATRGPQVQQPPPSNRFLQPVQKIDMNL
TDLLGELQRDPWPVPQGKRPLRSSGVALSIAVGLLECTFPNTGARIMMFIGGPATQGPGMVVGDELKTPIRSWHDIDKDN
AKYVKKGTKHFEALANRAATTGHVIDIYACALDQTGLLEMKCCPNLTGGYMVMGDSFNTSLFKQTFQRVFTKDMHGQFKM
GFGGTLEIKTSREIKISGAIGPCVSLNSKGPCVSENEIGTGGTCQWKICGLSPTTTLAIYFEVVNQHNAPIPQGGRGAIQ
FVTQYQHSSGQRRIRVTTIARNWADAQTQIQNIAASFDQEAAAILMARLAIYRAETEEGPDVLRWLDRQLIRLCQKFGEY
HKDDPSSFRFSETFSLYPQFMFHLRRSSFLQVFNNSPDESSYYRHHFMRQDLTQSLIMIQPILYAYSFSGPPEPVLLDSS
SILADRILLMDTFFQILIYHGETIAQWRKSGYQDMPEYENFRHLLQAPVDDAQEILHSRFPMPRYIDTEHGGSQARFLLS
KVNPSQTHNNMYAWGQESGAPILTDDVSLQVFMDHLKKLAVSSA
;
A
2 'polypeptide(L)'
;EGLRVVNLLQERNMLPSTPLKPPVPNLHEDIQKLNCNPELFRCTLTSIPQTQALLNKAKLPLGLLLHPFKDLVQLPVVTS
STIVRCRSCRTYINPFVSFLDQRRWKCNLCYRVNDVPEEFLYNPLTRVYGEPHRRPEVQNATIEFMAPSEYMLRPPQPPV
YLFVFDVSHNAVETGYLNSVCQSLLDNLDLLPGNTRTKIGFITFDSTIHFYGLQESLSQPQMLIVSDIEDVFIPMPENLL
VNLNESKELVQDLLKTLPQMFTKTLETQSALGPALQAAFKLMSPTGGRMSVFQTQLPTLGVGALKPREEPNHRSSAKDIH
MTPSTDFYKKLALDCSGQQVAVDLFLLSGQYSDLASLGCISRYSAGSVYYYPSYHHQHNPVQVQKLQKELQRYLTRKIGF
EAVMRIRCTKGLSIHTFHGNFFVRSTDLLSLPNVNPDAGYAVQMSVEESLTDTQLVSFQSALLYTSSKGERRIRVHTLCL
PVVSTLNDVFLGADVQAISGLLANMAVDRSMTASLSDARDALVNAVIDSLSAYRSSVLSNQQPGLMVPFSLRLFPLFVLA
LLKQKSFQTGTNARLDERIFAMCQVKNQPLVYLMLTTHPSLYRVDNLSDEGALNISDRTIPQPPILQLSVEKLSRDGAFL
MDAGSVLMLWVGKNCTQNFLSQVLGVQNYASIPQPMTDLPELDTPESARIIAFISWLREQRPFFPILYVIADESPMKANF
LQNMIEDRTESALSYYEFLLHIQQQVNK
;
B
3 'polypeptide(L)'
;MVLLTMIARVADGLPLAASMQEDEQSGRDLQQYQSQAKQLFRKLNEQSPTRCTLEAGAMTFHYIIEQGVCYLVLCEAAFP
KKLAFAYLEDLHSEFDEQHGKKVPTVSRPYSFIEFDTFIQKTKKLYIDSRARRNLGSINTELQDVQRIMVANIEEVL
;
C
4 'polypeptide(L)' VTSFA D
#
loop_
_chem_comp.id
_chem_comp.type
_chem_comp.name
_chem_comp.formula
ZN non-polymer 'ZINC ION' 'Zn 2'
#
# COMPACT_ATOMS: atom_id res chain seq x y z
N THR A 3 -2.55 -27.28 -64.37
CA THR A 3 -2.76 -25.84 -64.30
C THR A 3 -1.94 -25.21 -63.19
N TYR A 4 -1.16 -24.19 -63.52
CA TYR A 4 -0.33 -23.53 -62.52
C TYR A 4 -1.17 -22.82 -61.48
N LEU A 5 -2.32 -22.26 -61.86
CA LEU A 5 -3.22 -21.67 -60.88
C LEU A 5 -3.80 -22.73 -59.96
N GLU A 6 -4.25 -23.85 -60.52
CA GLU A 6 -4.74 -24.95 -59.70
C GLU A 6 -3.64 -25.47 -58.77
N PHE A 7 -2.40 -25.50 -59.25
CA PHE A 7 -1.30 -25.99 -58.42
C PHE A 7 -1.05 -25.07 -57.22
N ILE A 8 -1.05 -23.76 -57.44
CA ILE A 8 -0.79 -22.81 -56.35
C ILE A 8 -1.89 -22.90 -55.30
N GLN A 9 -3.15 -22.96 -55.73
CA GLN A 9 -4.26 -23.00 -54.79
C GLN A 9 -4.24 -24.27 -53.96
N GLN A 10 -3.99 -25.42 -54.58
CA GLN A 10 -4.02 -26.68 -53.86
C GLN A 10 -2.89 -26.77 -52.83
N ASN A 11 -1.71 -26.24 -53.17
CA ASN A 11 -0.59 -26.31 -52.25
C ASN A 11 -0.83 -25.49 -51.00
N GLU A 12 -1.56 -24.38 -51.11
CA GLU A 12 -1.88 -23.59 -49.93
C GLU A 12 -2.99 -24.24 -49.11
N GLU A 13 -3.93 -24.92 -49.77
CA GLU A 13 -4.99 -25.61 -49.03
C GLU A 13 -4.46 -26.82 -48.27
N ARG A 14 -3.39 -27.44 -48.77
CA ARG A 14 -2.83 -28.64 -48.17
C ARG A 14 -1.67 -28.35 -47.23
N ASP A 15 -0.66 -27.62 -47.70
CA ASP A 15 0.54 -27.36 -46.92
C ASP A 15 0.55 -25.99 -46.27
N GLY A 16 -0.43 -25.14 -46.56
CA GLY A 16 -0.46 -23.80 -45.99
C GLY A 16 0.74 -22.96 -46.39
N VAL A 17 1.18 -23.06 -47.65
CA VAL A 17 2.36 -22.36 -48.12
C VAL A 17 2.05 -21.75 -49.48
N ARG A 18 2.74 -20.64 -49.78
CA ARG A 18 2.68 -20.01 -51.09
C ARG A 18 4.02 -19.35 -51.35
N PHE A 19 4.71 -19.81 -52.39
CA PHE A 19 6.04 -19.32 -52.71
C PHE A 19 5.98 -18.18 -53.71
N SER A 20 7.06 -17.39 -53.75
CA SER A 20 7.22 -16.41 -54.81
C SER A 20 7.65 -17.06 -56.12
N TRP A 21 8.42 -18.15 -56.03
CA TRP A 21 8.82 -18.94 -57.19
C TRP A 21 8.56 -20.40 -56.89
N ASN A 22 7.89 -21.09 -57.82
CA ASN A 22 7.61 -22.51 -57.68
C ASN A 22 8.60 -23.38 -58.43
N VAL A 23 9.42 -22.80 -59.31
CA VAL A 23 10.55 -23.49 -59.93
C VAL A 23 11.80 -22.70 -59.57
N TRP A 24 12.80 -23.40 -59.03
CA TRP A 24 13.93 -22.73 -58.42
C TRP A 24 15.16 -22.81 -59.33
N PRO A 25 16.06 -21.83 -59.24
CA PRO A 25 17.24 -21.83 -60.12
C PRO A 25 18.15 -23.01 -59.83
N SER A 26 18.41 -23.81 -60.85
CA SER A 26 19.24 -25.00 -60.73
C SER A 26 20.73 -24.71 -60.86
N SER A 27 21.13 -23.44 -60.86
CA SER A 27 22.52 -23.07 -61.02
C SER A 27 22.84 -21.87 -60.13
N ARG A 28 24.13 -21.64 -59.93
CA ARG A 28 24.59 -20.46 -59.20
C ARG A 28 24.50 -19.19 -60.03
N LEU A 29 24.29 -19.31 -61.34
CA LEU A 29 24.13 -18.14 -62.19
C LEU A 29 22.79 -17.44 -61.92
N GLU A 30 21.68 -18.15 -62.14
CA GLU A 30 20.37 -17.56 -61.97
C GLU A 30 20.04 -17.29 -60.50
N ALA A 31 20.63 -18.08 -59.59
CA ALA A 31 20.32 -17.91 -58.17
C ALA A 31 20.75 -16.54 -57.67
N THR A 32 21.90 -16.06 -58.13
CA THR A 32 22.37 -14.73 -57.73
C THR A 32 21.62 -13.61 -58.44
N ARG A 33 21.05 -13.87 -59.61
CA ARG A 33 20.38 -12.86 -60.41
C ARG A 33 18.87 -12.82 -60.22
N MET A 34 18.32 -13.63 -59.32
CA MET A 34 16.88 -13.66 -59.13
C MET A 34 16.41 -12.33 -58.54
N VAL A 35 15.49 -11.67 -59.24
CA VAL A 35 15.02 -10.35 -58.83
C VAL A 35 14.29 -10.44 -57.49
N VAL A 36 13.21 -11.22 -57.45
CA VAL A 36 12.47 -11.47 -56.21
C VAL A 36 13.04 -12.72 -55.57
N PRO A 37 13.43 -12.68 -54.30
CA PRO A 37 14.06 -13.85 -53.68
C PRO A 37 13.07 -15.00 -53.52
N VAL A 38 13.62 -16.20 -53.40
CA VAL A 38 12.81 -17.39 -53.15
C VAL A 38 12.35 -17.34 -51.70
N ALA A 39 11.04 -17.18 -51.49
CA ALA A 39 10.48 -17.07 -50.15
C ALA A 39 9.15 -17.80 -50.10
N ALA A 40 8.64 -17.99 -48.89
CA ALA A 40 7.42 -18.75 -48.68
C ALA A 40 6.52 -18.04 -47.70
N LEU A 41 5.21 -18.09 -47.97
CA LEU A 41 4.18 -17.57 -47.08
C LEU A 41 3.59 -18.76 -46.34
N PHE A 42 4.24 -19.16 -45.25
CA PHE A 42 3.95 -20.40 -44.56
C PHE A 42 3.03 -20.17 -43.37
N THR A 43 1.91 -20.90 -43.33
CA THR A 43 0.97 -20.87 -42.22
C THR A 43 1.12 -22.17 -41.43
N PRO A 44 1.75 -22.13 -40.25
CA PRO A 44 2.05 -23.40 -39.55
C PRO A 44 0.81 -24.16 -39.08
N LEU A 45 -0.30 -23.49 -38.83
CA LEU A 45 -1.48 -24.14 -38.28
C LEU A 45 -2.71 -23.92 -39.15
N LYS A 46 -2.55 -24.02 -40.47
CA LYS A 46 -3.67 -23.80 -41.36
C LYS A 46 -4.70 -24.92 -41.25
N GLU A 47 -5.98 -24.56 -41.29
CA GLU A 47 -7.05 -25.53 -41.21
C GLU A 47 -7.34 -26.13 -42.58
N ARG A 48 -7.91 -27.33 -42.57
CA ARG A 48 -8.09 -28.12 -43.79
C ARG A 48 -9.15 -29.18 -43.52
N PRO A 49 -9.69 -29.82 -44.59
CA PRO A 49 -10.82 -30.74 -44.39
C PRO A 49 -10.51 -31.96 -43.53
N ASP A 50 -10.39 -31.75 -42.21
CA ASP A 50 -10.40 -32.81 -41.21
C ASP A 50 -9.31 -33.85 -41.49
N LEU A 51 -8.07 -33.43 -41.28
CA LEU A 51 -6.98 -34.39 -41.26
C LEU A 51 -7.02 -35.19 -39.96
N PRO A 52 -6.78 -36.49 -40.02
CA PRO A 52 -6.81 -37.30 -38.80
C PRO A 52 -5.63 -36.97 -37.90
N PRO A 53 -5.90 -36.61 -36.64
CA PRO A 53 -4.79 -36.42 -35.69
C PRO A 53 -4.05 -37.73 -35.47
N ILE A 54 -2.76 -37.72 -35.79
CA ILE A 54 -1.98 -38.94 -35.87
C ILE A 54 -1.29 -39.14 -34.52
N GLN A 55 -1.89 -39.99 -33.68
CA GLN A 55 -1.34 -40.26 -32.36
C GLN A 55 -0.13 -41.20 -32.44
N TYR A 56 0.84 -40.86 -33.28
CA TYR A 56 2.04 -41.65 -33.45
C TYR A 56 3.19 -41.09 -32.61
N GLU A 57 4.39 -41.58 -32.88
CA GLU A 57 5.63 -40.92 -32.50
C GLU A 57 6.37 -40.63 -33.80
N PRO A 58 6.76 -39.39 -34.07
CA PRO A 58 7.39 -39.09 -35.36
C PRO A 58 8.65 -39.91 -35.58
N VAL A 59 8.80 -40.44 -36.80
CA VAL A 59 9.96 -41.26 -37.13
C VAL A 59 11.21 -40.40 -37.09
N LEU A 60 12.24 -40.90 -36.43
CA LEU A 60 13.49 -40.17 -36.24
C LEU A 60 14.55 -40.70 -37.20
N CYS A 61 15.15 -39.80 -37.96
CA CYS A 61 16.23 -40.18 -38.84
C CYS A 61 17.46 -40.59 -38.03
N SER A 62 18.14 -41.64 -38.48
CA SER A 62 19.30 -42.14 -37.75
C SER A 62 20.49 -41.18 -37.81
N ARG A 63 20.50 -40.27 -38.77
CA ARG A 63 21.55 -39.25 -38.82
C ARG A 63 21.37 -38.26 -37.68
N THR A 64 22.47 -37.95 -36.99
CA THR A 64 22.41 -37.06 -35.84
C THR A 64 22.12 -35.62 -36.25
N THR A 65 22.85 -35.11 -37.25
CA THR A 65 22.65 -33.74 -37.68
C THR A 65 21.29 -33.55 -38.33
N CYS A 66 20.90 -34.48 -39.20
CA CYS A 66 19.65 -34.37 -39.92
C CYS A 66 18.35 -34.46 -39.14
N ARG A 67 18.06 -35.66 -38.62
CA ARG A 67 16.88 -35.89 -37.76
C ARG A 67 15.60 -35.34 -38.39
N ALA A 68 15.49 -35.46 -39.72
CA ALA A 68 14.29 -35.02 -40.41
C ALA A 68 13.18 -36.05 -40.23
N VAL A 69 11.95 -35.58 -40.37
CA VAL A 69 10.78 -36.42 -40.16
C VAL A 69 10.47 -37.19 -41.44
N LEU A 70 10.03 -38.44 -41.27
CA LEU A 70 9.64 -39.26 -42.41
C LEU A 70 8.51 -38.59 -43.18
N ASN A 71 8.62 -38.60 -44.51
CA ASN A 71 7.74 -37.84 -45.37
C ASN A 71 7.56 -38.61 -46.67
N PRO A 72 6.52 -38.29 -47.46
CA PRO A 72 6.30 -39.03 -48.71
C PRO A 72 7.47 -38.97 -49.69
N LEU A 73 8.34 -37.98 -49.59
CA LEU A 73 9.49 -37.90 -50.48
C LEU A 73 10.57 -38.91 -50.14
N CYS A 74 10.45 -39.63 -49.02
CA CYS A 74 11.45 -40.61 -48.64
C CYS A 74 11.22 -41.92 -49.38
N GLN A 75 12.28 -42.46 -49.97
CA GLN A 75 12.20 -43.71 -50.69
C GLN A 75 12.14 -44.88 -49.71
N VAL A 76 11.13 -45.73 -49.86
CA VAL A 76 10.88 -46.82 -48.93
C VAL A 76 11.18 -48.15 -49.62
N ASP A 77 11.48 -49.16 -48.80
CA ASP A 77 11.68 -50.53 -49.27
C ASP A 77 10.93 -51.43 -48.30
N TYR A 78 9.68 -51.78 -48.65
CA TYR A 78 8.85 -52.59 -47.78
C TYR A 78 9.33 -54.04 -47.69
N ARG A 79 10.24 -54.46 -48.56
CA ARG A 79 10.82 -55.79 -48.46
C ARG A 79 11.93 -55.84 -47.43
N ALA A 80 12.84 -54.86 -47.46
CA ALA A 80 13.97 -54.81 -46.53
C ALA A 80 13.67 -54.04 -45.26
N LYS A 81 12.47 -53.46 -45.13
CA LYS A 81 12.05 -52.72 -43.94
C LYS A 81 12.97 -51.53 -43.68
N LEU A 82 13.26 -50.76 -44.73
CA LEU A 82 14.13 -49.61 -44.64
C LEU A 82 13.50 -48.42 -45.35
N TRP A 83 14.06 -47.24 -45.08
CA TRP A 83 13.70 -46.02 -45.79
C TRP A 83 14.91 -45.11 -45.86
N ALA A 84 15.02 -44.40 -46.98
CA ALA A 84 16.15 -43.51 -47.23
C ALA A 84 15.72 -42.07 -46.99
N CYS A 85 16.39 -41.40 -46.07
CA CYS A 85 16.09 -40.01 -45.77
C CYS A 85 16.39 -39.13 -46.99
N ASN A 86 15.37 -38.42 -47.47
CA ASN A 86 15.51 -37.62 -48.68
C ASN A 86 16.39 -36.39 -48.48
N PHE A 87 16.80 -36.09 -47.24
CA PHE A 87 17.62 -34.92 -46.95
C PHE A 87 19.10 -35.24 -46.83
N CYS A 88 19.46 -36.36 -46.20
CA CYS A 88 20.86 -36.71 -45.98
C CYS A 88 21.23 -38.06 -46.59
N TYR A 89 20.34 -38.67 -47.36
CA TYR A 89 20.57 -39.95 -48.02
C TYR A 89 20.83 -41.08 -47.05
N GLN A 90 20.68 -40.84 -45.75
CA GLN A 90 20.93 -41.86 -44.74
C GLN A 90 19.78 -42.87 -44.72
N ARG A 91 20.12 -44.14 -44.71
CA ARG A 91 19.13 -45.20 -44.69
C ARG A 91 18.85 -45.61 -43.25
N ASN A 92 17.58 -45.91 -42.95
CA ASN A 92 17.13 -46.13 -41.58
C ASN A 92 16.39 -47.44 -41.48
N GLN A 93 16.35 -47.97 -40.25
CA GLN A 93 15.59 -49.17 -39.92
C GLN A 93 14.25 -48.76 -39.31
N PHE A 94 13.19 -49.44 -39.74
CA PHE A 94 11.86 -49.09 -39.26
C PHE A 94 11.70 -49.50 -37.79
N PRO A 95 10.98 -48.69 -37.01
CA PRO A 95 10.81 -49.00 -35.58
C PRO A 95 9.95 -50.25 -35.39
N PRO A 96 9.94 -50.82 -34.19
CA PRO A 96 9.19 -52.08 -33.99
C PRO A 96 7.70 -51.98 -34.27
N SER A 97 7.07 -50.86 -33.92
CA SER A 97 5.64 -50.69 -34.21
C SER A 97 5.35 -50.66 -35.70
N TYR A 98 6.36 -50.47 -36.54
CA TYR A 98 6.23 -50.47 -37.99
C TYR A 98 6.63 -51.80 -38.61
N ALA A 99 6.71 -52.87 -37.80
CA ALA A 99 7.18 -54.15 -38.32
C ALA A 99 6.20 -54.78 -39.30
N GLY A 100 4.94 -54.38 -39.28
CA GLY A 100 3.95 -54.99 -40.13
C GLY A 100 3.44 -54.11 -41.25
N ILE A 101 4.13 -53.02 -41.53
CA ILE A 101 3.72 -52.15 -42.64
C ILE A 101 3.97 -52.85 -43.95
N SER A 102 2.99 -52.81 -44.85
CA SER A 102 3.06 -53.50 -46.12
C SER A 102 2.77 -52.51 -47.25
N GLU A 103 2.98 -52.98 -48.48
CA GLU A 103 2.66 -52.17 -49.65
C GLU A 103 1.18 -51.88 -49.76
N LEU A 104 0.33 -52.72 -49.18
CA LEU A 104 -1.11 -52.48 -49.17
C LEU A 104 -1.58 -51.77 -47.90
N ASN A 105 -0.74 -51.73 -46.86
CA ASN A 105 -1.04 -51.06 -45.59
C ASN A 105 0.23 -50.33 -45.15
N GLN A 106 0.35 -49.06 -45.55
CA GLN A 106 1.53 -48.26 -45.29
C GLN A 106 1.19 -47.06 -44.44
N PRO A 107 2.15 -46.54 -43.67
CA PRO A 107 1.85 -45.44 -42.74
C PRO A 107 1.41 -44.18 -43.45
N ALA A 108 0.71 -43.32 -42.70
CA ALA A 108 0.11 -42.13 -43.28
C ALA A 108 1.15 -41.10 -43.67
N GLU A 109 2.29 -41.08 -43.00
CA GLU A 109 3.34 -40.10 -43.31
C GLU A 109 4.07 -40.39 -44.62
N LEU A 110 3.65 -41.38 -45.39
CA LEU A 110 4.25 -41.66 -46.69
C LEU A 110 3.30 -41.43 -47.85
N LEU A 111 2.04 -41.15 -47.58
CA LEU A 111 1.09 -40.82 -48.64
C LEU A 111 1.21 -39.35 -48.99
N PRO A 112 1.34 -38.99 -50.28
CA PRO A 112 1.49 -37.57 -50.63
C PRO A 112 0.33 -36.70 -50.19
N GLN A 113 -0.85 -37.28 -49.98
CA GLN A 113 -1.98 -36.51 -49.46
C GLN A 113 -1.70 -35.98 -48.06
N PHE A 114 -0.87 -36.69 -47.29
CA PHE A 114 -0.51 -36.28 -45.93
C PHE A 114 0.90 -35.72 -45.88
N SER A 115 1.29 -34.95 -46.90
CA SER A 115 2.58 -34.28 -46.89
C SER A 115 2.67 -33.30 -45.73
N SER A 116 1.57 -32.61 -45.43
CA SER A 116 1.42 -31.85 -44.20
C SER A 116 0.55 -32.66 -43.26
N ILE A 117 1.02 -32.82 -42.02
CA ILE A 117 0.42 -33.75 -41.07
C ILE A 117 0.74 -33.28 -39.65
N GLU A 118 -0.08 -33.71 -38.70
CA GLU A 118 0.07 -33.33 -37.29
C GLU A 118 0.06 -34.58 -36.42
N TYR A 119 1.08 -34.71 -35.58
CA TYR A 119 1.19 -35.81 -34.65
C TYR A 119 0.81 -35.35 -33.25
N VAL A 120 0.30 -36.29 -32.45
CA VAL A 120 -0.02 -36.05 -31.05
C VAL A 120 0.96 -36.86 -30.22
N VAL A 121 1.71 -36.19 -29.34
CA VAL A 121 2.69 -36.82 -28.47
C VAL A 121 2.13 -36.75 -27.05
N LEU A 122 1.69 -37.89 -26.53
CA LEU A 122 1.19 -38.01 -25.17
C LEU A 122 2.23 -38.81 -24.36
N ARG A 123 2.96 -38.13 -23.50
CA ARG A 123 3.95 -38.79 -22.67
C ARG A 123 3.97 -38.19 -21.27
N GLY A 124 4.32 -36.91 -21.16
CA GLY A 124 4.35 -36.24 -19.89
C GLY A 124 2.97 -35.73 -19.49
N PRO A 125 2.80 -35.42 -18.21
CA PRO A 125 1.52 -34.87 -17.76
C PRO A 125 1.26 -33.49 -18.34
N GLN A 126 0.02 -33.25 -18.73
CA GLN A 126 -0.34 -32.01 -19.42
C GLN A 126 -0.39 -30.85 -18.45
N MET A 127 0.13 -29.71 -18.88
CA MET A 127 0.11 -28.44 -18.16
C MET A 127 -1.15 -27.65 -18.51
N PRO A 128 -1.73 -26.95 -17.54
CA PRO A 128 -2.94 -26.17 -17.81
C PRO A 128 -2.62 -24.85 -18.48
N LEU A 129 -3.65 -24.28 -19.09
CA LEU A 129 -3.53 -22.96 -19.69
C LEU A 129 -3.62 -21.88 -18.62
N ILE A 130 -2.85 -20.81 -18.82
CA ILE A 130 -2.74 -19.72 -17.84
C ILE A 130 -3.18 -18.43 -18.49
N PHE A 131 -4.01 -17.67 -17.79
CA PHE A 131 -4.54 -16.40 -18.28
C PHE A 131 -4.39 -15.36 -17.18
N LEU A 132 -3.58 -14.34 -17.44
CA LEU A 132 -3.29 -13.27 -16.48
C LEU A 132 -3.92 -11.99 -16.98
N TYR A 133 -4.95 -11.52 -16.28
CA TYR A 133 -5.61 -10.26 -16.62
C TYR A 133 -4.83 -9.10 -16.01
N VAL A 134 -4.50 -8.11 -16.84
CA VAL A 134 -3.82 -6.90 -16.40
C VAL A 134 -4.72 -5.72 -16.77
N VAL A 135 -5.34 -5.11 -15.77
CA VAL A 135 -6.44 -4.17 -15.97
C VAL A 135 -5.99 -2.77 -15.57
N ASP A 136 -6.20 -1.82 -16.47
CA ASP A 136 -6.02 -0.40 -16.16
C ASP A 136 -7.27 0.14 -15.48
N THR A 137 -7.07 0.92 -14.43
CA THR A 137 -8.18 1.50 -13.67
C THR A 137 -8.33 3.00 -13.88
N CYS A 138 -7.52 3.61 -14.74
CA CYS A 138 -7.60 5.05 -14.98
C CYS A 138 -8.39 5.31 -16.26
N MET A 139 -9.71 5.11 -16.15
CA MET A 139 -10.61 5.32 -17.26
C MET A 139 -11.99 5.65 -16.72
N GLU A 140 -12.86 6.15 -17.61
CA GLU A 140 -14.18 6.58 -17.22
C GLU A 140 -15.01 5.41 -16.70
N ASP A 141 -16.09 5.73 -15.99
CA ASP A 141 -16.93 4.70 -15.38
C ASP A 141 -17.60 3.83 -16.43
N GLU A 142 -18.07 4.45 -17.52
CA GLU A 142 -18.71 3.67 -18.58
C GLU A 142 -17.71 2.78 -19.30
N ASP A 143 -16.46 3.23 -19.42
CA ASP A 143 -15.44 2.41 -20.07
C ASP A 143 -14.94 1.30 -19.14
N LEU A 144 -14.84 1.59 -17.84
CA LEU A 144 -14.39 0.56 -16.89
C LEU A 144 -15.47 -0.50 -16.68
N GLN A 145 -16.74 -0.08 -16.64
CA GLN A 145 -17.83 -1.03 -16.40
C GLN A 145 -17.91 -2.06 -17.54
N ALA A 146 -17.83 -1.59 -18.79
CA ALA A 146 -17.91 -2.51 -19.92
C ALA A 146 -16.71 -3.45 -19.96
N LEU A 147 -15.54 -2.95 -19.61
CA LEU A 147 -14.35 -3.81 -19.55
C LEU A 147 -14.51 -4.87 -18.47
N LYS A 148 -15.12 -4.51 -17.34
CA LYS A 148 -15.36 -5.49 -16.28
C LYS A 148 -16.29 -6.59 -16.75
N GLU A 149 -17.38 -6.22 -17.43
CA GLU A 149 -18.32 -7.22 -17.92
C GLU A 149 -17.68 -8.13 -18.95
N SER A 150 -16.83 -7.58 -19.82
CA SER A 150 -16.18 -8.38 -20.84
C SER A 150 -15.22 -9.38 -20.23
N MET A 151 -14.44 -8.97 -19.23
CA MET A 151 -13.53 -9.90 -18.56
C MET A 151 -14.28 -10.92 -17.73
N GLN A 152 -15.47 -10.56 -17.23
CA GLN A 152 -16.33 -11.56 -16.58
C GLN A 152 -16.89 -12.54 -17.60
N MET A 153 -17.14 -12.08 -18.83
CA MET A 153 -17.63 -12.97 -19.87
C MET A 153 -16.57 -13.99 -20.27
N SER A 154 -15.34 -13.51 -20.51
CA SER A 154 -14.25 -14.41 -20.87
C SER A 154 -13.95 -15.41 -19.76
N LEU A 155 -14.32 -15.11 -18.52
CA LEU A 155 -14.10 -16.04 -17.42
C LEU A 155 -14.99 -17.27 -17.56
N SER A 156 -16.23 -17.07 -18.02
CA SER A 156 -17.17 -18.18 -18.17
C SER A 156 -16.87 -19.04 -19.39
N LEU A 157 -15.91 -18.66 -20.23
CA LEU A 157 -15.54 -19.44 -21.40
C LEU A 157 -14.27 -20.24 -21.21
N LEU A 158 -13.50 -19.95 -20.17
CA LEU A 158 -12.24 -20.64 -19.96
C LEU A 158 -12.48 -22.08 -19.50
N PRO A 159 -11.54 -22.99 -19.78
CA PRO A 159 -11.67 -24.36 -19.31
C PRO A 159 -11.63 -24.44 -17.80
N PRO A 160 -12.23 -25.46 -17.20
CA PRO A 160 -12.21 -25.56 -15.73
C PRO A 160 -10.82 -25.72 -15.15
N THR A 161 -9.88 -26.31 -15.90
CA THR A 161 -8.54 -26.56 -15.39
C THR A 161 -7.59 -25.38 -15.58
N ALA A 162 -8.01 -24.33 -16.30
CA ALA A 162 -7.12 -23.21 -16.59
C ALA A 162 -6.82 -22.41 -15.32
N LEU A 163 -5.65 -21.79 -15.30
CA LEU A 163 -5.22 -20.94 -14.20
C LEU A 163 -5.44 -19.47 -14.56
N VAL A 164 -5.90 -18.69 -13.59
CA VAL A 164 -6.24 -17.29 -13.81
C VAL A 164 -5.57 -16.43 -12.74
N GLY A 165 -5.31 -15.18 -13.10
CA GLY A 165 -4.73 -14.22 -12.17
C GLY A 165 -5.19 -12.82 -12.53
N LEU A 166 -5.12 -11.94 -11.53
CA LEU A 166 -5.63 -10.57 -11.67
C LEU A 166 -4.55 -9.59 -11.22
N ILE A 167 -4.18 -8.68 -12.11
CA ILE A 167 -3.24 -7.60 -11.80
C ILE A 167 -3.90 -6.30 -12.25
N THR A 168 -4.45 -5.55 -11.30
CA THR A 168 -4.99 -4.23 -11.57
C THR A 168 -3.93 -3.17 -11.26
N PHE A 169 -3.98 -2.08 -12.02
CA PHE A 169 -2.98 -1.03 -11.84
C PHE A 169 -3.57 0.33 -12.17
N GLY A 170 -3.05 1.34 -11.49
CA GLY A 170 -3.34 2.73 -11.80
C GLY A 170 -2.11 3.55 -11.51
N ARG A 171 -2.06 4.16 -10.32
CA ARG A 171 -0.80 4.74 -9.86
C ARG A 171 0.08 3.66 -9.23
N MET A 172 -0.54 2.72 -8.52
CA MET A 172 0.14 1.56 -7.96
C MET A 172 -0.18 0.32 -8.79
N VAL A 173 0.43 -0.79 -8.43
CA VAL A 173 0.20 -2.08 -9.08
C VAL A 173 -0.26 -3.07 -8.02
N GLN A 174 -1.43 -3.65 -8.22
CA GLN A 174 -2.00 -4.63 -7.30
C GLN A 174 -1.94 -6.01 -7.93
N VAL A 175 -1.31 -6.96 -7.23
CA VAL A 175 -1.29 -8.36 -7.61
C VAL A 175 -2.24 -9.08 -6.65
N HIS A 176 -3.43 -9.39 -7.13
CA HIS A 176 -4.49 -9.90 -6.26
C HIS A 176 -4.24 -11.36 -5.86
N GLU A 177 -4.53 -11.66 -4.61
CA GLU A 177 -4.55 -13.03 -4.10
C GLU A 177 -5.99 -13.50 -4.07
N LEU A 178 -6.30 -14.53 -4.86
CA LEU A 178 -7.68 -14.93 -5.08
C LEU A 178 -8.19 -15.80 -3.94
N GLY A 179 -9.51 -15.75 -3.73
CA GLY A 179 -10.13 -16.48 -2.63
C GLY A 179 -9.96 -15.78 -1.30
N CYS A 180 -9.17 -16.38 -0.42
CA CYS A 180 -8.77 -15.80 0.87
C CYS A 180 -9.94 -15.67 1.84
N GLU A 181 -11.16 -15.89 1.37
CA GLU A 181 -12.34 -16.05 2.22
C GLU A 181 -12.61 -14.86 3.13
N GLY A 182 -13.20 -13.80 2.58
CA GLY A 182 -13.74 -12.73 3.38
C GLY A 182 -12.89 -11.50 3.57
N ILE A 183 -11.84 -11.31 2.77
CA ILE A 183 -10.97 -10.15 2.95
C ILE A 183 -10.49 -9.63 1.60
N SER A 184 -10.34 -10.51 0.61
CA SER A 184 -9.87 -10.15 -0.72
C SER A 184 -8.60 -9.30 -0.65
N LYS A 185 -7.45 -9.94 -0.44
CA LYS A 185 -6.20 -9.22 -0.26
C LYS A 185 -5.40 -9.15 -1.56
N SER A 186 -4.41 -8.27 -1.55
CA SER A 186 -3.59 -8.03 -2.74
C SER A 186 -2.29 -7.35 -2.31
N TYR A 187 -1.28 -7.50 -3.16
CA TYR A 187 0.04 -6.92 -2.92
C TYR A 187 0.20 -5.66 -3.76
N VAL A 188 0.58 -4.57 -3.11
CA VAL A 188 0.70 -3.26 -3.73
C VAL A 188 2.18 -2.93 -3.94
N PHE A 189 2.49 -2.35 -5.11
CA PHE A 189 3.84 -1.96 -5.45
C PHE A 189 3.84 -0.57 -6.05
N ARG A 190 4.95 0.14 -5.86
CA ARG A 190 5.13 1.44 -6.48
C ARG A 190 5.21 1.28 -8.00
N GLY A 191 4.43 2.08 -8.71
CA GLY A 191 4.49 2.07 -10.16
C GLY A 191 5.54 3.01 -10.70
N THR A 192 6.55 3.31 -9.87
CA THR A 192 7.58 4.28 -10.23
C THR A 192 8.95 3.64 -10.47
N LYS A 193 9.16 2.41 -10.02
CA LYS A 193 10.43 1.72 -10.23
C LYS A 193 10.16 0.28 -10.68
N ASP A 194 11.03 -0.22 -11.54
CA ASP A 194 10.88 -1.56 -12.08
C ASP A 194 11.42 -2.60 -11.11
N LEU A 195 10.94 -3.83 -11.25
CA LEU A 195 11.32 -4.95 -10.40
C LEU A 195 11.71 -6.14 -11.27
N SER A 196 12.76 -6.84 -10.87
CA SER A 196 13.13 -8.06 -11.57
C SER A 196 12.28 -9.23 -11.07
N ALA A 197 12.36 -10.34 -11.78
CA ALA A 197 11.60 -11.52 -11.39
C ALA A 197 12.11 -12.10 -10.07
N LYS A 198 13.41 -11.93 -9.79
CA LYS A 198 13.97 -12.47 -8.55
C LYS A 198 13.47 -11.69 -7.34
N GLN A 199 13.43 -10.36 -7.44
CA GLN A 199 12.92 -9.55 -6.33
C GLN A 199 11.44 -9.83 -6.11
N LEU A 200 10.66 -9.86 -7.20
CA LEU A 200 9.22 -10.11 -7.08
C LEU A 200 8.95 -11.48 -6.48
N GLN A 201 9.79 -12.47 -6.79
CA GLN A 201 9.65 -13.79 -6.20
C GLN A 201 9.85 -13.74 -4.70
N GLU A 202 10.90 -13.04 -4.24
CA GLU A 202 11.18 -12.95 -2.81
C GLU A 202 10.13 -12.10 -2.11
N MET A 203 9.64 -11.04 -2.75
CA MET A 203 8.66 -10.18 -2.12
C MET A 203 7.28 -10.80 -2.07
N LEU A 204 7.01 -11.83 -2.87
CA LEU A 204 5.72 -12.51 -2.87
C LEU A 204 5.75 -13.88 -2.22
N GLY A 205 6.86 -14.61 -2.34
CA GLY A 205 6.96 -15.93 -1.75
C GLY A 205 7.66 -16.93 -2.65
N PRO A 225 -0.67 -28.24 -10.41
CA PRO A 225 0.10 -27.10 -9.88
C PRO A 225 -0.69 -25.80 -9.93
N SER A 226 -0.53 -24.97 -8.90
CA SER A 226 -1.23 -23.68 -8.83
C SER A 226 -0.52 -22.81 -7.80
N ASN A 227 -0.90 -21.53 -7.79
CA ASN A 227 -0.33 -20.55 -6.88
C ASN A 227 -1.43 -19.93 -6.03
N ARG A 228 -1.00 -19.12 -5.06
CA ARG A 228 -1.95 -18.27 -4.34
C ARG A 228 -2.49 -17.18 -5.26
N PHE A 229 -1.72 -16.78 -6.26
CA PHE A 229 -2.14 -15.76 -7.21
C PHE A 229 -2.70 -16.33 -8.51
N LEU A 230 -2.46 -17.62 -8.78
CA LEU A 230 -2.93 -18.27 -10.01
C LEU A 230 -3.61 -19.58 -9.62
N GLN A 231 -4.94 -19.55 -9.55
CA GLN A 231 -5.74 -20.69 -9.13
C GLN A 231 -6.60 -21.20 -10.27
N PRO A 232 -7.00 -22.48 -10.24
CA PRO A 232 -7.84 -23.02 -11.31
C PRO A 232 -9.19 -22.33 -11.38
N VAL A 233 -9.78 -22.34 -12.57
CA VAL A 233 -11.06 -21.66 -12.79
C VAL A 233 -12.18 -22.34 -12.01
N GLN A 234 -12.22 -23.67 -12.03
CA GLN A 234 -13.32 -24.40 -11.38
C GLN A 234 -13.37 -24.19 -9.87
N LYS A 235 -12.32 -23.64 -9.27
CA LYS A 235 -12.30 -23.38 -7.84
C LYS A 235 -12.33 -21.90 -7.47
N ILE A 236 -12.07 -21.01 -8.43
CA ILE A 236 -11.88 -19.60 -8.13
C ILE A 236 -12.80 -18.69 -8.93
N ASP A 237 -13.48 -19.20 -9.97
CA ASP A 237 -14.31 -18.36 -10.83
C ASP A 237 -15.37 -17.59 -10.04
N MET A 238 -15.85 -18.16 -8.92
CA MET A 238 -16.88 -17.47 -8.14
C MET A 238 -16.34 -16.19 -7.52
N ASN A 239 -15.17 -16.27 -6.88
CA ASN A 239 -14.61 -15.08 -6.22
C ASN A 239 -14.06 -14.10 -7.24
N LEU A 240 -13.48 -14.60 -8.33
CA LEU A 240 -12.94 -13.71 -9.36
C LEU A 240 -14.04 -12.91 -10.03
N THR A 241 -15.21 -13.53 -10.25
CA THR A 241 -16.33 -12.79 -10.82
C THR A 241 -16.81 -11.71 -9.87
N ASP A 242 -16.76 -11.97 -8.56
CA ASP A 242 -17.13 -10.93 -7.59
C ASP A 242 -16.06 -9.85 -7.50
N LEU A 243 -14.77 -10.25 -7.56
CA LEU A 243 -13.70 -9.26 -7.52
C LEU A 243 -13.76 -8.34 -8.73
N LEU A 244 -13.92 -8.91 -9.92
CA LEU A 244 -14.03 -8.09 -11.13
C LEU A 244 -15.26 -7.21 -11.09
N GLY A 245 -16.36 -7.72 -10.52
CA GLY A 245 -17.57 -6.92 -10.40
C GLY A 245 -17.47 -5.77 -9.43
N GLU A 246 -16.50 -5.83 -8.51
CA GLU A 246 -16.29 -4.77 -7.53
C GLU A 246 -15.11 -3.87 -7.85
N LEU A 247 -14.42 -4.11 -8.97
CA LEU A 247 -13.31 -3.25 -9.37
C LEU A 247 -13.81 -1.82 -9.57
N GLN A 248 -13.10 -0.86 -9.00
CA GLN A 248 -13.46 0.54 -9.08
C GLN A 248 -12.31 1.35 -9.65
N ARG A 249 -12.61 2.61 -9.98
CA ARG A 249 -11.64 3.53 -10.54
C ARG A 249 -10.39 3.64 -9.68
N ASP A 250 -9.28 4.04 -10.28
CA ASP A 250 -8.06 4.32 -9.53
C ASP A 250 -8.37 5.41 -8.50
N PRO A 251 -8.25 5.11 -7.19
CA PRO A 251 -8.77 6.04 -6.18
C PRO A 251 -8.06 7.37 -6.10
N TRP A 252 -6.92 7.54 -6.77
CA TRP A 252 -6.17 8.78 -6.66
C TRP A 252 -6.82 9.87 -7.51
N PRO A 253 -6.98 11.08 -6.98
CA PRO A 253 -7.62 12.13 -7.76
C PRO A 253 -6.74 12.63 -8.89
N VAL A 254 -7.39 13.14 -9.94
CA VAL A 254 -6.72 13.70 -11.11
C VAL A 254 -6.89 15.21 -11.07
N PRO A 255 -5.84 15.97 -10.78
CA PRO A 255 -5.99 17.44 -10.69
C PRO A 255 -6.31 18.05 -12.04
N GLN A 256 -6.81 19.29 -11.98
CA GLN A 256 -7.27 19.98 -13.17
C GLN A 256 -6.12 20.20 -14.15
N GLY A 257 -6.34 19.85 -15.41
CA GLY A 257 -5.34 20.00 -16.44
C GLY A 257 -4.28 18.92 -16.48
N LYS A 258 -4.51 17.79 -15.80
CA LYS A 258 -3.53 16.73 -15.70
C LYS A 258 -4.10 15.42 -16.23
N ARG A 259 -3.20 14.54 -16.65
CA ARG A 259 -3.55 13.15 -16.95
C ARG A 259 -3.43 12.31 -15.69
N PRO A 260 -4.11 11.17 -15.63
CA PRO A 260 -3.92 10.27 -14.50
C PRO A 260 -2.52 9.68 -14.49
N LEU A 261 -2.05 9.35 -13.29
CA LEU A 261 -0.77 8.67 -13.14
C LEU A 261 -0.99 7.18 -13.39
N ARG A 262 -0.59 6.72 -14.58
CA ARG A 262 -0.87 5.37 -15.05
C ARG A 262 0.46 4.66 -15.28
N SER A 263 0.68 3.56 -14.55
CA SER A 263 1.95 2.84 -14.57
C SER A 263 1.80 1.58 -15.41
N SER A 264 1.80 1.75 -16.73
CA SER A 264 1.66 0.62 -17.64
C SER A 264 2.96 -0.19 -17.71
N GLY A 265 4.08 0.49 -17.89
CA GLY A 265 5.36 -0.20 -18.06
C GLY A 265 5.81 -0.99 -16.85
N VAL A 266 5.27 -0.70 -15.67
CA VAL A 266 5.63 -1.43 -14.46
C VAL A 266 4.68 -2.60 -14.22
N ALA A 267 3.38 -2.38 -14.42
CA ALA A 267 2.42 -3.48 -14.27
C ALA A 267 2.69 -4.61 -15.25
N LEU A 268 3.22 -4.27 -16.43
CA LEU A 268 3.57 -5.30 -17.40
C LEU A 268 4.81 -6.07 -16.96
N SER A 269 5.82 -5.37 -16.42
CA SER A 269 7.02 -6.05 -15.96
C SER A 269 6.74 -6.92 -14.73
N ILE A 270 5.72 -6.57 -13.94
CA ILE A 270 5.33 -7.42 -12.82
C ILE A 270 4.51 -8.61 -13.31
N ALA A 271 3.68 -8.40 -14.33
CA ALA A 271 2.97 -9.52 -14.94
C ALA A 271 3.95 -10.48 -15.61
N VAL A 272 4.95 -9.95 -16.31
CA VAL A 272 5.99 -10.79 -16.91
C VAL A 272 6.79 -11.47 -15.80
N GLY A 273 7.18 -10.71 -14.78
CA GLY A 273 8.00 -11.26 -13.71
C GLY A 273 7.27 -12.32 -12.88
N LEU A 274 5.97 -12.16 -12.70
CA LEU A 274 5.20 -13.13 -11.93
C LEU A 274 5.23 -14.50 -12.60
N LEU A 275 4.79 -14.56 -13.86
CA LEU A 275 4.77 -15.83 -14.57
C LEU A 275 6.19 -16.36 -14.81
N GLU A 276 7.18 -15.47 -14.87
CA GLU A 276 8.55 -15.89 -15.14
C GLU A 276 9.11 -16.78 -14.03
N CYS A 277 8.66 -16.57 -12.79
CA CYS A 277 9.16 -17.33 -11.65
C CYS A 277 8.15 -18.35 -11.14
N THR A 278 6.99 -18.49 -11.77
CA THR A 278 5.97 -19.44 -11.34
C THR A 278 5.72 -20.56 -12.34
N PHE A 279 5.60 -20.24 -13.62
CA PHE A 279 5.38 -21.25 -14.67
C PHE A 279 6.20 -20.88 -15.91
N PRO A 280 7.52 -21.02 -15.84
CA PRO A 280 8.34 -20.77 -17.02
C PRO A 280 8.23 -21.90 -18.03
N ASN A 281 8.32 -21.53 -19.30
CA ASN A 281 8.34 -22.48 -20.43
C ASN A 281 7.03 -23.25 -20.52
N THR A 282 5.92 -22.51 -20.52
CA THR A 282 4.59 -23.10 -20.62
C THR A 282 3.62 -22.02 -21.10
N GLY A 283 2.65 -22.43 -21.93
CA GLY A 283 1.68 -21.50 -22.48
C GLY A 283 0.93 -20.66 -21.46
N ALA A 284 1.03 -19.35 -21.61
CA ALA A 284 0.37 -18.41 -20.72
C ALA A 284 0.10 -17.12 -21.49
N ARG A 285 -1.06 -16.53 -21.26
CA ARG A 285 -1.46 -15.29 -21.92
C ARG A 285 -1.47 -14.15 -20.91
N ILE A 286 -0.66 -13.13 -21.17
CA ILE A 286 -0.70 -11.88 -20.41
C ILE A 286 -1.63 -10.94 -21.19
N MET A 287 -2.85 -10.77 -20.69
CA MET A 287 -3.87 -9.97 -21.36
C MET A 287 -3.94 -8.62 -20.65
N MET A 288 -3.39 -7.59 -21.29
CA MET A 288 -3.35 -6.25 -20.72
C MET A 288 -4.41 -5.38 -21.38
N PHE A 289 -5.16 -4.65 -20.56
CA PHE A 289 -6.21 -3.76 -21.03
C PHE A 289 -5.88 -2.34 -20.56
N ILE A 290 -5.69 -1.44 -21.51
CA ILE A 290 -5.30 -0.06 -21.20
C ILE A 290 -6.33 0.89 -21.79
N GLY A 291 -6.55 2.00 -21.09
CA GLY A 291 -7.46 3.03 -21.55
C GLY A 291 -6.79 4.38 -21.67
N GLY A 292 -5.47 4.36 -21.82
CA GLY A 292 -4.69 5.58 -21.95
C GLY A 292 -3.21 5.30 -21.95
N PRO A 293 -2.40 6.34 -22.17
CA PRO A 293 -0.94 6.14 -22.25
C PRO A 293 -0.29 6.09 -20.88
N ALA A 294 0.89 5.50 -20.86
CA ALA A 294 1.69 5.43 -19.63
C ALA A 294 2.28 6.79 -19.32
N THR A 295 2.00 7.30 -18.11
CA THR A 295 2.46 8.62 -17.69
C THR A 295 3.39 8.58 -16.50
N GLN A 296 3.90 7.40 -16.12
CA GLN A 296 4.69 7.28 -14.92
C GLN A 296 5.59 6.06 -15.00
N GLY A 297 6.80 6.17 -14.47
CA GLY A 297 7.71 5.07 -14.34
C GLY A 297 8.38 4.69 -15.66
N PRO A 298 9.12 3.58 -15.65
CA PRO A 298 9.72 3.10 -16.90
C PRO A 298 8.67 2.75 -17.93
N GLY A 299 9.02 2.97 -19.20
CA GLY A 299 8.06 2.82 -20.28
C GLY A 299 7.12 3.99 -20.45
N MET A 300 7.48 5.17 -19.92
CA MET A 300 6.63 6.34 -20.03
C MET A 300 6.49 6.77 -21.49
N VAL A 301 5.29 7.19 -21.87
CA VAL A 301 5.00 7.61 -23.23
C VAL A 301 4.86 9.12 -23.33
N VAL A 302 4.28 9.75 -22.31
CA VAL A 302 4.04 11.20 -22.34
C VAL A 302 4.00 11.68 -20.90
N GLY A 303 4.14 12.99 -20.73
CA GLY A 303 4.02 13.58 -19.41
C GLY A 303 2.58 13.52 -18.91
N ASP A 304 2.35 14.23 -17.80
CA ASP A 304 1.03 14.24 -17.18
C ASP A 304 0.26 15.54 -17.44
N GLU A 305 0.92 16.56 -18.00
CA GLU A 305 0.23 17.82 -18.30
C GLU A 305 -0.54 17.70 -19.61
N LEU A 306 -1.83 18.05 -19.57
CA LEU A 306 -2.66 17.95 -20.75
C LEU A 306 -2.27 18.92 -21.85
N LYS A 307 -1.51 19.98 -21.52
CA LYS A 307 -1.11 20.94 -22.53
C LYS A 307 -0.07 20.39 -23.49
N THR A 308 0.62 19.30 -23.12
CA THR A 308 1.58 18.67 -24.01
C THR A 308 0.91 17.54 -24.75
N PRO A 309 0.69 17.64 -26.06
CA PRO A 309 0.01 16.56 -26.78
C PRO A 309 0.89 15.32 -26.88
N ILE A 310 0.23 14.17 -27.00
CA ILE A 310 0.95 12.93 -27.23
C ILE A 310 1.68 13.02 -28.56
N ARG A 311 2.87 12.43 -28.62
CA ARG A 311 3.73 12.57 -29.78
C ARG A 311 3.03 12.09 -31.06
N SER A 312 3.35 12.75 -32.16
CA SER A 312 2.88 12.38 -33.49
C SER A 312 4.08 12.12 -34.39
N TRP A 313 3.81 11.56 -35.57
CA TRP A 313 4.89 11.31 -36.52
C TRP A 313 5.67 12.58 -36.84
N HIS A 314 4.97 13.71 -36.93
CA HIS A 314 5.66 14.98 -37.09
C HIS A 314 6.55 15.28 -35.89
N ASP A 315 6.06 14.99 -34.68
CA ASP A 315 6.89 15.13 -33.49
C ASP A 315 8.02 14.11 -33.46
N ILE A 316 7.80 12.93 -34.05
CA ILE A 316 8.85 11.92 -34.11
C ILE A 316 9.98 12.39 -35.02
N ASP A 317 9.64 12.99 -36.16
CA ASP A 317 10.65 13.34 -37.15
C ASP A 317 11.45 14.56 -36.73
N LYS A 318 10.81 15.54 -36.10
CA LYS A 318 11.48 16.76 -35.68
C LYS A 318 12.00 16.68 -34.24
N ASP A 319 12.16 15.46 -33.70
CA ASP A 319 12.78 15.24 -32.40
C ASP A 319 12.06 16.00 -31.29
N ASN A 320 10.72 15.94 -31.30
CA ASN A 320 9.89 16.56 -30.28
C ASN A 320 9.21 15.50 -29.40
N ALA A 321 9.82 14.32 -29.30
CA ALA A 321 9.26 13.21 -28.53
C ALA A 321 10.40 12.57 -27.74
N LYS A 322 10.49 12.90 -26.46
CA LYS A 322 11.59 12.44 -25.62
C LYS A 322 11.33 11.09 -24.97
N TYR A 323 10.08 10.64 -24.93
CA TYR A 323 9.74 9.39 -24.25
C TYR A 323 9.69 8.19 -25.17
N VAL A 324 9.87 8.38 -26.48
CA VAL A 324 9.68 7.29 -27.43
C VAL A 324 10.81 6.27 -27.31
N LYS A 325 12.06 6.73 -27.46
CA LYS A 325 13.19 5.80 -27.47
C LYS A 325 13.38 5.13 -26.12
N LYS A 326 13.29 5.90 -25.03
CA LYS A 326 13.42 5.31 -23.70
C LYS A 326 12.23 4.45 -23.33
N GLY A 327 11.05 4.74 -23.90
CA GLY A 327 9.90 3.90 -23.66
C GLY A 327 9.94 2.60 -24.43
N THR A 328 10.30 2.67 -25.72
CA THR A 328 10.40 1.47 -26.54
C THR A 328 11.44 0.50 -26.00
N LYS A 329 12.57 1.03 -25.52
CA LYS A 329 13.62 0.17 -24.96
C LYS A 329 13.11 -0.64 -23.78
N HIS A 330 12.26 -0.04 -22.94
CA HIS A 330 11.70 -0.77 -21.82
C HIS A 330 10.80 -1.90 -22.27
N PHE A 331 10.00 -1.67 -23.32
CA PHE A 331 9.07 -2.68 -23.79
C PHE A 331 9.73 -3.71 -24.71
N GLU A 332 10.86 -3.37 -25.35
CA GLU A 332 11.62 -4.39 -26.04
C GLU A 332 12.27 -5.36 -25.06
N ALA A 333 12.64 -4.87 -23.88
CA ALA A 333 13.24 -5.74 -22.87
C ALA A 333 12.21 -6.70 -22.30
N LEU A 334 10.98 -6.22 -22.06
CA LEU A 334 9.92 -7.11 -21.59
C LEU A 334 9.46 -8.06 -22.68
N ALA A 335 9.49 -7.62 -23.94
CA ALA A 335 9.12 -8.51 -25.04
C ALA A 335 10.10 -9.67 -25.14
N ASN A 336 11.41 -9.39 -25.05
CA ASN A 336 12.40 -10.45 -25.14
C ASN A 336 12.44 -11.28 -23.87
N ARG A 337 12.11 -10.69 -22.72
CA ARG A 337 12.08 -11.46 -21.47
C ARG A 337 11.01 -12.53 -21.51
N ALA A 338 9.79 -12.15 -21.90
CA ALA A 338 8.67 -13.09 -21.87
C ALA A 338 8.72 -14.05 -23.06
N ALA A 339 9.17 -13.58 -24.21
CA ALA A 339 9.30 -14.47 -25.37
C ALA A 339 10.36 -15.54 -25.12
N THR A 340 11.39 -15.22 -24.35
CA THR A 340 12.36 -16.24 -23.95
C THR A 340 11.71 -17.25 -23.00
N THR A 341 10.84 -16.78 -22.12
CA THR A 341 10.12 -17.67 -21.21
C THR A 341 8.97 -18.40 -21.91
N GLY A 342 8.50 -17.90 -23.04
CA GLY A 342 7.45 -18.56 -23.79
C GLY A 342 6.06 -18.09 -23.47
N HIS A 343 5.89 -16.86 -23.02
CA HIS A 343 4.59 -16.32 -22.62
C HIS A 343 4.11 -15.30 -23.64
N VAL A 344 2.79 -15.15 -23.73
CA VAL A 344 2.14 -14.32 -24.73
C VAL A 344 1.62 -13.05 -24.08
N ILE A 345 1.82 -11.92 -24.74
CA ILE A 345 1.34 -10.63 -24.27
C ILE A 345 0.34 -10.09 -25.29
N ASP A 346 -0.91 -9.90 -24.86
CA ASP A 346 -1.91 -9.22 -25.64
C ASP A 346 -2.03 -7.77 -25.16
N ILE A 347 -2.45 -6.90 -26.07
CA ILE A 347 -2.60 -5.47 -25.79
C ILE A 347 -3.98 -5.06 -26.31
N TYR A 348 -4.93 -4.85 -25.39
CA TYR A 348 -6.27 -4.37 -25.74
C TYR A 348 -6.33 -2.90 -25.33
N ALA A 349 -6.21 -2.02 -26.33
CA ALA A 349 -6.12 -0.58 -26.09
C ALA A 349 -7.37 0.11 -26.64
N CYS A 350 -8.09 0.80 -25.76
CA CYS A 350 -9.29 1.54 -26.15
C CYS A 350 -9.29 2.88 -25.42
N ALA A 351 -9.07 3.96 -26.17
CA ALA A 351 -9.06 5.31 -25.61
C ALA A 351 -9.35 6.29 -26.72
N LEU A 352 -9.72 7.52 -26.32
CA LEU A 352 -10.02 8.56 -27.29
C LEU A 352 -8.76 9.18 -27.89
N ASP A 353 -7.67 9.22 -27.12
CA ASP A 353 -6.39 9.70 -27.61
C ASP A 353 -5.50 8.50 -27.93
N GLN A 354 -4.27 8.80 -28.34
CA GLN A 354 -3.28 7.74 -28.50
C GLN A 354 -2.96 7.11 -27.15
N THR A 355 -2.48 5.87 -27.19
CA THR A 355 -2.24 5.11 -25.98
C THR A 355 -0.81 4.61 -25.84
N GLY A 356 0.04 4.80 -26.85
CA GLY A 356 1.41 4.37 -26.79
C GLY A 356 1.71 3.03 -27.43
N LEU A 357 0.97 2.65 -28.48
CA LEU A 357 1.22 1.36 -29.13
C LEU A 357 2.56 1.33 -29.84
N LEU A 358 3.06 2.50 -30.28
CA LEU A 358 4.36 2.55 -30.93
C LEU A 358 5.47 2.12 -29.98
N GLU A 359 5.35 2.46 -28.70
CA GLU A 359 6.38 2.10 -27.73
C GLU A 359 6.26 0.66 -27.26
N MET A 360 5.05 0.12 -27.24
CA MET A 360 4.80 -1.23 -26.72
C MET A 360 4.62 -2.26 -27.83
N LYS A 361 4.89 -1.89 -29.09
CA LYS A 361 4.56 -2.78 -30.20
C LYS A 361 5.35 -4.08 -30.15
N CYS A 362 6.56 -4.06 -29.59
CA CYS A 362 7.39 -5.26 -29.59
C CYS A 362 6.85 -6.38 -28.70
N CYS A 363 6.04 -6.04 -27.68
CA CYS A 363 5.52 -7.09 -26.81
C CYS A 363 4.55 -8.02 -27.54
N PRO A 364 3.53 -7.53 -28.26
CA PRO A 364 2.69 -8.45 -29.05
C PRO A 364 3.29 -8.85 -30.39
N ASN A 365 4.36 -8.19 -30.84
CA ASN A 365 4.98 -8.54 -32.11
C ASN A 365 6.00 -9.67 -31.95
N LEU A 366 6.91 -9.53 -30.98
CA LEU A 366 7.90 -10.58 -30.75
C LEU A 366 7.22 -11.85 -30.25
N THR A 367 6.31 -11.72 -29.27
CA THR A 367 5.44 -12.82 -28.91
C THR A 367 4.33 -12.94 -29.96
N GLY A 368 3.48 -13.95 -29.81
CA GLY A 368 2.38 -14.13 -30.73
C GLY A 368 1.10 -13.46 -30.27
N GLY A 369 1.24 -12.32 -29.59
CA GLY A 369 0.09 -11.69 -28.97
C GLY A 369 -0.76 -10.91 -29.94
N TYR A 370 -2.01 -10.70 -29.53
CA TYR A 370 -2.97 -9.91 -30.31
C TYR A 370 -2.80 -8.44 -29.99
N MET A 371 -3.46 -7.60 -30.80
CA MET A 371 -3.43 -6.15 -30.60
C MET A 371 -4.78 -5.60 -31.08
N VAL A 372 -5.66 -5.30 -30.14
CA VAL A 372 -6.98 -4.74 -30.42
C VAL A 372 -6.94 -3.25 -30.11
N MET A 373 -7.45 -2.44 -31.04
CA MET A 373 -7.38 -0.98 -30.91
C MET A 373 -8.74 -0.40 -31.30
N GLY A 374 -9.39 0.25 -30.35
CA GLY A 374 -10.66 0.90 -30.60
C GLY A 374 -10.77 2.25 -29.93
N ASP A 375 -11.96 2.84 -29.93
CA ASP A 375 -12.17 4.14 -29.29
C ASP A 375 -12.54 4.01 -27.82
N SER A 376 -13.31 2.98 -27.46
CA SER A 376 -13.72 2.80 -26.08
C SER A 376 -14.06 1.34 -25.85
N PHE A 377 -13.89 0.90 -24.61
CA PHE A 377 -14.29 -0.46 -24.24
C PHE A 377 -15.80 -0.64 -24.24
N ASN A 378 -16.56 0.45 -24.19
CA ASN A 378 -18.01 0.40 -24.19
C ASN A 378 -18.60 0.48 -25.59
N THR A 379 -18.00 -0.21 -26.54
CA THR A 379 -18.47 -0.24 -27.92
C THR A 379 -18.71 -1.67 -28.36
N SER A 380 -19.60 -1.83 -29.34
CA SER A 380 -19.80 -3.14 -29.94
C SER A 380 -18.54 -3.61 -30.67
N LEU A 381 -17.71 -2.66 -31.11
CA LEU A 381 -16.47 -3.01 -31.79
C LEU A 381 -15.56 -3.85 -30.90
N PHE A 382 -15.34 -3.39 -29.67
CA PHE A 382 -14.42 -4.09 -28.78
C PHE A 382 -15.04 -5.36 -28.21
N LYS A 383 -16.28 -5.27 -27.72
CA LYS A 383 -16.91 -6.40 -27.04
C LYS A 383 -16.94 -7.63 -27.92
N GLN A 384 -17.39 -7.47 -29.17
CA GLN A 384 -17.44 -8.61 -30.08
C GLN A 384 -16.04 -9.06 -30.47
N THR A 385 -15.12 -8.12 -30.71
CA THR A 385 -13.74 -8.49 -31.02
C THR A 385 -13.11 -9.28 -29.87
N PHE A 386 -13.46 -8.96 -28.62
CA PHE A 386 -12.85 -9.63 -27.49
C PHE A 386 -13.35 -11.07 -27.33
N GLN A 387 -14.61 -11.34 -27.70
CA GLN A 387 -15.09 -12.71 -27.63
C GLN A 387 -14.72 -13.54 -28.85
N ARG A 388 -14.24 -12.91 -29.93
CA ARG A 388 -13.65 -13.67 -31.02
C ARG A 388 -12.35 -14.34 -30.58
N VAL A 389 -11.66 -13.76 -29.59
CA VAL A 389 -10.41 -14.32 -29.10
C VAL A 389 -10.64 -15.73 -28.57
N PHE A 390 -11.81 -15.97 -27.97
CA PHE A 390 -12.15 -17.26 -27.38
C PHE A 390 -13.10 -18.06 -28.26
N THR A 391 -13.05 -17.85 -29.57
CA THR A 391 -13.83 -18.66 -30.49
C THR A 391 -13.29 -20.08 -30.51
N LYS A 392 -14.19 -21.05 -30.39
CA LYS A 392 -13.81 -22.45 -30.27
C LYS A 392 -14.05 -23.19 -31.59
N ASP A 393 -13.46 -24.38 -31.68
CA ASP A 393 -13.59 -25.22 -32.85
C ASP A 393 -14.79 -26.15 -32.69
N MET A 394 -14.81 -27.26 -33.42
CA MET A 394 -15.93 -28.20 -33.32
C MET A 394 -15.88 -29.00 -32.02
N HIS A 395 -14.69 -29.18 -31.46
CA HIS A 395 -14.53 -29.91 -30.21
C HIS A 395 -14.56 -29.00 -28.98
N GLY A 396 -14.97 -27.74 -29.16
CA GLY A 396 -15.05 -26.82 -28.04
C GLY A 396 -13.71 -26.41 -27.46
N GLN A 397 -12.73 -26.13 -28.31
CA GLN A 397 -11.39 -25.76 -27.87
C GLN A 397 -10.97 -24.47 -28.54
N PHE A 398 -10.25 -23.64 -27.78
CA PHE A 398 -9.78 -22.36 -28.30
C PHE A 398 -8.92 -22.55 -29.55
N LYS A 399 -9.07 -21.63 -30.50
CA LYS A 399 -8.29 -21.64 -31.74
C LYS A 399 -6.93 -20.96 -31.54
N MET A 400 -6.19 -21.39 -30.52
CA MET A 400 -4.89 -20.78 -30.24
C MET A 400 -3.91 -21.85 -29.80
N GLY A 401 -2.65 -21.68 -30.19
CA GLY A 401 -1.58 -22.56 -29.77
C GLY A 401 -0.52 -21.83 -28.97
N PHE A 402 0.28 -22.57 -28.20
CA PHE A 402 1.22 -21.97 -27.27
C PHE A 402 2.59 -22.60 -27.42
N GLY A 403 3.62 -21.80 -27.17
CA GLY A 403 5.00 -22.27 -27.13
C GLY A 403 5.45 -23.00 -28.38
N GLY A 404 5.15 -22.44 -29.55
CA GLY A 404 5.54 -23.08 -30.79
C GLY A 404 7.03 -23.00 -31.02
N THR A 405 7.61 -24.10 -31.49
CA THR A 405 9.02 -24.16 -31.88
C THR A 405 9.09 -24.60 -33.33
N LEU A 406 9.39 -23.65 -34.22
CA LEU A 406 9.46 -23.90 -35.64
C LEU A 406 10.90 -24.19 -36.04
N GLU A 407 11.16 -25.40 -36.50
CA GLU A 407 12.46 -25.78 -37.06
C GLU A 407 12.28 -26.10 -38.53
N ILE A 408 13.17 -25.56 -39.37
CA ILE A 408 13.10 -25.72 -40.81
C ILE A 408 14.33 -26.50 -41.26
N LYS A 409 14.10 -27.60 -41.98
CA LYS A 409 15.15 -28.44 -42.50
C LYS A 409 15.08 -28.43 -44.02
N THR A 410 16.19 -28.08 -44.67
CA THR A 410 16.22 -27.88 -46.11
C THR A 410 17.27 -28.79 -46.73
N SER A 411 17.20 -28.90 -48.06
CA SER A 411 18.21 -29.65 -48.81
C SER A 411 19.58 -28.99 -48.66
N ARG A 412 20.62 -29.74 -49.01
CA ARG A 412 21.98 -29.21 -48.92
C ARG A 412 22.23 -28.06 -49.89
N GLU A 413 21.29 -27.76 -50.78
CA GLU A 413 21.42 -26.67 -51.73
C GLU A 413 20.65 -25.42 -51.32
N ILE A 414 19.95 -25.45 -50.19
CA ILE A 414 19.10 -24.36 -49.75
C ILE A 414 19.60 -23.84 -48.41
N LYS A 415 19.73 -22.52 -48.30
CA LYS A 415 20.04 -21.86 -47.04
C LYS A 415 18.96 -20.85 -46.71
N ILE A 416 18.76 -20.62 -45.41
CA ILE A 416 17.68 -19.78 -44.91
C ILE A 416 18.26 -18.42 -44.54
N SER A 417 17.70 -17.35 -45.13
CA SER A 417 18.10 -16.00 -44.76
C SER A 417 17.49 -15.60 -43.42
N GLY A 418 16.18 -15.75 -43.29
CA GLY A 418 15.52 -15.41 -42.05
C GLY A 418 14.02 -15.34 -42.24
N ALA A 419 13.34 -14.99 -41.15
CA ALA A 419 11.89 -14.90 -41.13
C ALA A 419 11.45 -13.51 -40.75
N ILE A 420 10.29 -13.11 -41.26
CA ILE A 420 9.68 -11.82 -40.97
C ILE A 420 8.25 -12.11 -40.51
N GLY A 421 8.01 -12.01 -39.21
CA GLY A 421 6.70 -12.26 -38.65
C GLY A 421 6.76 -12.40 -37.15
N PRO A 422 5.63 -12.78 -36.53
CA PRO A 422 5.62 -12.95 -35.07
C PRO A 422 6.44 -14.15 -34.62
N CYS A 423 7.73 -13.93 -34.36
CA CYS A 423 8.62 -15.01 -34.00
C CYS A 423 9.84 -14.44 -33.27
N VAL A 424 10.62 -15.33 -32.68
CA VAL A 424 11.84 -14.98 -31.97
C VAL A 424 12.90 -16.04 -32.29
N SER A 425 14.10 -15.60 -32.63
CA SER A 425 15.16 -16.52 -32.98
C SER A 425 15.61 -17.32 -31.76
N LEU A 426 15.72 -18.63 -31.93
CA LEU A 426 16.34 -19.50 -30.94
C LEU A 426 17.86 -19.57 -31.11
N ASN A 427 18.40 -18.95 -32.16
CA ASN A 427 19.83 -18.87 -32.40
C ASN A 427 20.46 -20.25 -32.48
N SER A 428 19.87 -21.11 -33.32
CA SER A 428 20.40 -22.45 -33.57
C SER A 428 21.14 -22.44 -34.90
N LYS A 429 22.37 -22.95 -34.89
CA LYS A 429 23.22 -22.93 -36.07
C LYS A 429 23.25 -24.29 -36.75
N GLY A 430 23.59 -24.28 -38.03
CA GLY A 430 23.66 -25.48 -38.83
C GLY A 430 24.01 -25.18 -40.28
N PRO A 431 24.07 -26.23 -41.11
CA PRO A 431 24.39 -26.01 -42.53
C PRO A 431 23.29 -25.32 -43.30
N CYS A 432 22.12 -25.10 -42.71
CA CYS A 432 20.99 -24.47 -43.38
C CYS A 432 20.94 -22.96 -43.16
N VAL A 433 21.82 -22.41 -42.32
CA VAL A 433 21.82 -20.99 -42.00
C VAL A 433 22.69 -20.25 -43.01
N SER A 434 22.18 -19.14 -43.53
CA SER A 434 22.87 -18.35 -44.54
C SER A 434 23.62 -17.18 -43.90
N GLU A 435 24.71 -16.79 -44.55
CA GLU A 435 25.46 -15.62 -44.09
C GLU A 435 24.67 -14.33 -44.31
N ASN A 436 23.81 -14.31 -45.32
CA ASN A 436 22.94 -13.17 -45.58
C ASN A 436 21.64 -13.36 -44.81
N GLU A 437 21.46 -12.58 -43.75
CA GLU A 437 20.29 -12.70 -42.89
C GLU A 437 19.26 -11.63 -43.22
N ILE A 438 17.99 -11.99 -43.05
CA ILE A 438 16.86 -11.12 -43.35
C ILE A 438 15.89 -11.17 -42.18
N GLY A 439 15.53 -10.01 -41.64
CA GLY A 439 14.58 -9.96 -40.55
C GLY A 439 15.13 -10.65 -39.32
N THR A 440 14.46 -11.71 -38.88
CA THR A 440 14.92 -12.53 -37.76
C THR A 440 15.65 -13.74 -38.35
N GLY A 441 16.91 -13.51 -38.71
CA GLY A 441 17.73 -14.52 -39.33
C GLY A 441 18.77 -15.09 -38.40
N GLY A 442 19.79 -15.71 -38.98
CA GLY A 442 20.86 -16.31 -38.21
C GLY A 442 20.45 -17.54 -37.43
N THR A 443 19.44 -18.27 -37.90
CA THR A 443 18.95 -19.44 -37.19
C THR A 443 18.11 -20.29 -38.13
N CYS A 444 17.95 -21.56 -37.76
CA CYS A 444 16.99 -22.45 -38.39
C CYS A 444 15.92 -22.90 -37.41
N GLN A 445 15.81 -22.24 -36.26
CA GLN A 445 14.78 -22.52 -35.27
C GLN A 445 14.23 -21.20 -34.73
N TRP A 446 12.91 -21.14 -34.61
CA TRP A 446 12.22 -19.97 -34.08
C TRP A 446 11.21 -20.42 -33.03
N LYS A 447 10.87 -19.51 -32.14
CA LYS A 447 9.83 -19.75 -31.15
C LYS A 447 8.70 -18.74 -31.35
N ILE A 448 7.48 -19.26 -31.45
CA ILE A 448 6.27 -18.44 -31.59
C ILE A 448 5.41 -18.77 -30.37
N CYS A 449 5.43 -17.88 -29.37
CA CYS A 449 4.73 -18.15 -28.12
C CYS A 449 3.24 -18.29 -28.33
N GLY A 450 2.67 -17.59 -29.31
CA GLY A 450 1.26 -17.71 -29.60
C GLY A 450 0.96 -17.76 -31.09
N LEU A 451 0.21 -18.76 -31.51
CA LEU A 451 -0.17 -18.89 -32.92
C LEU A 451 -1.63 -19.27 -33.02
N SER A 452 -2.23 -18.90 -34.15
CA SER A 452 -3.62 -19.18 -34.48
C SER A 452 -3.66 -19.84 -35.84
N PRO A 453 -4.82 -20.36 -36.25
CA PRO A 453 -4.92 -20.92 -37.61
C PRO A 453 -4.59 -19.95 -38.72
N THR A 454 -4.57 -18.65 -38.46
CA THR A 454 -4.29 -17.65 -39.49
C THR A 454 -2.86 -17.12 -39.45
N THR A 455 -2.11 -17.41 -38.39
CA THR A 455 -0.75 -16.89 -38.25
C THR A 455 0.11 -17.34 -39.43
N THR A 456 0.67 -16.37 -40.15
CA THR A 456 1.46 -16.64 -41.34
C THR A 456 2.84 -16.00 -41.19
N LEU A 457 3.88 -16.81 -41.38
CA LEU A 457 5.26 -16.35 -41.38
C LEU A 457 5.75 -16.19 -42.81
N ALA A 458 6.82 -15.40 -42.96
CA ALA A 458 7.48 -15.20 -44.24
C ALA A 458 8.93 -15.61 -44.10
N ILE A 459 9.29 -16.75 -44.68
CA ILE A 459 10.65 -17.28 -44.62
C ILE A 459 11.31 -17.03 -45.95
N TYR A 460 12.52 -16.46 -45.92
CA TYR A 460 13.26 -16.10 -47.12
C TYR A 460 14.43 -17.08 -47.29
N PHE A 461 14.52 -17.69 -48.47
CA PHE A 461 15.50 -18.72 -48.76
C PHE A 461 16.53 -18.24 -49.77
N GLU A 462 17.72 -18.82 -49.69
CA GLU A 462 18.83 -18.49 -50.58
C GLU A 462 19.44 -19.77 -51.12
N VAL A 463 19.86 -19.74 -52.39
CA VAL A 463 20.44 -20.89 -53.06
C VAL A 463 21.95 -20.74 -53.05
N VAL A 464 22.64 -21.77 -52.58
CA VAL A 464 24.11 -21.78 -52.53
C VAL A 464 24.64 -23.07 -53.14
N ARG A 476 14.78 -32.09 -57.76
CA ARG A 476 13.83 -31.51 -56.81
C ARG A 476 14.52 -30.90 -55.60
N GLY A 477 13.85 -29.95 -54.97
CA GLY A 477 14.33 -29.37 -53.73
C GLY A 477 13.25 -29.46 -52.67
N ALA A 478 13.67 -29.73 -51.44
CA ALA A 478 12.74 -30.03 -50.36
C ALA A 478 12.98 -29.12 -49.17
N ILE A 479 11.90 -28.79 -48.47
CA ILE A 479 11.92 -28.03 -47.23
C ILE A 479 10.92 -28.67 -46.27
N GLN A 480 11.34 -28.93 -45.04
CA GLN A 480 10.49 -29.55 -44.04
C GLN A 480 10.25 -28.56 -42.90
N PHE A 481 8.97 -28.25 -42.65
CA PHE A 481 8.58 -27.36 -41.57
C PHE A 481 8.11 -28.20 -40.39
N VAL A 482 8.82 -28.09 -39.26
CA VAL A 482 8.48 -28.82 -38.05
C VAL A 482 8.02 -27.81 -37.01
N THR A 483 6.77 -27.96 -36.55
CA THR A 483 6.15 -27.03 -35.62
C THR A 483 5.67 -27.78 -34.39
N GLN A 484 6.45 -27.71 -33.31
CA GLN A 484 6.07 -28.29 -32.02
C GLN A 484 5.43 -27.21 -31.16
N TYR A 485 4.23 -27.49 -30.64
CA TYR A 485 3.52 -26.50 -29.85
C TYR A 485 2.60 -27.21 -28.86
N GLN A 486 2.04 -26.43 -27.95
CA GLN A 486 1.10 -26.91 -26.95
C GLN A 486 -0.32 -26.55 -27.40
N HIS A 487 -1.14 -27.56 -27.64
CA HIS A 487 -2.51 -27.34 -28.04
C HIS A 487 -3.31 -26.72 -26.90
N SER A 488 -4.43 -26.09 -27.25
CA SER A 488 -5.30 -25.49 -26.24
C SER A 488 -5.92 -26.50 -25.30
N SER A 489 -5.78 -27.79 -25.58
CA SER A 489 -6.21 -28.86 -24.68
C SER A 489 -5.09 -29.34 -23.76
N GLY A 490 -3.90 -28.78 -23.87
CA GLY A 490 -2.75 -29.24 -23.13
C GLY A 490 -1.94 -30.31 -23.82
N GLN A 491 -2.44 -30.87 -24.93
CA GLN A 491 -1.71 -31.90 -25.64
C GLN A 491 -0.55 -31.29 -26.41
N ARG A 492 0.64 -31.89 -26.26
CA ARG A 492 1.80 -31.48 -27.04
C ARG A 492 1.70 -32.11 -28.43
N ARG A 493 1.77 -31.27 -29.46
CA ARG A 493 1.62 -31.73 -30.84
C ARG A 493 2.80 -31.28 -31.68
N ILE A 494 2.96 -31.93 -32.82
CA ILE A 494 3.99 -31.58 -33.81
C ILE A 494 3.35 -31.59 -35.18
N ARG A 495 3.40 -30.46 -35.87
CA ARG A 495 2.90 -30.34 -37.24
C ARG A 495 4.09 -30.36 -38.19
N VAL A 496 4.12 -31.36 -39.08
CA VAL A 496 5.18 -31.51 -40.06
C VAL A 496 4.61 -31.21 -41.43
N THR A 497 5.36 -30.44 -42.22
CA THR A 497 4.93 -30.08 -43.57
C THR A 497 6.13 -30.16 -44.50
N THR A 498 6.11 -31.11 -45.42
CA THR A 498 7.19 -31.34 -46.37
C THR A 498 6.69 -31.01 -47.78
N ILE A 499 7.44 -30.18 -48.49
CA ILE A 499 7.09 -29.73 -49.83
C ILE A 499 8.28 -29.94 -50.76
N ALA A 500 8.01 -29.92 -52.05
CA ALA A 500 9.04 -30.14 -53.05
C ALA A 500 8.73 -29.31 -54.29
N ARG A 501 9.76 -28.63 -54.81
CA ARG A 501 9.66 -27.86 -56.03
C ARG A 501 10.80 -28.27 -56.97
N ASN A 502 10.51 -28.24 -58.26
CA ASN A 502 11.45 -28.70 -59.27
C ASN A 502 12.58 -27.71 -59.47
N TRP A 503 13.80 -28.22 -59.60
CA TRP A 503 14.90 -27.41 -60.10
C TRP A 503 14.70 -27.14 -61.58
N ALA A 504 15.06 -25.93 -62.01
CA ALA A 504 14.85 -25.54 -63.40
C ALA A 504 15.70 -26.40 -64.33
N ASP A 505 15.11 -26.80 -65.45
CA ASP A 505 15.88 -27.50 -66.47
C ASP A 505 16.92 -26.56 -67.06
N ALA A 506 18.15 -27.08 -67.20
CA ALA A 506 19.27 -26.22 -67.59
C ALA A 506 19.07 -25.60 -68.96
N GLN A 507 18.42 -26.30 -69.87
CA GLN A 507 18.18 -25.80 -71.22
C GLN A 507 16.95 -24.93 -71.34
N THR A 508 16.15 -24.83 -70.27
CA THR A 508 14.99 -23.94 -70.22
C THR A 508 14.92 -23.30 -68.84
N GLN A 509 15.95 -22.52 -68.49
CA GLN A 509 16.07 -21.93 -67.16
C GLN A 509 15.14 -20.81 -66.73
N ILE A 510 15.27 -19.65 -67.37
CA ILE A 510 14.39 -18.52 -67.07
C ILE A 510 12.99 -18.70 -67.64
N GLN A 511 12.84 -19.54 -68.66
CA GLN A 511 11.54 -19.75 -69.28
C GLN A 511 10.60 -20.48 -68.33
N ASN A 512 11.05 -21.61 -67.77
CA ASN A 512 10.22 -22.33 -66.81
C ASN A 512 10.05 -21.55 -65.51
N ILE A 513 11.12 -20.88 -65.07
CA ILE A 513 11.07 -20.14 -63.82
C ILE A 513 10.03 -19.01 -63.90
N ALA A 514 9.95 -18.35 -65.05
CA ALA A 514 9.00 -17.25 -65.20
C ALA A 514 7.56 -17.73 -65.08
N ALA A 515 7.26 -18.93 -65.60
CA ALA A 515 5.90 -19.44 -65.57
C ALA A 515 5.49 -19.88 -64.16
N SER A 516 6.44 -20.17 -63.29
CA SER A 516 6.16 -20.62 -61.93
C SER A 516 6.12 -19.48 -60.93
N PHE A 517 5.94 -18.25 -61.39
CA PHE A 517 6.01 -17.06 -60.54
C PHE A 517 4.63 -16.77 -59.96
N ASP A 518 4.57 -16.57 -58.65
CA ASP A 518 3.33 -16.20 -57.96
C ASP A 518 3.40 -14.71 -57.66
N GLN A 519 2.68 -13.91 -58.44
CA GLN A 519 2.76 -12.47 -58.30
C GLN A 519 2.13 -12.00 -56.99
N GLU A 520 1.06 -12.66 -56.54
CA GLU A 520 0.42 -12.27 -55.30
C GLU A 520 1.31 -12.58 -54.10
N ALA A 521 1.94 -13.76 -54.09
CA ALA A 521 2.83 -14.12 -53.00
C ALA A 521 4.07 -13.24 -53.00
N ALA A 522 4.65 -12.99 -54.18
CA ALA A 522 5.84 -12.15 -54.25
C ALA A 522 5.54 -10.72 -53.82
N ALA A 523 4.34 -10.22 -54.15
CA ALA A 523 3.98 -8.86 -53.77
C ALA A 523 3.97 -8.69 -52.25
N ILE A 524 3.32 -9.62 -51.54
CA ILE A 524 3.26 -9.52 -50.09
C ILE A 524 4.62 -9.84 -49.48
N LEU A 525 5.34 -10.81 -50.05
CA LEU A 525 6.67 -11.13 -49.54
C LEU A 525 7.63 -9.95 -49.70
N MET A 526 7.53 -9.23 -50.83
CA MET A 526 8.35 -8.03 -50.99
C MET A 526 7.84 -6.89 -50.11
N ALA A 527 6.51 -6.80 -49.93
CA ALA A 527 5.96 -5.82 -49.01
C ALA A 527 6.39 -6.12 -47.58
N ARG A 528 6.42 -7.41 -47.22
CA ARG A 528 6.94 -7.81 -45.91
C ARG A 528 8.36 -7.33 -45.70
N LEU A 529 9.14 -7.23 -46.78
CA LEU A 529 10.50 -6.72 -46.68
C LEU A 529 10.53 -5.21 -46.49
N ALA A 530 9.64 -4.49 -47.18
CA ALA A 530 9.66 -3.03 -47.12
C ALA A 530 9.20 -2.53 -45.76
N ILE A 531 8.13 -3.11 -45.22
CA ILE A 531 7.62 -2.66 -43.93
C ILE A 531 8.62 -2.94 -42.82
N TYR A 532 9.47 -3.95 -43.00
CA TYR A 532 10.47 -4.25 -41.99
C TYR A 532 11.56 -3.19 -41.96
N ARG A 533 12.09 -2.82 -43.13
CA ARG A 533 13.13 -1.80 -43.17
C ARG A 533 12.60 -0.42 -42.80
N ALA A 534 11.33 -0.14 -43.08
CA ALA A 534 10.74 1.13 -42.67
C ALA A 534 10.57 1.18 -41.16
N GLU A 535 10.12 0.09 -40.55
CA GLU A 535 9.93 0.02 -39.11
C GLU A 535 11.25 -0.16 -38.37
N THR A 536 12.35 -0.39 -39.08
CA THR A 536 13.68 -0.48 -38.48
C THR A 536 14.67 0.21 -39.42
N GLU A 537 14.49 1.51 -39.62
CA GLU A 537 15.27 2.29 -40.58
C GLU A 537 16.76 2.21 -40.31
N ASP A 541 16.21 5.65 -48.08
CA ASP A 541 14.78 5.59 -48.36
C ASP A 541 14.36 4.15 -48.66
N VAL A 542 13.10 3.84 -48.38
CA VAL A 542 12.56 2.52 -48.66
C VAL A 542 11.85 2.50 -50.02
N LEU A 543 11.18 3.59 -50.39
CA LEU A 543 10.54 3.65 -51.70
C LEU A 543 11.54 3.56 -52.83
N ARG A 544 12.78 4.00 -52.60
CA ARG A 544 13.80 3.86 -53.63
C ARG A 544 14.09 2.39 -53.90
N TRP A 545 14.22 1.58 -52.85
CA TRP A 545 14.46 0.14 -53.05
C TRP A 545 13.27 -0.54 -53.71
N LEU A 546 12.06 -0.03 -53.49
CA LEU A 546 10.87 -0.64 -54.09
C LEU A 546 10.87 -0.46 -55.60
N ASP A 547 11.16 0.75 -56.07
CA ASP A 547 11.13 1.01 -57.51
C ASP A 547 12.31 0.38 -58.23
N ARG A 548 13.47 0.30 -57.57
CA ARG A 548 14.62 -0.35 -58.19
C ARG A 548 14.33 -1.82 -58.50
N GLN A 549 13.65 -2.51 -57.58
CA GLN A 549 13.34 -3.91 -57.79
C GLN A 549 12.19 -4.10 -58.76
N LEU A 550 11.24 -3.17 -58.81
CA LEU A 550 10.15 -3.28 -59.77
C LEU A 550 10.65 -3.07 -61.20
N ILE A 551 11.57 -2.12 -61.39
CA ILE A 551 12.12 -1.89 -62.73
C ILE A 551 12.96 -3.09 -63.16
N ARG A 552 13.77 -3.63 -62.24
CA ARG A 552 14.58 -4.80 -62.56
C ARG A 552 13.72 -5.99 -62.95
N LEU A 553 12.65 -6.23 -62.19
CA LEU A 553 11.76 -7.34 -62.52
C LEU A 553 11.09 -7.13 -63.88
N CYS A 554 10.86 -5.87 -64.28
CA CYS A 554 10.29 -5.61 -65.59
C CYS A 554 11.31 -5.85 -66.70
N GLN A 555 12.58 -5.54 -66.45
CA GLN A 555 13.61 -5.65 -67.47
C GLN A 555 14.02 -7.09 -67.76
N LYS A 556 13.74 -8.02 -66.84
CA LYS A 556 14.15 -9.41 -67.04
C LYS A 556 13.00 -10.32 -67.48
N PHE A 557 11.78 -10.07 -67.01
CA PHE A 557 10.64 -10.92 -67.33
C PHE A 557 9.61 -10.21 -68.21
N GLY A 558 9.90 -8.99 -68.66
CA GLY A 558 9.02 -8.28 -69.55
C GLY A 558 9.46 -8.40 -71.00
N GLU A 559 8.54 -8.12 -71.91
CA GLU A 559 8.77 -8.18 -73.34
C GLU A 559 8.71 -6.77 -73.92
N TYR A 560 9.77 -6.38 -74.63
CA TYR A 560 9.87 -5.02 -75.12
C TYR A 560 11.04 -4.91 -76.09
N HIS A 561 11.00 -3.88 -76.92
CA HIS A 561 12.17 -3.43 -77.66
C HIS A 561 12.83 -2.30 -76.88
N LYS A 562 14.14 -2.15 -77.06
CA LYS A 562 14.87 -1.12 -76.32
C LYS A 562 14.43 0.27 -76.78
N ASP A 563 14.25 1.16 -75.81
CA ASP A 563 13.90 2.57 -75.98
C ASP A 563 12.52 2.77 -76.57
N ASP A 564 11.68 1.74 -76.61
CA ASP A 564 10.30 1.83 -77.09
C ASP A 564 9.37 1.48 -75.94
N PRO A 565 8.93 2.47 -75.16
CA PRO A 565 8.08 2.16 -73.99
C PRO A 565 6.75 1.53 -74.35
N SER A 566 6.15 1.93 -75.47
CA SER A 566 4.85 1.39 -75.86
C SER A 566 4.92 -0.10 -76.21
N SER A 567 6.11 -0.63 -76.42
CA SER A 567 6.28 -2.03 -76.76
C SER A 567 6.39 -2.95 -75.55
N PHE A 568 6.24 -2.40 -74.34
CA PHE A 568 6.39 -3.19 -73.13
C PHE A 568 5.07 -3.86 -72.76
N ARG A 569 5.11 -5.18 -72.59
CA ARG A 569 3.98 -5.94 -72.08
C ARG A 569 4.47 -6.95 -71.06
N PHE A 570 3.56 -7.39 -70.20
CA PHE A 570 3.85 -8.39 -69.19
C PHE A 570 2.97 -9.62 -69.42
N SER A 571 3.50 -10.78 -69.08
CA SER A 571 2.73 -12.01 -69.19
C SER A 571 1.60 -12.02 -68.17
N GLU A 572 0.70 -12.99 -68.33
CA GLU A 572 -0.35 -13.20 -67.34
C GLU A 572 0.25 -13.43 -65.96
N THR A 573 1.45 -14.01 -65.90
CA THR A 573 2.10 -14.31 -64.63
C THR A 573 2.55 -13.04 -63.91
N PHE A 574 2.81 -11.96 -64.65
CA PHE A 574 3.36 -10.75 -64.09
C PHE A 574 2.47 -9.53 -64.24
N SER A 575 1.34 -9.63 -64.95
CA SER A 575 0.56 -8.45 -65.30
C SER A 575 -0.15 -7.80 -64.12
N LEU A 576 -0.15 -8.42 -62.94
CA LEU A 576 -0.74 -7.81 -61.76
C LEU A 576 0.28 -7.31 -60.75
N TYR A 577 1.57 -7.59 -60.98
CA TYR A 577 2.58 -7.18 -59.99
C TYR A 577 2.76 -5.68 -59.91
N PRO A 578 2.91 -4.93 -61.02
CA PRO A 578 3.07 -3.48 -60.89
C PRO A 578 1.89 -2.79 -60.24
N GLN A 579 0.67 -3.33 -60.42
CA GLN A 579 -0.50 -2.75 -59.77
C GLN A 579 -0.45 -2.95 -58.27
N PHE A 580 0.11 -4.07 -57.80
CA PHE A 580 0.25 -4.28 -56.37
C PHE A 580 1.30 -3.36 -55.78
N MET A 581 2.38 -3.09 -56.51
CA MET A 581 3.39 -2.15 -56.03
C MET A 581 2.85 -0.73 -55.99
N PHE A 582 1.94 -0.38 -56.90
CA PHE A 582 1.37 0.97 -56.93
C PHE A 582 0.63 1.27 -55.63
N HIS A 583 -0.34 0.43 -55.27
CA HIS A 583 -1.10 0.63 -54.04
C HIS A 583 -0.29 0.38 -52.79
N LEU A 584 0.90 -0.22 -52.90
CA LEU A 584 1.74 -0.45 -51.74
C LEU A 584 2.52 0.79 -51.33
N ARG A 585 3.13 1.47 -52.30
CA ARG A 585 3.94 2.63 -51.99
C ARG A 585 3.10 3.85 -51.59
N ARG A 586 1.81 3.83 -51.87
CA ARG A 586 0.90 4.90 -51.47
C ARG A 586 0.05 4.53 -50.26
N SER A 587 0.25 3.34 -49.69
CA SER A 587 -0.58 2.89 -48.59
C SER A 587 -0.16 3.54 -47.28
N SER A 588 -0.99 3.35 -46.26
CA SER A 588 -0.67 3.81 -44.91
C SER A 588 0.46 3.02 -44.27
N PHE A 589 0.85 1.89 -44.86
CA PHE A 589 1.96 1.11 -44.31
C PHE A 589 3.30 1.79 -44.56
N LEU A 590 3.42 2.55 -45.64
CA LEU A 590 4.66 3.24 -46.00
C LEU A 590 4.56 4.75 -45.94
N GLN A 591 3.39 5.33 -46.22
CA GLN A 591 3.16 6.76 -46.03
C GLN A 591 2.56 6.96 -44.65
N VAL A 592 3.45 7.00 -43.65
CA VAL A 592 3.02 6.95 -42.25
C VAL A 592 2.27 8.20 -41.84
N PHE A 593 2.58 9.34 -42.44
CA PHE A 593 1.85 10.55 -42.12
C PHE A 593 0.40 10.44 -42.59
N ASN A 594 -0.44 11.31 -42.06
CA ASN A 594 -1.91 11.29 -42.11
C ASN A 594 -2.46 10.24 -41.14
N ASN A 595 -1.59 9.56 -40.38
CA ASN A 595 -2.01 8.62 -39.35
C ASN A 595 -1.25 8.94 -38.07
N SER A 596 -1.83 8.54 -36.94
CA SER A 596 -1.11 8.62 -35.69
C SER A 596 -0.07 7.51 -35.61
N PRO A 597 0.98 7.69 -34.81
CA PRO A 597 1.97 6.62 -34.66
C PRO A 597 1.38 5.31 -34.19
N ASP A 598 0.32 5.34 -33.38
CA ASP A 598 -0.30 4.11 -32.92
C ASP A 598 -1.07 3.42 -34.04
N GLU A 599 -1.75 4.21 -34.89
CA GLU A 599 -2.51 3.63 -35.98
C GLU A 599 -1.60 2.98 -37.03
N SER A 600 -0.42 3.56 -37.27
CA SER A 600 0.51 2.93 -38.20
C SER A 600 1.10 1.65 -37.62
N SER A 601 1.43 1.65 -36.33
CA SER A 601 1.93 0.44 -35.69
C SER A 601 0.85 -0.64 -35.63
N TYR A 602 -0.42 -0.23 -35.54
CA TYR A 602 -1.52 -1.20 -35.54
C TYR A 602 -1.72 -1.79 -36.93
N TYR A 603 -1.62 -0.97 -37.97
CA TYR A 603 -1.76 -1.47 -39.34
C TYR A 603 -0.64 -2.45 -39.68
N ARG A 604 0.60 -2.09 -39.34
CA ARG A 604 1.72 -2.97 -39.62
C ARG A 604 1.67 -4.25 -38.79
N HIS A 605 1.06 -4.18 -37.60
CA HIS A 605 0.97 -5.36 -36.74
C HIS A 605 0.21 -6.49 -37.42
N HIS A 606 -1.01 -6.19 -37.90
CA HIS A 606 -1.83 -7.23 -38.50
C HIS A 606 -1.34 -7.66 -39.88
N PHE A 607 -0.58 -6.82 -40.57
CA PHE A 607 -0.10 -7.18 -41.90
C PHE A 607 1.00 -8.23 -41.82
N MET A 608 1.92 -8.10 -40.86
CA MET A 608 3.01 -9.05 -40.69
C MET A 608 2.56 -10.43 -40.18
N ARG A 609 1.25 -10.69 -40.07
CA ARG A 609 0.76 -11.96 -39.52
C ARG A 609 -0.27 -12.66 -40.39
N GLN A 610 -0.92 -11.96 -41.32
CA GLN A 610 -2.05 -12.52 -42.02
C GLN A 610 -1.62 -13.36 -43.22
N ASP A 611 -2.54 -14.20 -43.69
CA ASP A 611 -2.31 -15.00 -44.87
C ASP A 611 -2.32 -14.13 -46.12
N LEU A 612 -2.20 -14.76 -47.28
CA LEU A 612 -2.15 -14.00 -48.53
C LEU A 612 -3.50 -13.38 -48.85
N THR A 613 -4.58 -14.15 -48.73
CA THR A 613 -5.91 -13.66 -49.09
C THR A 613 -6.23 -12.36 -48.36
N GLN A 614 -5.94 -12.31 -47.06
CA GLN A 614 -6.20 -11.08 -46.30
C GLN A 614 -5.14 -10.01 -46.58
N SER A 615 -3.90 -10.42 -46.88
CA SER A 615 -2.85 -9.44 -47.13
C SER A 615 -3.12 -8.65 -48.41
N LEU A 616 -3.61 -9.32 -49.46
CA LEU A 616 -3.94 -8.61 -50.69
C LEU A 616 -5.06 -7.61 -50.46
N ILE A 617 -5.95 -7.87 -49.51
CA ILE A 617 -7.03 -6.94 -49.20
C ILE A 617 -6.48 -5.69 -48.51
N MET A 618 -5.47 -5.87 -47.66
CA MET A 618 -4.85 -4.72 -47.00
C MET A 618 -4.14 -3.81 -48.00
N ILE A 619 -3.30 -4.40 -48.85
CA ILE A 619 -2.56 -3.60 -49.83
C ILE A 619 -3.50 -2.99 -50.86
N GLN A 620 -4.46 -3.79 -51.34
CA GLN A 620 -5.35 -3.36 -52.42
C GLN A 620 -6.77 -3.75 -52.05
N PRO A 621 -7.52 -2.84 -51.44
CA PRO A 621 -8.89 -3.16 -51.01
C PRO A 621 -9.78 -3.52 -52.20
N ILE A 622 -10.65 -4.50 -51.99
CA ILE A 622 -11.60 -4.92 -53.01
C ILE A 622 -12.85 -4.06 -52.93
N LEU A 623 -13.57 -3.98 -54.04
CA LEU A 623 -14.69 -3.05 -54.15
C LEU A 623 -15.79 -3.67 -55.00
N TYR A 624 -16.99 -3.77 -54.43
CA TYR A 624 -18.17 -4.27 -55.12
C TYR A 624 -19.13 -3.13 -55.41
N ALA A 625 -19.92 -3.29 -56.47
CA ALA A 625 -20.88 -2.29 -56.90
C ALA A 625 -22.29 -2.85 -56.84
N TYR A 626 -23.25 -1.99 -56.45
CA TYR A 626 -24.64 -2.39 -56.27
C TYR A 626 -25.53 -1.39 -56.98
N SER A 627 -26.28 -1.86 -57.97
CA SER A 627 -27.21 -1.00 -58.70
C SER A 627 -28.36 -1.84 -59.24
N PHE A 628 -29.38 -1.15 -59.75
CA PHE A 628 -30.49 -1.85 -60.38
C PHE A 628 -30.02 -2.63 -61.61
N SER A 629 -29.11 -2.05 -62.38
CA SER A 629 -28.62 -2.65 -63.62
C SER A 629 -27.58 -3.71 -63.28
N GLY A 630 -28.07 -4.87 -62.85
CA GLY A 630 -27.21 -6.01 -62.62
C GLY A 630 -27.04 -6.38 -61.17
N PRO A 631 -26.59 -7.60 -60.91
CA PRO A 631 -26.32 -8.04 -59.55
C PRO A 631 -25.02 -7.45 -59.03
N PRO A 632 -24.66 -7.68 -57.77
CA PRO A 632 -23.39 -7.17 -57.25
C PRO A 632 -22.21 -7.73 -58.03
N GLU A 633 -21.30 -6.85 -58.44
CA GLU A 633 -20.12 -7.19 -59.22
C GLU A 633 -18.90 -6.50 -58.64
N PRO A 634 -17.73 -7.15 -58.70
CA PRO A 634 -16.50 -6.46 -58.32
C PRO A 634 -16.10 -5.43 -59.38
N VAL A 635 -15.57 -4.30 -58.93
CA VAL A 635 -15.20 -3.19 -59.81
C VAL A 635 -13.80 -2.71 -59.45
N LEU A 636 -13.31 -1.77 -60.25
CA LEU A 636 -11.95 -1.28 -60.12
C LEU A 636 -11.84 -0.25 -59.01
N LEU A 637 -10.61 -0.07 -58.52
CA LEU A 637 -10.31 0.93 -57.50
C LEU A 637 -9.79 2.21 -58.17
N ASP A 638 -10.71 2.88 -58.86
CA ASP A 638 -10.39 4.12 -59.54
C ASP A 638 -11.57 5.07 -59.41
N SER A 639 -11.29 6.36 -59.57
CA SER A 639 -12.33 7.38 -59.44
C SER A 639 -13.42 7.22 -60.49
N SER A 640 -13.17 6.45 -61.54
CA SER A 640 -14.18 6.23 -62.57
C SER A 640 -15.30 5.31 -62.11
N SER A 641 -15.08 4.49 -61.08
CA SER A 641 -16.11 3.60 -60.57
C SER A 641 -17.15 4.32 -59.72
N ILE A 642 -16.89 5.56 -59.32
CA ILE A 642 -17.80 6.31 -58.46
C ILE A 642 -18.94 6.84 -59.33
N LEU A 643 -20.06 6.14 -59.37
CA LEU A 643 -21.24 6.56 -60.10
C LEU A 643 -22.30 7.07 -59.14
N ALA A 644 -23.21 7.89 -59.65
CA ALA A 644 -24.22 8.51 -58.81
C ALA A 644 -25.34 7.53 -58.46
N ASP A 645 -25.77 6.72 -59.43
CA ASP A 645 -26.88 5.78 -59.23
C ASP A 645 -26.39 4.40 -58.82
N ARG A 646 -25.41 4.31 -57.93
CA ARG A 646 -24.84 3.02 -57.57
C ARG A 646 -24.35 3.06 -56.14
N ILE A 647 -24.38 1.89 -55.49
CA ILE A 647 -23.90 1.71 -54.13
C ILE A 647 -22.62 0.90 -54.17
N LEU A 648 -21.60 1.36 -53.45
CA LEU A 648 -20.32 0.69 -53.39
C LEU A 648 -20.12 0.03 -52.02
N LEU A 649 -19.26 -0.99 -52.01
CA LEU A 649 -18.87 -1.69 -50.79
C LEU A 649 -17.38 -1.96 -50.89
N MET A 650 -16.58 -1.07 -50.29
CA MET A 650 -15.13 -1.25 -50.26
C MET A 650 -14.75 -1.99 -48.99
N ASP A 651 -13.98 -3.06 -49.15
CA ASP A 651 -13.48 -3.83 -48.02
C ASP A 651 -11.97 -3.58 -47.91
N THR A 652 -11.62 -2.59 -47.09
CA THR A 652 -10.29 -2.58 -46.49
C THR A 652 -10.33 -3.53 -45.31
N PHE A 653 -9.24 -4.29 -45.12
CA PHE A 653 -9.23 -5.30 -44.07
C PHE A 653 -9.60 -4.70 -42.71
N PHE A 654 -9.31 -3.42 -42.50
CA PHE A 654 -9.61 -2.74 -41.25
C PHE A 654 -10.91 -1.96 -41.28
N GLN A 655 -11.52 -1.77 -42.46
CA GLN A 655 -12.71 -0.93 -42.59
C GLN A 655 -13.66 -1.52 -43.62
N ILE A 656 -14.90 -1.77 -43.21
CA ILE A 656 -15.99 -2.06 -44.13
C ILE A 656 -16.74 -0.76 -44.37
N LEU A 657 -16.74 -0.28 -45.61
CA LEU A 657 -17.30 1.01 -45.97
C LEU A 657 -18.35 0.85 -47.05
N ILE A 658 -19.54 1.38 -46.79
CA ILE A 658 -20.64 1.42 -47.76
C ILE A 658 -20.80 2.85 -48.21
N TYR A 659 -20.73 3.07 -49.52
CA TYR A 659 -20.80 4.41 -50.11
C TYR A 659 -22.06 4.52 -50.95
N HIS A 660 -22.87 5.54 -50.67
CA HIS A 660 -24.08 5.82 -51.42
C HIS A 660 -23.83 7.00 -52.35
N GLY A 661 -24.06 6.80 -53.63
CA GLY A 661 -23.88 7.86 -54.61
C GLY A 661 -24.85 9.00 -54.38
N GLU A 662 -24.60 10.11 -55.09
CA GLU A 662 -25.42 11.30 -54.91
C GLU A 662 -26.88 11.04 -55.26
N THR A 663 -27.13 10.27 -56.32
CA THR A 663 -28.50 9.98 -56.72
C THR A 663 -29.18 9.07 -55.69
N ILE A 664 -28.49 8.03 -55.25
CA ILE A 664 -29.11 7.12 -54.29
C ILE A 664 -29.21 7.76 -52.91
N ALA A 665 -28.29 8.66 -52.58
CA ALA A 665 -28.39 9.39 -51.31
C ALA A 665 -29.63 10.28 -51.31
N GLN A 666 -29.89 10.98 -52.41
CA GLN A 666 -31.12 11.75 -52.52
C GLN A 666 -32.34 10.85 -52.53
N TRP A 667 -32.26 9.72 -53.24
CA TRP A 667 -33.35 8.75 -53.22
C TRP A 667 -33.55 8.18 -51.82
N ARG A 668 -32.51 8.16 -51.00
CA ARG A 668 -32.59 7.68 -49.63
C ARG A 668 -33.01 8.77 -48.65
N LYS A 669 -32.51 9.99 -48.83
CA LYS A 669 -32.95 11.11 -48.00
C LYS A 669 -34.40 11.49 -48.30
N SER A 670 -34.92 11.11 -49.46
CA SER A 670 -36.31 11.41 -49.79
C SER A 670 -37.27 10.54 -48.98
N GLY A 671 -37.04 9.23 -48.99
CA GLY A 671 -37.89 8.32 -48.26
C GLY A 671 -38.51 7.24 -49.13
N TYR A 672 -37.90 7.00 -50.29
CA TYR A 672 -38.41 6.00 -51.22
C TYR A 672 -38.39 4.59 -50.64
N GLN A 673 -37.56 4.34 -49.63
CA GLN A 673 -37.40 2.98 -49.11
C GLN A 673 -38.65 2.52 -48.37
N ASP A 674 -39.23 3.39 -47.56
CA ASP A 674 -40.37 2.99 -46.74
C ASP A 674 -41.63 2.72 -47.56
N MET A 675 -41.71 3.27 -48.77
CA MET A 675 -42.88 3.05 -49.60
C MET A 675 -42.87 1.63 -50.15
N PRO A 676 -44.02 0.93 -50.14
CA PRO A 676 -44.07 -0.41 -50.73
C PRO A 676 -43.89 -0.40 -52.24
N GLU A 677 -43.92 0.77 -52.89
CA GLU A 677 -43.70 0.84 -54.32
C GLU A 677 -42.28 0.43 -54.69
N TYR A 678 -41.32 0.72 -53.81
CA TYR A 678 -39.91 0.49 -54.13
C TYR A 678 -39.30 -0.58 -53.23
N GLU A 679 -39.90 -1.77 -53.23
CA GLU A 679 -39.27 -2.91 -52.55
C GLU A 679 -37.94 -3.26 -53.21
N ASN A 680 -37.79 -2.95 -54.50
CA ASN A 680 -36.51 -3.14 -55.17
C ASN A 680 -35.46 -2.14 -54.67
N PHE A 681 -35.89 -0.93 -54.30
CA PHE A 681 -34.96 0.03 -53.73
C PHE A 681 -34.55 -0.36 -52.30
N ARG A 682 -35.39 -1.13 -51.61
CA ARG A 682 -34.98 -1.68 -50.33
C ARG A 682 -33.92 -2.77 -50.50
N HIS A 683 -34.09 -3.61 -51.52
CA HIS A 683 -33.05 -4.59 -51.85
C HIS A 683 -31.73 -3.89 -52.15
N LEU A 684 -31.78 -2.76 -52.86
CA LEU A 684 -30.56 -2.06 -53.22
C LEU A 684 -29.86 -1.48 -51.99
N LEU A 685 -30.62 -0.87 -51.08
CA LEU A 685 -30.01 -0.22 -49.93
C LEU A 685 -29.51 -1.21 -48.90
N GLN A 686 -29.99 -2.47 -48.92
CA GLN A 686 -29.60 -3.46 -47.93
C GLN A 686 -28.78 -4.60 -48.52
N ALA A 687 -28.61 -4.64 -49.84
CA ALA A 687 -27.74 -5.66 -50.43
C ALA A 687 -26.29 -5.52 -49.97
N PRO A 688 -25.67 -4.33 -49.94
CA PRO A 688 -24.31 -4.25 -49.38
C PRO A 688 -24.28 -4.48 -47.87
N VAL A 689 -25.37 -4.19 -47.17
CA VAL A 689 -25.41 -4.44 -45.73
C VAL A 689 -25.39 -5.94 -45.45
N ASP A 690 -26.14 -6.72 -46.22
CA ASP A 690 -26.17 -8.16 -46.01
C ASP A 690 -24.81 -8.80 -46.27
N ASP A 691 -24.18 -8.41 -47.39
CA ASP A 691 -22.85 -8.94 -47.69
C ASP A 691 -21.82 -8.48 -46.67
N ALA A 692 -22.04 -7.33 -46.04
CA ALA A 692 -21.09 -6.83 -45.04
C ALA A 692 -21.17 -7.63 -43.75
N GLN A 693 -22.38 -8.04 -43.34
CA GLN A 693 -22.54 -8.74 -42.07
C GLN A 693 -21.77 -10.06 -42.05
N GLU A 694 -21.68 -10.74 -43.20
CA GLU A 694 -20.97 -12.02 -43.25
C GLU A 694 -19.51 -11.85 -42.88
N ILE A 695 -18.81 -10.97 -43.60
CA ILE A 695 -17.39 -10.74 -43.32
C ILE A 695 -17.17 -9.87 -42.10
N LEU A 696 -18.23 -9.36 -41.49
CA LEU A 696 -18.15 -8.60 -40.25
C LEU A 696 -18.12 -9.49 -39.01
N HIS A 697 -18.10 -10.81 -39.18
CA HIS A 697 -18.10 -11.73 -38.06
C HIS A 697 -16.94 -12.71 -38.13
N SER A 698 -16.55 -13.11 -39.33
CA SER A 698 -15.44 -14.06 -39.48
C SER A 698 -14.09 -13.40 -39.21
N ARG A 699 -13.91 -12.16 -39.67
CA ARG A 699 -12.65 -11.45 -39.47
C ARG A 699 -12.42 -11.21 -37.98
N PHE A 700 -11.23 -11.62 -37.48
CA PHE A 700 -10.97 -11.49 -36.05
C PHE A 700 -10.91 -10.03 -35.61
N PRO A 701 -10.01 -9.18 -36.16
CA PRO A 701 -10.09 -7.76 -35.80
C PRO A 701 -11.29 -7.14 -36.47
N MET A 702 -12.43 -7.16 -35.79
CA MET A 702 -13.69 -6.73 -36.37
C MET A 702 -13.54 -5.35 -37.00
N PRO A 703 -13.72 -5.22 -38.31
CA PRO A 703 -13.46 -3.93 -38.96
C PRO A 703 -14.51 -2.89 -38.59
N ARG A 704 -14.08 -1.64 -38.59
CA ARG A 704 -14.99 -0.54 -38.28
C ARG A 704 -15.97 -0.35 -39.44
N TYR A 705 -17.26 -0.41 -39.13
CA TYR A 705 -18.30 -0.27 -40.14
C TYR A 705 -18.60 1.20 -40.38
N ILE A 706 -18.60 1.59 -41.66
CA ILE A 706 -18.79 2.98 -42.05
C ILE A 706 -19.95 3.06 -43.02
N ASP A 707 -20.89 3.97 -42.75
CA ASP A 707 -22.04 4.23 -43.62
C ASP A 707 -21.96 5.71 -44.00
N THR A 708 -21.45 5.99 -45.19
CA THR A 708 -21.27 7.35 -45.68
C THR A 708 -21.92 7.49 -47.05
N GLU A 709 -21.86 8.70 -47.60
CA GLU A 709 -22.39 8.99 -48.92
C GLU A 709 -21.60 10.14 -49.53
N HIS A 710 -22.02 10.57 -50.72
CA HIS A 710 -21.39 11.72 -51.36
C HIS A 710 -21.62 12.96 -50.52
N GLY A 711 -20.55 13.73 -50.31
CA GLY A 711 -20.60 14.87 -49.42
C GLY A 711 -20.44 14.52 -47.96
N GLY A 712 -20.58 13.25 -47.58
CA GLY A 712 -20.37 12.86 -46.21
C GLY A 712 -18.92 12.96 -45.79
N SER A 713 -18.71 13.06 -44.47
CA SER A 713 -17.37 13.21 -43.94
C SER A 713 -16.55 11.94 -44.15
N GLN A 714 -17.11 10.79 -43.77
CA GLN A 714 -16.38 9.53 -43.82
C GLN A 714 -16.18 9.01 -45.23
N ALA A 715 -16.64 9.73 -46.26
CA ALA A 715 -16.33 9.38 -47.64
C ALA A 715 -14.86 9.61 -47.98
N ARG A 716 -14.08 10.18 -47.06
CA ARG A 716 -12.66 10.40 -47.30
C ARG A 716 -11.90 9.07 -47.42
N PHE A 717 -12.30 8.07 -46.62
CA PHE A 717 -11.60 6.79 -46.66
C PHE A 717 -11.73 6.13 -48.03
N LEU A 718 -12.83 6.39 -48.74
CA LEU A 718 -13.00 5.82 -50.07
C LEU A 718 -12.13 6.52 -51.10
N LEU A 719 -12.06 7.85 -51.02
CA LEU A 719 -11.36 8.63 -52.04
C LEU A 719 -9.84 8.57 -51.89
N SER A 720 -9.33 8.12 -50.75
CA SER A 720 -7.89 8.06 -50.53
C SER A 720 -7.29 6.72 -50.95
N LYS A 721 -8.08 5.64 -50.89
CA LYS A 721 -7.63 4.34 -51.39
C LYS A 721 -7.84 4.17 -52.88
N VAL A 722 -8.59 5.07 -53.51
CA VAL A 722 -9.05 4.91 -54.89
C VAL A 722 -7.97 5.40 -55.85
N ASN A 723 -8.31 5.51 -57.14
CA ASN A 723 -7.45 6.08 -58.16
C ASN A 723 -6.23 5.20 -58.44
N ASP A 746 4.02 7.67 -58.43
CA ASP A 746 3.97 9.11 -58.72
C ASP A 746 2.63 9.72 -58.37
N VAL A 747 1.69 9.68 -59.31
CA VAL A 747 0.38 10.30 -59.12
C VAL A 747 -0.70 9.22 -59.25
N SER A 748 -1.11 8.92 -60.47
CA SER A 748 -2.12 7.90 -60.73
C SER A 748 -1.47 6.70 -61.41
N LEU A 749 -2.23 5.60 -61.48
CA LEU A 749 -1.70 4.36 -62.02
C LEU A 749 -1.31 4.52 -63.49
N GLN A 750 -2.12 5.24 -64.27
CA GLN A 750 -1.80 5.46 -65.67
C GLN A 750 -0.46 6.18 -65.81
N VAL A 751 -0.28 7.27 -65.07
CA VAL A 751 1.00 7.98 -65.11
C VAL A 751 2.11 7.13 -64.50
N PHE A 752 1.79 6.37 -63.44
CA PHE A 752 2.79 5.53 -62.79
C PHE A 752 3.29 4.45 -63.74
N MET A 753 2.39 3.88 -64.55
CA MET A 753 2.81 2.85 -65.50
C MET A 753 3.66 3.43 -66.62
N ASP A 754 3.26 4.58 -67.15
CA ASP A 754 4.02 5.21 -68.23
C ASP A 754 5.44 5.52 -67.78
N HIS A 755 5.60 6.04 -66.56
CA HIS A 755 6.94 6.30 -66.04
C HIS A 755 7.73 5.01 -65.86
N LEU A 756 7.04 3.93 -65.45
CA LEU A 756 7.72 2.66 -65.27
C LEU A 756 8.20 2.08 -66.59
N LYS A 757 7.37 2.16 -67.63
CA LYS A 757 7.75 1.61 -68.93
C LYS A 757 8.90 2.39 -69.56
N LYS A 758 8.96 3.71 -69.32
CA LYS A 758 10.07 4.49 -69.83
C LYS A 758 11.39 4.07 -69.22
N LEU A 759 11.38 3.65 -67.95
CA LEU A 759 12.58 3.19 -67.28
C LEU A 759 12.88 1.71 -67.53
N ALA A 760 11.84 0.91 -67.77
CA ALA A 760 12.07 -0.51 -68.03
C ALA A 760 12.76 -0.71 -69.38
N VAL A 761 12.32 0.01 -70.41
CA VAL A 761 12.93 -0.10 -71.73
C VAL A 761 14.22 0.69 -71.87
N SER A 762 14.57 1.50 -70.86
CA SER A 762 15.78 2.32 -70.93
C SER A 762 16.98 1.55 -70.43
N SER A 763 17.94 2.27 -69.84
CA SER A 763 19.16 1.64 -69.37
C SER A 763 18.88 0.64 -68.25
N ALA A 764 19.65 -0.44 -68.24
CA ALA A 764 19.51 -1.49 -67.23
C ALA A 764 20.37 -1.19 -66.01
N LEU B 3 8.19 16.72 65.96
CA LEU B 3 9.52 17.28 66.05
C LEU B 3 10.46 16.33 66.79
N ARG B 4 9.89 15.30 67.41
CA ARG B 4 10.67 14.35 68.19
C ARG B 4 11.64 13.58 67.29
N VAL B 5 12.65 12.98 67.91
CA VAL B 5 13.66 12.21 67.21
C VAL B 5 13.44 10.74 67.50
N VAL B 6 13.57 9.91 66.46
CA VAL B 6 13.26 8.49 66.53
C VAL B 6 14.55 7.69 66.38
N ASN B 7 14.70 6.68 67.24
CA ASN B 7 15.84 5.75 67.18
C ASN B 7 15.35 4.49 66.47
N LEU B 8 15.76 4.33 65.20
CA LEU B 8 15.26 3.23 64.39
C LEU B 8 15.69 1.86 64.90
N LEU B 9 16.74 1.81 65.74
CA LEU B 9 17.25 0.53 66.23
C LEU B 9 16.44 -0.04 67.39
N GLN B 10 15.53 0.74 67.98
CA GLN B 10 14.69 0.26 69.07
C GLN B 10 13.23 0.13 68.69
N GLU B 11 12.76 0.84 67.65
CA GLU B 11 11.36 0.77 67.26
C GLU B 11 11.05 -0.53 66.55
N ARG B 12 11.51 -0.66 65.30
CA ARG B 12 11.25 -1.79 64.42
C ARG B 12 9.76 -1.98 64.15
N ASN B 13 8.92 -1.02 64.51
CA ASN B 13 7.48 -1.06 64.27
C ASN B 13 6.96 0.33 63.96
N MET B 14 7.72 1.08 63.16
CA MET B 14 7.40 2.49 62.88
C MET B 14 6.37 2.66 61.76
N LEU B 15 6.03 1.60 61.05
CA LEU B 15 5.03 1.72 59.98
C LEU B 15 3.66 1.90 60.58
N PRO B 16 2.94 2.99 60.30
CA PRO B 16 1.64 3.21 60.91
C PRO B 16 0.61 2.19 60.43
N SER B 17 -0.39 1.95 61.28
CA SER B 17 -1.47 1.01 60.96
C SER B 17 -2.44 1.57 59.93
N THR B 18 -2.49 2.88 59.77
CA THR B 18 -3.33 3.54 58.78
C THR B 18 -2.50 4.00 57.59
N PRO B 19 -3.13 4.27 56.44
CA PRO B 19 -2.36 4.72 55.28
C PRO B 19 -1.60 6.01 55.57
N LEU B 20 -0.57 6.25 54.75
CA LEU B 20 0.30 7.40 54.92
C LEU B 20 -0.30 8.62 54.22
N LYS B 21 -0.29 9.76 54.92
CA LYS B 21 -0.77 11.01 54.38
C LYS B 21 0.39 11.95 54.06
N PRO B 22 0.30 12.73 52.98
CA PRO B 22 1.38 13.64 52.65
C PRO B 22 1.48 14.76 53.67
N PRO B 23 2.67 15.31 53.88
CA PRO B 23 2.83 16.37 54.89
C PRO B 23 2.08 17.63 54.50
N VAL B 24 1.63 18.36 55.51
CA VAL B 24 0.98 19.65 55.33
C VAL B 24 2.07 20.72 55.37
N PRO B 25 2.27 21.48 54.30
CA PRO B 25 3.30 22.52 54.31
C PRO B 25 3.08 23.53 55.42
N ASN B 26 4.17 23.92 56.09
CA ASN B 26 4.08 24.86 57.20
C ASN B 26 3.74 26.25 56.70
N LEU B 27 2.48 26.45 56.29
CA LEU B 27 2.03 27.71 55.71
C LEU B 27 0.92 28.31 56.56
N HIS B 28 0.56 29.54 56.23
CA HIS B 28 -0.56 30.20 56.89
C HIS B 28 -1.86 29.43 56.61
N GLU B 29 -2.80 29.54 57.54
CA GLU B 29 -4.03 28.76 57.46
C GLU B 29 -4.83 29.10 56.22
N ASP B 30 -4.83 30.38 55.82
CA ASP B 30 -5.60 30.80 54.65
C ASP B 30 -4.89 30.50 53.34
N ILE B 31 -3.57 30.32 53.36
CA ILE B 31 -2.83 30.02 52.14
C ILE B 31 -2.79 28.52 51.88
N GLN B 32 -2.61 27.71 52.92
CA GLN B 32 -2.58 26.27 52.77
C GLN B 32 -3.93 25.72 52.33
N LYS B 33 -5.02 26.35 52.77
CA LYS B 33 -6.36 25.88 52.39
C LYS B 33 -6.63 26.04 50.90
N LEU B 34 -5.90 26.93 50.23
CA LEU B 34 -6.02 27.11 48.79
C LEU B 34 -4.97 26.33 48.00
N ASN B 35 -4.07 25.62 48.69
CA ASN B 35 -2.98 24.95 48.02
C ASN B 35 -3.48 23.82 47.12
N CYS B 36 -2.63 23.43 46.18
CA CYS B 36 -2.99 22.39 45.22
C CYS B 36 -3.15 21.05 45.92
N ASN B 37 -3.98 20.19 45.33
CA ASN B 37 -4.16 18.86 45.87
C ASN B 37 -2.85 18.10 45.80
N PRO B 38 -2.39 17.51 46.92
CA PRO B 38 -1.07 16.85 46.91
C PRO B 38 -0.99 15.66 45.96
N GLU B 39 -2.12 15.16 45.45
CA GLU B 39 -2.07 14.08 44.46
C GLU B 39 -1.68 14.59 43.09
N LEU B 40 -2.12 15.80 42.73
CA LEU B 40 -1.77 16.38 41.44
C LEU B 40 -0.39 16.99 41.44
N PHE B 41 0.07 17.49 42.59
CA PHE B 41 1.31 18.26 42.64
C PHE B 41 1.86 18.18 44.05
N ARG B 42 3.08 17.65 44.20
CA ARG B 42 3.72 17.59 45.50
C ARG B 42 5.23 17.68 45.33
N CYS B 43 5.89 18.14 46.38
CA CYS B 43 7.33 18.36 46.37
C CYS B 43 8.02 17.48 47.40
N THR B 44 9.30 17.20 47.16
CA THR B 44 10.06 16.39 48.10
C THR B 44 10.22 17.10 49.43
N LEU B 45 10.49 18.40 49.40
CA LEU B 45 10.69 19.22 50.59
C LEU B 45 9.60 20.28 50.62
N THR B 46 8.60 20.09 51.48
CA THR B 46 7.53 21.08 51.61
C THR B 46 8.07 22.41 52.12
N SER B 47 9.19 22.40 52.85
CA SER B 47 9.89 23.61 53.27
C SER B 47 11.13 23.75 52.40
N ILE B 48 11.09 24.70 51.47
CA ILE B 48 12.17 24.85 50.49
C ILE B 48 13.41 25.42 51.17
N PRO B 49 14.60 24.86 50.95
CA PRO B 49 15.80 25.46 51.53
C PRO B 49 16.17 26.76 50.82
N GLN B 50 16.63 27.73 51.60
CA GLN B 50 16.80 29.09 51.09
C GLN B 50 17.91 29.17 50.05
N THR B 51 19.00 28.44 50.26
CA THR B 51 20.16 28.49 49.37
C THR B 51 20.50 27.08 48.91
N GLN B 52 21.35 27.02 47.87
CA GLN B 52 21.84 25.72 47.40
C GLN B 52 22.77 25.07 48.41
N ALA B 53 23.53 25.88 49.15
CA ALA B 53 24.43 25.34 50.16
C ALA B 53 23.66 24.63 51.26
N LEU B 54 22.49 25.15 51.63
CA LEU B 54 21.65 24.46 52.61
C LEU B 54 21.06 23.18 52.02
N LEU B 55 20.72 23.20 50.73
CA LEU B 55 20.20 21.99 50.09
C LEU B 55 21.25 20.91 50.02
N ASN B 56 22.50 21.27 49.67
CA ASN B 56 23.56 20.27 49.58
C ASN B 56 23.92 19.73 50.95
N LYS B 57 23.84 20.56 52.00
CA LYS B 57 24.15 20.08 53.34
C LYS B 57 23.14 19.04 53.81
N ALA B 58 21.86 19.25 53.52
CA ALA B 58 20.83 18.30 53.93
C ALA B 58 20.94 16.98 53.18
N LYS B 59 21.61 16.97 52.03
CA LYS B 59 21.83 15.74 51.24
C LYS B 59 20.51 15.07 50.85
N LEU B 60 19.45 15.86 50.70
CA LEU B 60 18.17 15.36 50.23
C LEU B 60 17.83 15.99 48.89
N PRO B 61 17.31 15.22 47.93
CA PRO B 61 17.03 15.77 46.61
C PRO B 61 15.82 16.69 46.63
N LEU B 62 15.95 17.83 45.98
CA LEU B 62 14.86 18.77 45.80
C LEU B 62 14.21 18.52 44.44
N GLY B 63 12.89 18.41 44.42
CA GLY B 63 12.21 18.15 43.17
C GLY B 63 10.71 18.09 43.35
N LEU B 64 10.02 17.98 42.21
CA LEU B 64 8.57 17.94 42.15
C LEU B 64 8.11 16.64 41.49
N LEU B 65 6.94 16.17 41.91
CA LEU B 65 6.28 15.01 41.31
C LEU B 65 4.84 15.41 41.02
N LEU B 66 4.46 15.36 39.75
CA LEU B 66 3.17 15.89 39.31
C LEU B 66 2.40 14.85 38.51
N HIS B 67 1.09 14.78 38.77
CA HIS B 67 0.14 13.94 38.05
C HIS B 67 -0.86 14.89 37.40
N PRO B 68 -0.48 15.54 36.31
CA PRO B 68 -1.24 16.73 35.88
C PRO B 68 -2.61 16.44 35.28
N PHE B 69 -2.76 15.33 34.56
CA PHE B 69 -4.00 15.05 33.84
C PHE B 69 -4.89 14.05 34.57
N LYS B 70 -4.69 13.87 35.87
CA LYS B 70 -5.48 12.91 36.64
C LYS B 70 -6.96 13.26 36.60
N ASP B 71 -7.79 12.22 36.56
CA ASP B 71 -9.24 12.41 36.62
C ASP B 71 -9.63 13.09 37.93
N LEU B 72 -10.51 14.08 37.82
CA LEU B 72 -10.92 14.89 38.96
C LEU B 72 -12.41 14.74 39.22
N VAL B 73 -12.78 14.76 40.51
CA VAL B 73 -14.20 14.77 40.87
C VAL B 73 -14.87 16.05 40.40
N GLN B 74 -14.17 17.17 40.53
CA GLN B 74 -14.70 18.48 40.15
C GLN B 74 -13.57 19.30 39.52
N LEU B 75 -13.91 20.09 38.50
CA LEU B 75 -12.92 20.90 37.82
C LEU B 75 -13.52 22.23 37.38
N PRO B 76 -13.09 23.34 37.97
CA PRO B 76 -13.57 24.66 37.50
C PRO B 76 -13.04 24.96 36.11
N VAL B 77 -13.96 25.31 35.21
CA VAL B 77 -13.64 25.60 33.81
C VAL B 77 -13.97 27.07 33.56
N VAL B 78 -12.93 27.89 33.38
CA VAL B 78 -13.10 29.30 33.09
C VAL B 78 -13.15 29.51 31.58
N THR B 79 -14.09 30.32 31.13
CA THR B 79 -14.28 30.64 29.72
C THR B 79 -14.19 32.15 29.49
N SER B 80 -13.31 32.81 30.22
CA SER B 80 -13.18 34.26 30.11
C SER B 80 -12.71 34.66 28.73
N SER B 81 -13.17 35.82 28.27
CA SER B 81 -12.79 36.35 26.97
C SER B 81 -11.32 36.72 26.90
N THR B 82 -10.61 36.74 28.03
CA THR B 82 -9.18 36.97 28.06
C THR B 82 -8.57 36.12 29.17
N ILE B 83 -7.31 35.73 28.96
CA ILE B 83 -6.59 34.89 29.91
C ILE B 83 -5.56 35.78 30.60
N VAL B 84 -5.73 35.99 31.90
CA VAL B 84 -4.88 36.89 32.67
C VAL B 84 -3.56 36.19 32.94
N ARG B 85 -2.49 36.66 32.29
CA ARG B 85 -1.15 36.12 32.48
C ARG B 85 -0.18 37.27 32.74
N CYS B 86 0.86 36.97 33.52
CA CYS B 86 1.88 37.98 33.82
C CYS B 86 2.58 38.41 32.54
N ARG B 87 2.74 39.72 32.37
CA ARG B 87 3.34 40.27 31.16
C ARG B 87 4.82 39.94 31.02
N SER B 88 5.46 39.37 32.05
CA SER B 88 6.88 39.06 31.98
C SER B 88 7.12 37.58 31.69
N CYS B 89 6.78 36.71 32.64
CA CYS B 89 7.05 35.29 32.53
C CYS B 89 5.84 34.47 32.10
N ARG B 90 4.76 35.14 31.69
CA ARG B 90 3.55 34.48 31.17
C ARG B 90 2.92 33.55 32.19
N THR B 91 3.11 33.82 33.47
CA THR B 91 2.50 33.01 34.52
C THR B 91 1.01 33.36 34.63
N TYR B 92 0.17 32.32 34.61
CA TYR B 92 -1.27 32.53 34.77
C TYR B 92 -1.57 33.02 36.18
N ILE B 93 -2.59 33.88 36.28
CA ILE B 93 -2.98 34.42 37.57
C ILE B 93 -3.47 33.30 38.46
N ASN B 94 -2.90 33.19 39.65
CA ASN B 94 -3.11 32.07 40.55
C ASN B 94 -3.48 32.58 41.94
N PRO B 95 -4.04 31.70 42.79
CA PRO B 95 -4.43 32.15 44.14
C PRO B 95 -3.27 32.66 44.99
N PHE B 96 -2.02 32.49 44.57
CA PHE B 96 -0.87 32.85 45.39
C PHE B 96 -0.17 34.11 44.88
N VAL B 97 -0.87 34.95 44.13
CA VAL B 97 -0.34 36.25 43.75
C VAL B 97 -0.60 37.23 44.88
N SER B 98 -0.14 38.46 44.75
CA SER B 98 -0.33 39.50 45.76
C SER B 98 -1.09 40.66 45.14
N PHE B 99 -2.30 40.91 45.64
CA PHE B 99 -3.09 42.06 45.24
C PHE B 99 -2.74 43.26 46.13
N LEU B 100 -2.38 44.37 45.49
CA LEU B 100 -2.06 45.58 46.24
C LEU B 100 -3.04 46.70 45.91
N ASP B 101 -2.92 47.30 44.73
CA ASP B 101 -3.76 48.43 44.35
C ASP B 101 -5.19 48.04 44.01
N GLN B 102 -5.64 46.82 44.27
CA GLN B 102 -6.97 46.34 43.90
C GLN B 102 -7.13 46.23 42.39
N ARG B 103 -6.36 47.02 41.64
CA ARG B 103 -6.31 46.94 40.19
C ARG B 103 -4.91 46.59 39.69
N ARG B 104 -4.05 46.10 40.58
CA ARG B 104 -2.70 45.67 40.23
C ARG B 104 -2.32 44.50 41.11
N TRP B 105 -1.69 43.48 40.51
CA TRP B 105 -1.28 42.29 41.22
C TRP B 105 0.20 42.01 40.98
N LYS B 106 0.85 41.50 42.02
CA LYS B 106 2.27 41.15 41.94
C LYS B 106 2.42 39.69 41.57
N CYS B 107 3.23 39.41 40.56
CA CYS B 107 3.46 38.04 40.12
C CYS B 107 4.30 37.30 41.16
N ASN B 108 3.81 36.14 41.59
CA ASN B 108 4.51 35.37 42.61
C ASN B 108 5.76 34.66 42.09
N LEU B 109 6.01 34.70 40.79
CA LEU B 109 7.17 34.03 40.20
C LEU B 109 8.26 34.99 39.75
N CYS B 110 7.91 36.12 39.14
CA CYS B 110 8.90 37.10 38.69
C CYS B 110 8.77 38.44 39.37
N TYR B 111 7.83 38.61 40.32
CA TYR B 111 7.73 39.78 41.18
C TYR B 111 7.33 41.04 40.42
N ARG B 112 7.15 40.96 39.11
CA ARG B 112 6.71 42.12 38.34
C ARG B 112 5.24 42.41 38.62
N VAL B 113 4.90 43.68 38.74
CA VAL B 113 3.53 44.11 38.97
C VAL B 113 2.81 44.19 37.64
N ASN B 114 1.57 43.69 37.61
CA ASN B 114 0.75 43.69 36.41
C ASN B 114 -0.52 44.49 36.66
N ASP B 115 -1.26 44.74 35.57
CA ASP B 115 -2.52 45.45 35.62
C ASP B 115 -3.68 44.48 35.49
N VAL B 116 -4.71 44.66 36.32
CA VAL B 116 -5.91 43.82 36.27
C VAL B 116 -6.83 44.35 35.19
N PRO B 117 -7.17 43.55 34.19
CA PRO B 117 -8.04 44.04 33.10
C PRO B 117 -9.47 44.24 33.57
N GLU B 118 -10.17 45.15 32.89
CA GLU B 118 -11.57 45.43 33.18
C GLU B 118 -12.45 44.26 32.71
N GLU B 119 -12.16 43.06 33.20
CA GLU B 119 -12.86 41.86 32.76
C GLU B 119 -12.82 40.79 33.85
N GLU B 131 -14.64 43.09 43.20
CA GLU B 131 -13.76 42.20 43.95
C GLU B 131 -12.99 41.27 43.01
N PRO B 132 -11.75 41.65 42.69
CA PRO B 132 -10.95 40.83 41.77
C PRO B 132 -10.40 39.57 42.42
N HIS B 133 -10.15 39.64 43.73
CA HIS B 133 -9.64 38.47 44.43
C HIS B 133 -10.70 37.38 44.57
N ARG B 134 -11.97 37.71 44.33
CA ARG B 134 -13.05 36.73 44.32
C ARG B 134 -13.21 36.05 42.97
N ARG B 135 -12.38 36.41 41.99
CA ARG B 135 -12.45 35.78 40.68
C ARG B 135 -12.05 34.31 40.80
N PRO B 136 -12.74 33.41 40.08
CA PRO B 136 -12.41 31.98 40.20
C PRO B 136 -10.97 31.64 39.86
N GLU B 137 -10.30 32.44 39.03
CA GLU B 137 -8.90 32.20 38.73
C GLU B 137 -7.99 32.42 39.93
N VAL B 138 -8.51 32.99 41.02
CA VAL B 138 -7.74 33.26 42.22
C VAL B 138 -8.22 32.46 43.42
N GLN B 139 -9.22 31.59 43.25
CA GLN B 139 -9.74 30.79 44.33
C GLN B 139 -9.63 29.30 44.08
N ASN B 140 -8.86 28.88 43.06
CA ASN B 140 -8.69 27.48 42.74
C ASN B 140 -7.27 27.24 42.25
N ALA B 141 -6.53 26.39 42.95
CA ALA B 141 -5.18 26.07 42.53
C ALA B 141 -5.15 25.16 41.31
N THR B 142 -6.26 24.49 41.01
CA THR B 142 -6.40 23.67 39.81
C THR B 142 -7.58 24.20 39.01
N ILE B 143 -7.32 24.61 37.77
CA ILE B 143 -8.32 25.26 36.94
C ILE B 143 -8.02 24.92 35.48
N GLU B 144 -9.02 25.11 34.63
CA GLU B 144 -8.89 24.85 33.20
C GLU B 144 -9.45 26.00 32.41
N PHE B 145 -8.69 26.48 31.42
CA PHE B 145 -9.09 27.60 30.58
C PHE B 145 -9.53 27.11 29.21
N MET B 146 -10.15 28.01 28.46
CA MET B 146 -10.47 27.80 27.04
C MET B 146 -9.49 28.67 26.24
N ALA B 147 -8.48 28.01 25.68
CA ALA B 147 -7.38 28.74 25.06
C ALA B 147 -7.89 29.56 23.87
N PRO B 148 -7.41 30.79 23.69
CA PRO B 148 -7.81 31.58 22.51
C PRO B 148 -7.13 31.09 21.25
N SER B 149 -7.40 31.77 20.12
CA SER B 149 -6.94 31.29 18.83
C SER B 149 -5.43 31.32 18.67
N GLU B 150 -4.73 32.11 19.49
CA GLU B 150 -3.27 32.21 19.38
C GLU B 150 -2.54 31.02 20.00
N TYR B 151 -3.24 30.16 20.73
CA TYR B 151 -2.62 29.05 21.45
C TYR B 151 -2.68 27.75 20.66
N MET B 152 -2.78 27.82 19.34
CA MET B 152 -2.89 26.61 18.52
C MET B 152 -2.19 26.84 17.19
N LEU B 153 -1.30 25.90 16.83
CA LEU B 153 -0.60 25.98 15.56
C LEU B 153 -1.49 25.62 14.38
N ARG B 154 -2.58 24.91 14.63
CA ARG B 154 -3.46 24.42 13.58
C ARG B 154 -4.84 24.21 14.19
N PRO B 155 -5.87 24.00 13.37
CA PRO B 155 -7.18 23.69 13.92
C PRO B 155 -7.12 22.46 14.79
N PRO B 156 -7.99 22.37 15.81
CA PRO B 156 -7.98 21.20 16.70
C PRO B 156 -8.08 19.89 15.95
N GLN B 157 -7.09 19.01 16.13
CA GLN B 157 -7.06 17.77 15.38
C GLN B 157 -8.17 16.82 15.86
N PRO B 158 -8.70 16.00 14.97
CA PRO B 158 -9.70 15.01 15.38
C PRO B 158 -9.04 13.86 16.13
N PRO B 159 -9.80 13.12 16.94
CA PRO B 159 -9.24 11.91 17.58
C PRO B 159 -8.94 10.84 16.53
N VAL B 160 -7.69 10.41 16.49
CA VAL B 160 -7.21 9.43 15.51
C VAL B 160 -6.60 8.26 16.26
N TYR B 161 -7.06 7.05 15.95
CA TYR B 161 -6.58 5.84 16.61
C TYR B 161 -6.11 4.86 15.55
N LEU B 162 -4.84 4.46 15.63
CA LEU B 162 -4.25 3.49 14.73
C LEU B 162 -3.72 2.32 15.55
N PHE B 163 -4.21 1.13 15.27
CA PHE B 163 -3.81 -0.08 15.97
C PHE B 163 -2.94 -0.93 15.05
N VAL B 164 -1.75 -1.29 15.55
CA VAL B 164 -0.77 -2.04 14.77
C VAL B 164 -0.52 -3.35 15.50
N PHE B 165 -0.90 -4.47 14.87
CA PHE B 165 -0.88 -5.78 15.49
C PHE B 165 0.18 -6.67 14.88
N ASP B 166 0.93 -7.37 15.73
CA ASP B 166 1.82 -8.43 15.28
C ASP B 166 1.01 -9.67 14.96
N VAL B 167 1.21 -10.24 13.78
CA VAL B 167 0.41 -11.38 13.34
C VAL B 167 1.31 -12.53 12.90
N SER B 168 2.54 -12.56 13.41
CA SER B 168 3.45 -13.64 13.11
C SER B 168 2.95 -14.93 13.76
N HIS B 169 3.65 -16.04 13.46
CA HIS B 169 3.24 -17.34 13.98
C HIS B 169 3.24 -17.35 15.51
N ASN B 170 4.25 -16.73 16.12
CA ASN B 170 4.29 -16.67 17.58
C ASN B 170 3.14 -15.85 18.13
N ALA B 171 2.77 -14.77 17.44
CA ALA B 171 1.67 -13.94 17.90
C ALA B 171 0.34 -14.67 17.81
N VAL B 172 0.14 -15.42 16.72
CA VAL B 172 -1.10 -16.18 16.57
C VAL B 172 -1.22 -17.24 17.66
N GLU B 173 -0.09 -17.82 18.07
CA GLU B 173 -0.12 -18.83 19.13
C GLU B 173 -0.51 -18.23 20.48
N THR B 174 -0.12 -16.97 20.74
CA THR B 174 -0.46 -16.34 22.00
C THR B 174 -1.97 -16.17 22.16
N GLY B 175 -2.69 -15.93 21.06
CA GLY B 175 -4.11 -15.70 21.13
C GLY B 175 -4.50 -14.33 21.64
N TYR B 176 -3.60 -13.35 21.58
CA TYR B 176 -3.92 -12.02 22.08
C TYR B 176 -4.88 -11.30 21.15
N LEU B 177 -4.85 -11.61 19.85
CA LEU B 177 -5.70 -10.91 18.90
C LEU B 177 -7.18 -11.15 19.18
N ASN B 178 -7.52 -12.30 19.75
CA ASN B 178 -8.92 -12.60 20.03
C ASN B 178 -9.49 -11.66 21.08
N SER B 179 -8.80 -11.50 22.20
CA SER B 179 -9.30 -10.66 23.28
C SER B 179 -9.20 -9.18 22.93
N VAL B 180 -8.14 -8.79 22.20
CA VAL B 180 -7.97 -7.39 21.84
C VAL B 180 -9.07 -6.93 20.89
N CYS B 181 -9.45 -7.80 19.94
CA CYS B 181 -10.50 -7.43 19.00
C CYS B 181 -11.87 -7.44 19.65
N GLN B 182 -12.08 -8.31 20.66
CA GLN B 182 -13.36 -8.33 21.35
C GLN B 182 -13.54 -7.10 22.22
N SER B 183 -12.46 -6.65 22.87
CA SER B 183 -12.55 -5.43 23.67
C SER B 183 -12.82 -4.20 22.82
N LEU B 184 -12.30 -4.19 21.59
CA LEU B 184 -12.55 -3.07 20.69
C LEU B 184 -14.03 -3.01 20.29
N LEU B 185 -14.65 -4.16 20.05
CA LEU B 185 -16.06 -4.18 19.68
C LEU B 185 -16.94 -3.73 20.84
N ASP B 186 -16.61 -4.13 22.06
CA ASP B 186 -17.42 -3.74 23.21
C ASP B 186 -17.29 -2.25 23.51
N ASN B 187 -16.11 -1.69 23.30
CA ASN B 187 -15.82 -0.30 23.62
C ASN B 187 -15.65 0.57 22.38
N LEU B 188 -16.40 0.27 21.32
CA LEU B 188 -16.30 1.07 20.11
C LEU B 188 -17.02 2.41 20.28
N ASP B 189 -18.19 2.40 20.91
CA ASP B 189 -18.90 3.63 21.19
C ASP B 189 -18.26 4.42 22.33
N LEU B 190 -17.53 3.75 23.22
CA LEU B 190 -16.94 4.37 24.39
C LEU B 190 -15.56 4.97 24.12
N LEU B 191 -15.10 4.96 22.87
CA LEU B 191 -13.86 5.62 22.54
C LEU B 191 -14.03 7.13 22.61
N PRO B 192 -13.08 7.84 23.21
CA PRO B 192 -13.21 9.31 23.31
C PRO B 192 -13.19 9.96 21.93
N GLY B 193 -14.12 10.89 21.74
CA GLY B 193 -14.19 11.62 20.47
C GLY B 193 -15.61 11.94 20.06
N ASN B 194 -15.76 12.80 19.06
CA ASN B 194 -17.03 13.20 18.50
C ASN B 194 -17.22 12.55 17.13
N THR B 195 -17.95 13.19 16.24
CA THR B 195 -18.20 12.65 14.90
C THR B 195 -16.99 12.79 13.98
N ARG B 196 -15.90 13.37 14.45
CA ARG B 196 -14.68 13.50 13.66
C ARG B 196 -13.70 12.37 13.90
N THR B 197 -14.06 11.40 14.74
CA THR B 197 -13.11 10.36 15.12
C THR B 197 -12.70 9.51 13.93
N LYS B 198 -11.41 9.25 13.81
CA LYS B 198 -10.86 8.40 12.76
C LYS B 198 -10.16 7.20 13.38
N ILE B 199 -10.28 6.05 12.74
CA ILE B 199 -9.71 4.81 13.23
C ILE B 199 -9.06 4.06 12.07
N GLY B 200 -7.98 3.34 12.36
CA GLY B 200 -7.26 2.60 11.35
C GLY B 200 -6.66 1.33 11.93
N PHE B 201 -6.27 0.44 11.03
CA PHE B 201 -5.73 -0.86 11.41
C PHE B 201 -4.56 -1.23 10.52
N ILE B 202 -3.52 -1.81 11.12
CA ILE B 202 -2.36 -2.32 10.40
C ILE B 202 -1.91 -3.61 11.08
N THR B 203 -1.74 -4.67 10.30
CA THR B 203 -1.09 -5.88 10.77
C THR B 203 0.20 -6.08 9.99
N PHE B 204 1.09 -6.90 10.54
CA PHE B 204 2.40 -7.04 9.93
C PHE B 204 3.10 -8.28 10.47
N ASP B 205 3.89 -8.92 9.60
CA ASP B 205 4.84 -9.95 10.01
C ASP B 205 6.17 -9.64 9.36
N SER B 206 6.44 -10.27 8.21
CA SER B 206 7.53 -9.84 7.33
C SER B 206 7.07 -8.82 6.31
N THR B 207 5.77 -8.63 6.16
CA THR B 207 5.20 -7.65 5.24
C THR B 207 4.19 -6.80 6.00
N ILE B 208 3.94 -5.60 5.49
CA ILE B 208 3.03 -4.65 6.11
C ILE B 208 1.66 -4.76 5.46
N HIS B 209 0.62 -4.90 6.28
CA HIS B 209 -0.73 -5.13 5.78
C HIS B 209 -1.62 -3.94 6.17
N PHE B 210 -2.14 -3.24 5.18
CA PHE B 210 -3.12 -2.19 5.39
C PHE B 210 -4.53 -2.74 5.13
N TYR B 211 -5.52 -2.01 5.62
CA TYR B 211 -6.91 -2.47 5.58
C TYR B 211 -7.82 -1.31 5.19
N GLY B 212 -8.19 -1.26 3.91
CA GLY B 212 -9.12 -0.24 3.46
C GLY B 212 -10.56 -0.62 3.77
N LEU B 213 -11.36 0.41 4.04
CA LEU B 213 -12.76 0.24 4.45
C LEU B 213 -13.64 1.15 3.61
N GLN B 214 -14.51 0.56 2.79
CA GLN B 214 -15.43 1.31 1.95
C GLN B 214 -16.81 0.67 1.99
N GLU B 215 -17.85 1.50 2.06
CA GLU B 215 -19.21 1.00 2.07
C GLU B 215 -19.63 0.46 0.71
N SER B 216 -18.93 0.84 -0.36
CA SER B 216 -19.24 0.36 -1.70
C SER B 216 -18.69 -1.04 -1.97
N LEU B 217 -17.88 -1.58 -1.07
CA LEU B 217 -17.27 -2.88 -1.24
C LEU B 217 -17.92 -3.89 -0.30
N SER B 218 -18.01 -5.14 -0.76
CA SER B 218 -18.65 -6.19 0.02
C SER B 218 -17.90 -6.49 1.31
N GLN B 219 -16.59 -6.24 1.32
CA GLN B 219 -15.80 -6.49 2.52
C GLN B 219 -14.52 -5.66 2.50
N PRO B 220 -13.91 -5.46 3.68
CA PRO B 220 -12.66 -4.71 3.71
C PRO B 220 -11.60 -5.40 2.88
N GLN B 221 -10.66 -4.62 2.37
CA GLN B 221 -9.60 -5.14 1.50
C GLN B 221 -8.25 -4.99 2.18
N MET B 222 -7.46 -6.05 2.12
CA MET B 222 -6.14 -6.11 2.74
C MET B 222 -5.08 -5.80 1.70
N LEU B 223 -4.27 -4.77 1.96
CA LEU B 223 -3.27 -4.29 1.02
C LEU B 223 -1.90 -4.51 1.61
N ILE B 224 -1.05 -5.25 0.90
CA ILE B 224 0.25 -5.70 1.40
C ILE B 224 1.35 -4.85 0.79
N VAL B 225 2.22 -4.31 1.65
CA VAL B 225 3.43 -3.64 1.23
C VAL B 225 4.59 -4.55 1.59
N SER B 226 5.20 -5.17 0.57
CA SER B 226 6.33 -6.06 0.75
C SER B 226 7.66 -5.37 0.56
N ASP B 227 7.69 -4.17 -0.04
CA ASP B 227 8.91 -3.40 -0.16
C ASP B 227 9.32 -2.88 1.21
N ILE B 228 10.07 -3.69 1.96
CA ILE B 228 10.36 -3.38 3.35
C ILE B 228 11.35 -2.23 3.46
N GLU B 229 12.33 -2.16 2.55
CA GLU B 229 13.31 -1.09 2.56
C GLU B 229 12.75 0.23 2.04
N ASP B 230 11.49 0.27 1.63
CA ASP B 230 10.93 1.49 1.05
C ASP B 230 9.41 1.50 1.21
N VAL B 231 8.92 1.65 2.44
CA VAL B 231 7.49 1.59 2.69
C VAL B 231 6.80 2.82 2.14
N PHE B 232 5.48 2.71 1.96
CA PHE B 232 4.67 3.82 1.45
C PHE B 232 3.22 3.57 1.84
N ILE B 233 2.36 4.53 1.51
CA ILE B 233 0.94 4.46 1.79
C ILE B 233 0.23 4.02 0.52
N PRO B 234 -0.49 2.89 0.53
CA PRO B 234 -1.05 2.36 -0.71
C PRO B 234 -2.29 3.08 -1.20
N MET B 235 -3.05 3.71 -0.30
CA MET B 235 -4.32 4.32 -0.66
C MET B 235 -4.45 5.70 -0.04
N PRO B 236 -4.95 6.69 -0.79
CA PRO B 236 -5.07 8.04 -0.26
C PRO B 236 -6.24 8.20 0.71
N GLU B 237 -7.29 7.39 0.54
CA GLU B 237 -8.48 7.46 1.37
C GLU B 237 -8.83 6.06 1.87
N ASN B 238 -9.75 6.02 2.84
CA ASN B 238 -10.35 4.81 3.37
C ASN B 238 -9.37 3.91 4.12
N LEU B 239 -8.17 4.41 4.42
CA LEU B 239 -7.30 3.72 5.36
C LEU B 239 -7.56 4.20 6.79
N LEU B 240 -7.50 5.51 7.01
CA LEU B 240 -8.01 6.14 8.23
C LEU B 240 -9.42 6.60 7.92
N VAL B 241 -10.41 5.85 8.41
CA VAL B 241 -11.80 6.07 8.04
C VAL B 241 -12.54 6.71 9.21
N ASN B 242 -13.68 7.30 8.90
CA ASN B 242 -14.54 7.91 9.91
C ASN B 242 -15.29 6.81 10.66
N LEU B 243 -15.13 6.78 11.99
CA LEU B 243 -15.76 5.74 12.79
C LEU B 243 -17.28 5.86 12.78
N ASN B 244 -17.80 7.09 12.73
CA ASN B 244 -19.26 7.27 12.75
C ASN B 244 -19.89 6.75 11.47
N GLU B 245 -19.29 7.07 10.32
CA GLU B 245 -19.86 6.64 9.04
C GLU B 245 -19.63 5.15 8.80
N SER B 246 -18.41 4.67 9.06
CA SER B 246 -18.03 3.29 8.78
C SER B 246 -18.07 2.42 10.02
N LYS B 247 -19.11 2.56 10.85
CA LYS B 247 -19.22 1.75 12.06
C LYS B 247 -19.35 0.27 11.72
N GLU B 248 -20.25 -0.06 10.79
CA GLU B 248 -20.51 -1.46 10.45
C GLU B 248 -19.28 -2.09 9.78
N LEU B 249 -18.62 -1.34 8.90
CA LEU B 249 -17.45 -1.88 8.20
C LEU B 249 -16.31 -2.18 9.17
N VAL B 250 -16.18 -1.40 10.23
CA VAL B 250 -15.14 -1.67 11.22
C VAL B 250 -15.48 -2.90 12.05
N GLN B 251 -16.77 -3.06 12.39
CA GLN B 251 -17.19 -4.19 13.20
C GLN B 251 -16.97 -5.52 12.48
N ASP B 252 -17.10 -5.53 11.15
CA ASP B 252 -16.88 -6.78 10.41
C ASP B 252 -15.41 -7.16 10.42
N LEU B 253 -14.52 -6.18 10.32
CA LEU B 253 -13.08 -6.48 10.29
C LEU B 253 -12.60 -7.00 11.63
N LEU B 254 -13.09 -6.44 12.73
CA LEU B 254 -12.69 -6.89 14.05
C LEU B 254 -13.19 -8.30 14.35
N LYS B 255 -14.26 -8.75 13.69
CA LYS B 255 -14.72 -10.12 13.82
C LYS B 255 -13.97 -11.07 12.89
N THR B 256 -13.35 -10.55 11.83
CA THR B 256 -12.66 -11.39 10.85
C THR B 256 -11.15 -11.43 11.06
N LEU B 257 -10.57 -10.43 11.73
CA LEU B 257 -9.13 -10.39 11.92
C LEU B 257 -8.58 -11.61 12.65
N PRO B 258 -9.14 -12.07 13.77
CA PRO B 258 -8.54 -13.22 14.47
C PRO B 258 -8.65 -14.54 13.72
N GLN B 259 -9.20 -14.55 12.50
CA GLN B 259 -9.39 -15.78 11.75
C GLN B 259 -8.59 -15.81 10.45
N MET B 260 -7.81 -14.78 10.15
CA MET B 260 -7.07 -14.70 8.90
C MET B 260 -5.67 -15.31 8.97
N PHE B 261 -5.18 -15.60 10.18
CA PHE B 261 -3.78 -15.99 10.34
C PHE B 261 -3.64 -17.25 11.20
N THR B 262 -4.68 -18.09 11.25
CA THR B 262 -4.63 -19.27 12.10
C THR B 262 -3.54 -20.24 11.64
N LYS B 263 -3.33 -20.34 10.32
CA LYS B 263 -2.38 -21.28 9.75
C LYS B 263 -1.11 -20.57 9.24
N THR B 264 -0.75 -19.47 9.88
CA THR B 264 0.38 -18.67 9.41
C THR B 264 1.71 -19.34 9.74
N LEU B 265 2.60 -19.39 8.75
CA LEU B 265 3.94 -19.92 8.92
C LEU B 265 5.00 -18.83 8.96
N GLU B 266 4.60 -17.58 8.98
CA GLU B 266 5.55 -16.47 9.06
C GLU B 266 6.15 -16.42 10.46
N THR B 267 7.48 -16.48 10.54
CA THR B 267 8.18 -16.49 11.82
C THR B 267 8.86 -15.16 12.18
N GLN B 268 9.33 -14.41 11.18
CA GLN B 268 10.02 -13.16 11.44
C GLN B 268 9.02 -12.00 11.51
N SER B 269 9.40 -10.98 12.26
CA SER B 269 8.55 -9.81 12.48
C SER B 269 9.33 -8.56 12.08
N ALA B 270 8.77 -7.78 11.17
CA ALA B 270 9.39 -6.54 10.70
C ALA B 270 8.75 -5.35 11.39
N LEU B 271 9.07 -5.20 12.67
CA LEU B 271 8.44 -4.16 13.49
C LEU B 271 8.90 -2.77 13.06
N GLY B 272 10.20 -2.59 12.81
CA GLY B 272 10.75 -1.33 12.42
C GLY B 272 10.07 -0.71 11.21
N PRO B 273 10.11 -1.41 10.07
CA PRO B 273 9.41 -0.90 8.88
C PRO B 273 7.90 -0.78 9.06
N ALA B 274 7.31 -1.57 9.96
CA ALA B 274 5.87 -1.45 10.20
C ALA B 274 5.53 -0.13 10.89
N LEU B 275 6.37 0.30 11.83
CA LEU B 275 6.14 1.58 12.49
C LEU B 275 6.34 2.75 11.54
N GLN B 276 7.27 2.61 10.59
CA GLN B 276 7.49 3.67 9.60
C GLN B 276 6.26 3.87 8.72
N ALA B 277 5.64 2.76 8.29
CA ALA B 277 4.42 2.87 7.50
C ALA B 277 3.27 3.42 8.35
N ALA B 278 3.25 3.07 9.64
CA ALA B 278 2.24 3.62 10.54
C ALA B 278 2.49 5.10 10.80
N PHE B 279 3.74 5.53 10.80
CA PHE B 279 4.04 6.95 10.96
C PHE B 279 3.60 7.74 9.75
N LYS B 280 3.93 7.25 8.55
CA LYS B 280 3.52 7.93 7.32
C LYS B 280 1.99 8.01 7.22
N LEU B 281 1.28 7.06 7.83
CA LEU B 281 -0.17 7.07 7.76
C LEU B 281 -0.77 8.12 8.69
N MET B 282 -0.19 8.31 9.87
CA MET B 282 -0.70 9.28 10.83
C MET B 282 0.01 10.63 10.75
N SER B 283 1.06 10.73 9.94
CA SER B 283 1.81 11.99 9.82
C SER B 283 0.94 13.20 9.50
N PRO B 284 -0.06 13.14 8.62
CA PRO B 284 -0.86 14.36 8.35
C PRO B 284 -1.60 14.88 9.57
N THR B 285 -2.23 14.01 10.36
CA THR B 285 -3.11 14.44 11.45
C THR B 285 -2.52 14.21 12.83
N GLY B 286 -1.83 13.10 13.05
CA GLY B 286 -1.37 12.75 14.38
C GLY B 286 -2.47 12.04 15.17
N GLY B 287 -2.08 11.58 16.35
CA GLY B 287 -3.02 10.90 17.22
C GLY B 287 -2.31 9.82 18.02
N ARG B 288 -3.08 8.81 18.42
CA ARG B 288 -2.57 7.72 19.24
C ARG B 288 -2.35 6.48 18.39
N MET B 289 -1.15 5.91 18.48
CA MET B 289 -0.77 4.71 17.74
C MET B 289 -0.53 3.59 18.75
N SER B 290 -1.37 2.57 18.71
CA SER B 290 -1.27 1.43 19.60
C SER B 290 -0.57 0.28 18.88
N VAL B 291 0.51 -0.21 19.47
CA VAL B 291 1.34 -1.25 18.87
C VAL B 291 1.33 -2.47 19.77
N PHE B 292 1.04 -3.64 19.19
CA PHE B 292 1.03 -4.91 19.91
C PHE B 292 2.12 -5.79 19.31
N GLN B 293 3.08 -6.19 20.14
CA GLN B 293 4.24 -6.93 19.70
C GLN B 293 4.47 -8.11 20.64
N THR B 294 4.98 -9.23 20.08
CA THR B 294 5.12 -10.46 20.84
C THR B 294 6.50 -11.10 20.74
N GLN B 295 7.42 -10.59 19.93
CA GLN B 295 8.71 -11.22 19.77
C GLN B 295 9.75 -10.18 19.35
N LEU B 296 10.99 -10.64 19.21
CA LEU B 296 12.10 -9.78 18.84
C LEU B 296 11.93 -9.27 17.41
N PRO B 297 12.13 -7.98 17.17
CA PRO B 297 12.23 -7.49 15.78
C PRO B 297 13.51 -8.01 15.14
N THR B 298 13.36 -8.82 14.10
CA THR B 298 14.49 -9.48 13.46
C THR B 298 14.68 -9.13 11.99
N LEU B 299 13.68 -8.56 11.32
CA LEU B 299 13.73 -8.32 9.89
C LEU B 299 13.56 -6.83 9.60
N GLY B 300 14.40 -6.32 8.71
CA GLY B 300 14.32 -4.93 8.30
C GLY B 300 15.05 -4.00 9.24
N VAL B 301 14.79 -2.70 9.04
CA VAL B 301 15.37 -1.69 9.93
C VAL B 301 14.81 -1.88 11.33
N GLY B 302 15.60 -1.50 12.33
CA GLY B 302 15.23 -1.76 13.70
C GLY B 302 15.42 -3.19 14.14
N ALA B 303 16.20 -3.97 13.39
CA ALA B 303 16.47 -5.35 13.78
C ALA B 303 17.36 -5.39 15.01
N LEU B 304 17.00 -6.24 15.96
CA LEU B 304 17.70 -6.34 17.24
C LEU B 304 18.28 -7.73 17.41
N LYS B 305 19.52 -7.80 17.87
CA LYS B 305 20.17 -9.07 18.07
C LYS B 305 19.61 -9.77 19.31
N PRO B 306 19.57 -11.11 19.30
CA PRO B 306 19.13 -11.84 20.51
C PRO B 306 20.10 -11.62 21.66
N ARG B 307 19.66 -12.04 22.85
CA ARG B 307 20.48 -11.88 24.04
C ARG B 307 20.12 -12.97 25.04
N GLU B 308 21.14 -13.46 25.74
CA GLU B 308 20.99 -14.52 26.73
C GLU B 308 20.65 -13.91 28.08
N GLU B 309 19.65 -14.49 28.75
CA GLU B 309 19.15 -13.92 29.98
C GLU B 309 20.14 -14.16 31.12
N PRO B 310 20.27 -13.20 32.04
CA PRO B 310 21.13 -13.41 33.21
C PRO B 310 20.43 -14.28 34.25
N ASN B 311 21.24 -14.90 35.09
CA ASN B 311 20.76 -15.73 36.18
C ASN B 311 21.13 -15.08 37.52
N HIS B 312 20.89 -15.81 38.61
CA HIS B 312 21.21 -15.32 39.95
C HIS B 312 22.71 -15.31 40.22
N ARG B 313 23.54 -15.69 39.24
CA ARG B 313 24.98 -15.81 39.43
C ARG B 313 25.76 -14.79 38.60
N SER B 314 25.08 -13.86 37.95
CA SER B 314 25.72 -12.81 37.16
C SER B 314 25.72 -11.50 37.94
N SER B 315 26.86 -10.83 37.95
CA SER B 315 26.99 -9.57 38.68
C SER B 315 26.34 -8.43 37.88
N ALA B 316 26.39 -7.23 38.45
CA ALA B 316 25.79 -6.04 37.83
C ALA B 316 26.74 -5.49 36.76
N LYS B 317 26.84 -6.25 35.66
CA LYS B 317 27.67 -5.85 34.53
C LYS B 317 26.84 -5.78 33.26
N MET B 321 20.87 -3.07 29.55
CA MET B 321 20.27 -1.92 30.20
C MET B 321 19.99 -0.79 29.20
N THR B 322 21.03 -0.38 28.48
CA THR B 322 20.91 0.67 27.50
C THR B 322 20.34 0.13 26.18
N PRO B 323 19.77 0.99 25.35
CA PRO B 323 19.25 0.52 24.05
C PRO B 323 20.35 -0.06 23.18
N SER B 324 19.97 -1.00 22.32
CA SER B 324 20.91 -1.60 21.38
C SER B 324 21.04 -0.78 20.11
N THR B 325 20.08 0.09 19.81
CA THR B 325 20.14 0.93 18.63
C THR B 325 19.38 2.23 18.90
N ASP B 326 19.67 3.23 18.10
CA ASP B 326 19.01 4.52 18.17
C ASP B 326 17.80 4.62 17.25
N PHE B 327 17.43 3.52 16.59
CA PHE B 327 16.34 3.56 15.61
C PHE B 327 15.03 3.95 16.28
N TYR B 328 14.61 3.21 17.30
CA TYR B 328 13.34 3.48 17.95
C TYR B 328 13.36 4.79 18.74
N LYS B 329 14.54 5.34 19.01
CA LYS B 329 14.61 6.68 19.58
C LYS B 329 14.47 7.73 18.50
N LYS B 330 15.17 7.57 17.37
CA LYS B 330 15.02 8.49 16.25
C LYS B 330 13.59 8.49 15.72
N LEU B 331 12.95 7.32 15.72
CA LEU B 331 11.60 7.22 15.18
C LEU B 331 10.58 7.90 16.09
N ALA B 332 10.76 7.77 17.41
CA ALA B 332 9.84 8.41 18.33
C ALA B 332 9.94 9.93 18.26
N LEU B 333 11.13 10.46 17.95
CA LEU B 333 11.27 11.90 17.82
C LEU B 333 10.56 12.44 16.58
N ASP B 334 10.50 11.64 15.51
CA ASP B 334 9.70 12.03 14.36
C ASP B 334 8.22 11.92 14.64
N CYS B 335 7.81 10.93 15.44
CA CYS B 335 6.41 10.83 15.83
C CYS B 335 5.98 12.01 16.69
N SER B 336 6.86 12.44 17.60
CA SER B 336 6.54 13.59 18.44
C SER B 336 6.39 14.86 17.61
N GLY B 337 7.19 15.00 16.56
CA GLY B 337 7.09 16.17 15.71
C GLY B 337 5.77 16.28 14.97
N GLN B 338 5.13 15.14 14.69
CA GLN B 338 3.84 15.10 14.02
C GLN B 338 2.69 14.88 14.99
N GLN B 339 2.93 15.07 16.29
CA GLN B 339 1.91 14.91 17.33
C GLN B 339 1.34 13.48 17.33
N VAL B 340 2.23 12.50 17.22
CA VAL B 340 1.86 11.09 17.24
C VAL B 340 2.49 10.44 18.46
N ALA B 341 1.69 9.74 19.25
CA ALA B 341 2.15 9.04 20.44
C ALA B 341 2.01 7.54 20.22
N VAL B 342 2.99 6.78 20.72
CA VAL B 342 3.07 5.34 20.49
C VAL B 342 3.00 4.63 21.84
N ASP B 343 1.95 3.82 22.01
CA ASP B 343 1.82 2.94 23.17
C ASP B 343 2.20 1.53 22.76
N LEU B 344 3.12 0.92 23.50
CA LEU B 344 3.70 -0.36 23.15
C LEU B 344 3.16 -1.45 24.08
N PHE B 345 2.37 -2.36 23.53
CA PHE B 345 1.90 -3.55 24.24
C PHE B 345 2.84 -4.70 23.88
N LEU B 346 3.62 -5.16 24.85
CA LEU B 346 4.57 -6.25 24.64
C LEU B 346 4.03 -7.50 25.32
N LEU B 347 3.69 -8.51 24.51
CA LEU B 347 3.19 -9.78 25.01
C LEU B 347 4.15 -10.90 24.61
N SER B 348 5.38 -10.86 25.09
CA SER B 348 6.43 -11.78 24.68
C SER B 348 6.68 -12.84 25.74
N GLY B 349 7.13 -14.00 25.29
CA GLY B 349 7.49 -15.08 26.19
C GLY B 349 8.99 -15.26 26.29
N GLN B 350 9.73 -14.61 25.40
CA GLN B 350 11.19 -14.65 25.44
C GLN B 350 11.76 -13.24 25.37
N TYR B 351 13.09 -13.13 25.24
CA TYR B 351 13.74 -11.84 25.17
C TYR B 351 13.28 -11.07 23.94
N SER B 352 13.04 -9.77 24.12
CA SER B 352 12.58 -8.92 23.03
C SER B 352 13.29 -7.58 22.96
N ASP B 353 14.29 -7.33 23.81
CA ASP B 353 15.06 -6.09 23.81
C ASP B 353 14.15 -4.88 24.04
N LEU B 354 13.53 -4.86 25.22
CA LEU B 354 12.69 -3.73 25.60
C LEU B 354 13.50 -2.48 25.88
N ALA B 355 14.80 -2.63 26.13
CA ALA B 355 15.67 -1.47 26.31
C ALA B 355 15.75 -0.63 25.04
N SER B 356 15.54 -1.25 23.88
CA SER B 356 15.49 -0.53 22.61
C SER B 356 14.07 -0.21 22.16
N LEU B 357 13.13 -1.14 22.36
CA LEU B 357 11.76 -0.91 21.92
C LEU B 357 11.08 0.18 22.75
N GLY B 358 11.40 0.25 24.04
CA GLY B 358 10.77 1.23 24.92
C GLY B 358 11.00 2.66 24.49
N CYS B 359 12.03 2.92 23.70
CA CYS B 359 12.29 4.27 23.22
C CYS B 359 11.17 4.80 22.34
N ILE B 360 10.36 3.91 21.75
CA ILE B 360 9.24 4.37 20.93
C ILE B 360 8.14 5.00 21.78
N SER B 361 8.08 4.68 23.07
CA SER B 361 7.09 5.24 23.97
C SER B 361 7.64 6.29 24.92
N ARG B 362 8.93 6.23 25.25
CA ARG B 362 9.50 7.22 26.15
C ARG B 362 9.58 8.60 25.50
N TYR B 363 9.98 8.65 24.23
CA TYR B 363 10.18 9.91 23.52
C TYR B 363 8.99 10.29 22.66
N SER B 364 7.80 9.76 22.96
CA SER B 364 6.60 10.14 22.21
C SER B 364 5.39 10.31 23.13
N ALA B 365 5.62 10.45 24.44
CA ALA B 365 4.55 10.58 25.44
C ALA B 365 3.60 9.40 25.43
N GLY B 366 4.06 8.24 24.97
CA GLY B 366 3.26 7.02 25.06
C GLY B 366 3.47 6.34 26.39
N SER B 367 3.15 5.05 26.42
CA SER B 367 3.32 4.24 27.60
C SER B 367 3.33 2.78 27.21
N VAL B 368 4.21 2.00 27.82
CA VAL B 368 4.38 0.59 27.49
C VAL B 368 3.56 -0.25 28.46
N TYR B 369 3.07 -1.38 27.97
CA TYR B 369 2.31 -2.34 28.78
C TYR B 369 2.90 -3.73 28.54
N TYR B 370 3.38 -4.36 29.60
CA TYR B 370 4.13 -5.60 29.50
C TYR B 370 3.32 -6.75 30.07
N TYR B 371 3.24 -7.84 29.32
CA TYR B 371 2.49 -9.04 29.70
C TYR B 371 3.39 -10.24 29.45
N PRO B 372 4.20 -10.64 30.44
CA PRO B 372 5.18 -11.69 30.22
C PRO B 372 4.52 -13.05 30.03
N SER B 373 4.89 -13.72 28.94
CA SER B 373 4.42 -15.08 28.64
C SER B 373 2.90 -15.13 28.55
N TYR B 374 2.33 -14.20 27.79
CA TYR B 374 0.89 -14.20 27.55
C TYR B 374 0.51 -15.41 26.71
N HIS B 375 -0.53 -16.11 27.13
CA HIS B 375 -1.07 -17.22 26.35
C HIS B 375 -2.54 -17.37 26.70
N HIS B 376 -3.38 -17.50 25.67
CA HIS B 376 -4.83 -17.51 25.89
C HIS B 376 -5.28 -18.70 26.71
N GLN B 377 -4.62 -19.85 26.55
CA GLN B 377 -4.99 -21.06 27.29
C GLN B 377 -4.08 -21.36 28.46
N HIS B 378 -2.84 -20.89 28.44
CA HIS B 378 -1.85 -21.30 29.43
C HIS B 378 -1.63 -20.28 30.54
N ASN B 379 -1.95 -19.00 30.31
CA ASN B 379 -1.72 -17.95 31.30
C ASN B 379 -2.99 -17.11 31.42
N PRO B 380 -4.01 -17.62 32.11
CA PRO B 380 -5.24 -16.83 32.29
C PRO B 380 -5.07 -15.61 33.18
N VAL B 381 -3.95 -15.49 33.90
CA VAL B 381 -3.71 -14.30 34.71
C VAL B 381 -3.42 -13.10 33.82
N GLN B 382 -2.49 -13.27 32.87
CA GLN B 382 -2.17 -12.19 31.94
C GLN B 382 -3.34 -11.86 31.02
N VAL B 383 -4.21 -12.84 30.77
CA VAL B 383 -5.36 -12.61 29.90
C VAL B 383 -6.32 -11.62 30.53
N GLN B 384 -6.67 -11.84 31.81
CA GLN B 384 -7.59 -10.93 32.49
C GLN B 384 -6.92 -9.60 32.81
N LYS B 385 -5.59 -9.60 32.98
CA LYS B 385 -4.88 -8.35 33.19
C LYS B 385 -4.92 -7.48 31.93
N LEU B 386 -4.69 -8.11 30.76
CA LEU B 386 -4.82 -7.37 29.50
C LEU B 386 -6.26 -6.93 29.27
N GLN B 387 -7.24 -7.72 29.73
CA GLN B 387 -8.64 -7.36 29.57
C GLN B 387 -8.97 -6.08 30.34
N LYS B 388 -8.54 -6.01 31.61
CA LYS B 388 -8.85 -4.87 32.44
C LYS B 388 -8.03 -3.64 32.07
N GLU B 389 -6.77 -3.85 31.68
CA GLU B 389 -5.93 -2.70 31.29
C GLU B 389 -6.39 -2.11 29.98
N LEU B 390 -6.88 -2.93 29.04
CA LEU B 390 -7.43 -2.39 27.80
C LEU B 390 -8.78 -1.73 28.03
N GLN B 391 -9.56 -2.22 29.00
CA GLN B 391 -10.80 -1.54 29.36
C GLN B 391 -10.54 -0.10 29.81
N ARG B 392 -9.45 0.11 30.56
CA ARG B 392 -9.05 1.45 30.96
C ARG B 392 -8.39 2.20 29.81
N TYR B 393 -7.57 1.50 29.01
CA TYR B 393 -6.82 2.16 27.95
C TYR B 393 -7.72 2.76 26.88
N LEU B 394 -8.88 2.15 26.63
CA LEU B 394 -9.76 2.58 25.56
C LEU B 394 -10.85 3.55 26.00
N THR B 395 -11.13 3.63 27.31
CA THR B 395 -12.24 4.46 27.79
C THR B 395 -11.81 5.68 28.59
N ARG B 396 -10.56 5.73 29.04
CA ARG B 396 -10.08 6.91 29.76
C ARG B 396 -10.02 8.12 28.83
N LYS B 397 -10.11 9.30 29.42
CA LYS B 397 -10.04 10.52 28.63
C LYS B 397 -8.65 10.68 28.03
N ILE B 398 -8.53 11.60 27.08
CA ILE B 398 -7.30 11.72 26.30
C ILE B 398 -7.16 13.16 25.81
N GLY B 399 -5.91 13.58 25.65
CA GLY B 399 -5.62 14.86 25.03
C GLY B 399 -4.61 14.70 23.92
N PHE B 400 -4.80 15.47 22.86
CA PHE B 400 -3.96 15.37 21.67
C PHE B 400 -3.12 16.64 21.50
N GLU B 401 -2.06 16.51 20.70
CA GLU B 401 -1.10 17.58 20.39
C GLU B 401 -0.89 18.52 21.57
N ALA B 402 -0.31 18.00 22.65
CA ALA B 402 -0.23 18.72 23.91
C ALA B 402 1.20 19.14 24.22
N VAL B 403 1.33 20.22 24.99
CA VAL B 403 2.59 20.67 25.54
C VAL B 403 2.37 21.05 27.00
N MET B 404 3.44 20.98 27.79
CA MET B 404 3.35 21.35 29.19
C MET B 404 4.55 22.19 29.58
N ARG B 405 4.29 23.35 30.19
CA ARG B 405 5.32 24.23 30.73
C ARG B 405 5.28 24.13 32.24
N ILE B 406 6.47 24.08 32.86
CA ILE B 406 6.61 24.04 34.31
C ILE B 406 7.36 25.28 34.73
N ARG B 407 6.67 26.20 35.38
CA ARG B 407 7.25 27.47 35.82
C ARG B 407 7.41 27.47 37.34
N CYS B 408 8.53 28.02 37.81
CA CYS B 408 8.80 28.12 39.22
C CYS B 408 9.29 29.53 39.54
N THR B 409 9.16 29.91 40.81
CA THR B 409 9.54 31.24 41.26
C THR B 409 11.02 31.50 40.96
N LYS B 410 11.33 32.76 40.64
CA LYS B 410 12.69 33.17 40.34
C LYS B 410 13.64 32.75 41.46
N GLY B 411 14.77 32.16 41.07
CA GLY B 411 15.70 31.61 42.03
C GLY B 411 15.79 30.10 41.91
N LEU B 412 14.64 29.46 41.69
CA LEU B 412 14.59 28.02 41.45
C LEU B 412 14.65 27.74 39.95
N SER B 413 15.32 26.65 39.59
CA SER B 413 15.58 26.33 38.20
C SER B 413 15.48 24.83 37.99
N ILE B 414 14.60 24.41 37.07
CA ILE B 414 14.52 23.01 36.68
C ILE B 414 15.74 22.66 35.84
N HIS B 415 16.37 21.52 36.16
CA HIS B 415 17.55 21.08 35.43
C HIS B 415 17.48 19.64 34.94
N THR B 416 16.44 18.88 35.30
CA THR B 416 16.30 17.51 34.83
C THR B 416 14.83 17.12 34.89
N PHE B 417 14.32 16.58 33.79
CA PHE B 417 12.94 16.13 33.69
C PHE B 417 12.88 14.61 33.75
N HIS B 418 11.71 14.11 34.16
CA HIS B 418 11.48 12.66 34.25
C HIS B 418 10.06 12.36 33.80
N GLY B 419 9.92 11.38 32.91
CA GLY B 419 8.64 10.98 32.37
C GLY B 419 8.77 10.62 30.91
N ASN B 420 7.63 10.45 30.27
CA ASN B 420 7.55 10.12 28.84
C ASN B 420 7.10 11.37 28.09
N PHE B 421 8.04 12.01 27.41
CA PHE B 421 7.80 13.27 26.69
C PHE B 421 9.03 13.56 25.84
N PHE B 422 9.07 14.76 25.26
CA PHE B 422 10.24 15.26 24.57
C PHE B 422 10.48 16.69 25.03
N VAL B 423 11.62 16.95 25.65
CA VAL B 423 11.94 18.28 26.17
C VAL B 423 12.34 19.16 25.01
N ARG B 424 11.43 20.07 24.62
CA ARG B 424 11.75 21.04 23.58
C ARG B 424 12.68 22.11 24.14
N SER B 425 12.98 23.11 23.30
CA SER B 425 13.82 24.21 23.73
C SER B 425 13.11 25.04 24.79
N THR B 426 13.90 25.58 25.73
CA THR B 426 13.41 26.40 26.84
C THR B 426 12.46 25.62 27.75
N ASP B 427 12.84 24.37 28.04
CA ASP B 427 12.15 23.54 29.04
C ASP B 427 10.65 23.40 28.73
N LEU B 428 10.35 23.12 27.46
CA LEU B 428 8.98 22.86 27.03
C LEU B 428 8.81 21.36 26.84
N LEU B 429 7.90 20.76 27.60
CA LEU B 429 7.65 19.32 27.51
C LEU B 429 6.63 19.06 26.41
N SER B 430 7.05 18.31 25.40
CA SER B 430 6.17 17.95 24.28
C SER B 430 5.42 16.67 24.62
N LEU B 431 4.10 16.70 24.45
CA LEU B 431 3.23 15.56 24.72
C LEU B 431 2.32 15.34 23.53
N PRO B 432 2.74 14.50 22.56
CA PRO B 432 1.82 14.15 21.47
C PRO B 432 0.46 13.68 21.96
N ASN B 433 0.43 12.84 22.99
CA ASN B 433 -0.77 12.56 23.76
C ASN B 433 -0.51 12.84 25.23
N VAL B 434 -1.58 13.08 25.97
CA VAL B 434 -1.54 13.17 27.42
C VAL B 434 -2.66 12.30 27.96
N ASN B 435 -2.31 11.39 28.86
CA ASN B 435 -3.28 10.44 29.39
C ASN B 435 -3.40 10.58 30.90
N PRO B 436 -4.58 10.32 31.46
CA PRO B 436 -4.82 10.57 32.89
C PRO B 436 -4.15 9.58 33.82
N ASP B 437 -3.26 8.72 33.32
CA ASP B 437 -2.54 7.76 34.17
C ASP B 437 -1.04 8.01 34.19
N ALA B 438 -0.57 9.09 33.57
CA ALA B 438 0.84 9.38 33.45
C ALA B 438 1.30 10.30 34.57
N GLY B 439 2.44 9.95 35.17
CA GLY B 439 3.07 10.78 36.18
C GLY B 439 4.43 11.25 35.71
N TYR B 440 4.85 12.40 36.23
CA TYR B 440 6.11 13.01 35.85
C TYR B 440 6.85 13.47 37.10
N ALA B 441 8.16 13.72 36.92
CA ALA B 441 9.01 14.19 38.00
C ALA B 441 9.99 15.22 37.47
N VAL B 442 10.34 16.17 38.32
CA VAL B 442 11.26 17.26 37.97
C VAL B 442 12.23 17.43 39.12
N GLN B 443 13.52 17.53 38.80
CA GLN B 443 14.56 17.84 39.77
C GLN B 443 15.05 19.27 39.52
N MET B 444 15.16 20.05 40.60
CA MET B 444 15.49 21.46 40.47
C MET B 444 16.54 21.85 41.51
N SER B 445 17.09 23.04 41.35
CA SER B 445 18.15 23.54 42.22
C SER B 445 17.91 25.02 42.50
N VAL B 446 18.53 25.51 43.57
CA VAL B 446 18.39 26.91 43.98
C VAL B 446 19.48 27.67 43.24
N GLU B 447 19.11 28.24 42.09
CA GLU B 447 20.09 28.97 41.28
C GLU B 447 20.45 30.31 41.92
N GLU B 448 19.46 30.99 42.50
CA GLU B 448 19.67 32.26 43.19
C GLU B 448 19.07 32.16 44.58
N SER B 449 19.79 32.68 45.58
CA SER B 449 19.37 32.57 46.95
C SER B 449 18.01 33.23 47.16
N LEU B 450 17.11 32.52 47.84
CA LEU B 450 15.76 33.01 48.11
C LEU B 450 15.70 33.91 49.34
N THR B 451 16.66 34.82 49.49
CA THR B 451 16.68 35.72 50.64
C THR B 451 15.58 36.78 50.57
N ASP B 452 15.08 37.08 49.36
CA ASP B 452 14.06 38.11 49.23
C ASP B 452 12.71 37.62 49.74
N THR B 453 12.23 36.50 49.23
CA THR B 453 10.90 36.02 49.53
C THR B 453 10.92 34.95 50.63
N GLN B 454 9.77 34.75 51.25
CA GLN B 454 9.53 33.64 52.14
C GLN B 454 8.59 32.60 51.56
N LEU B 455 8.03 32.85 50.38
CA LEU B 455 7.21 31.89 49.66
C LEU B 455 7.76 31.70 48.26
N VAL B 456 7.60 30.48 47.74
CA VAL B 456 7.92 30.17 46.36
C VAL B 456 6.72 29.42 45.77
N SER B 457 6.52 29.58 44.47
CA SER B 457 5.37 28.99 43.79
C SER B 457 5.82 28.19 42.58
N PHE B 458 5.10 27.12 42.30
CA PHE B 458 5.34 26.27 41.15
C PHE B 458 4.04 26.16 40.36
N GLN B 459 4.11 26.37 39.05
CA GLN B 459 2.94 26.35 38.19
C GLN B 459 3.22 25.49 36.96
N SER B 460 2.32 24.55 36.69
CA SER B 460 2.40 23.70 35.51
C SER B 460 1.20 23.99 34.62
N ALA B 461 1.47 24.39 33.38
CA ALA B 461 0.44 24.71 32.40
C ALA B 461 0.41 23.63 31.34
N LEU B 462 -0.72 22.94 31.22
CA LEU B 462 -0.88 21.83 30.29
C LEU B 462 -1.84 22.27 29.18
N LEU B 463 -1.28 22.60 28.02
CA LEU B 463 -2.05 22.98 26.85
C LEU B 463 -2.27 21.75 25.97
N TYR B 464 -3.53 21.48 25.63
CA TYR B 464 -3.85 20.27 24.88
C TYR B 464 -5.14 20.47 24.09
N THR B 465 -5.44 19.50 23.23
CA THR B 465 -6.67 19.45 22.46
C THR B 465 -7.51 18.28 22.97
N SER B 466 -8.74 18.56 23.38
CA SER B 466 -9.62 17.54 23.93
C SER B 466 -10.18 16.67 22.80
N SER B 467 -10.94 15.64 23.19
CA SER B 467 -11.54 14.74 22.21
C SER B 467 -12.71 15.37 21.47
N LYS B 468 -13.21 16.52 21.93
CA LYS B 468 -14.30 17.23 21.27
C LYS B 468 -13.81 18.35 20.38
N GLY B 469 -12.50 18.50 20.21
CA GLY B 469 -11.94 19.52 19.36
C GLY B 469 -11.89 20.89 20.00
N GLU B 470 -11.33 20.97 21.20
CA GLU B 470 -11.25 22.22 21.95
C GLU B 470 -9.86 22.38 22.54
N ARG B 471 -9.23 23.52 22.30
CA ARG B 471 -7.95 23.83 22.92
C ARG B 471 -8.20 24.26 24.36
N ARG B 472 -7.72 23.46 25.31
CA ARG B 472 -7.87 23.73 26.72
C ARG B 472 -6.50 23.80 27.39
N ILE B 473 -6.44 24.54 28.49
CA ILE B 473 -5.22 24.68 29.28
C ILE B 473 -5.55 24.31 30.72
N ARG B 474 -4.97 23.22 31.21
CA ARG B 474 -5.11 22.84 32.60
C ARG B 474 -3.90 23.34 33.38
N VAL B 475 -4.15 24.08 34.46
CA VAL B 475 -3.12 24.75 35.22
C VAL B 475 -3.20 24.30 36.67
N HIS B 476 -2.04 23.94 37.24
CA HIS B 476 -1.91 23.62 38.66
C HIS B 476 -0.87 24.53 39.27
N THR B 477 -1.18 25.08 40.46
CA THR B 477 -0.29 25.99 41.15
C THR B 477 -0.07 25.52 42.58
N LEU B 478 1.19 25.39 42.97
CA LEU B 478 1.57 24.97 44.31
C LEU B 478 2.38 26.09 44.97
N CYS B 479 2.21 26.21 46.29
CA CYS B 479 2.89 27.24 47.07
C CYS B 479 3.58 26.60 48.26
N LEU B 480 4.84 26.95 48.48
CA LEU B 480 5.65 26.39 49.56
C LEU B 480 6.44 27.50 50.23
N PRO B 481 6.76 27.35 51.52
CA PRO B 481 7.55 28.36 52.22
C PRO B 481 9.05 28.10 52.10
N VAL B 482 9.83 29.10 52.50
CA VAL B 482 11.28 29.07 52.45
C VAL B 482 11.82 29.08 53.87
N VAL B 483 12.80 28.21 54.14
CA VAL B 483 13.44 28.12 55.45
C VAL B 483 14.94 28.21 55.26
N SER B 484 15.64 28.45 56.36
CA SER B 484 17.08 28.72 56.32
C SER B 484 17.88 27.92 57.35
N THR B 485 17.29 26.89 57.97
CA THR B 485 18.01 26.04 58.90
C THR B 485 17.89 24.59 58.48
N LEU B 486 18.89 23.78 58.87
CA LEU B 486 18.88 22.37 58.53
C LEU B 486 17.66 21.66 59.12
N ASN B 487 17.35 21.94 60.39
CA ASN B 487 16.26 21.26 61.06
C ASN B 487 14.91 21.58 60.43
N ASP B 488 14.73 22.81 59.94
CA ASP B 488 13.48 23.16 59.28
C ASP B 488 13.33 22.48 57.92
N VAL B 489 14.44 22.08 57.29
CA VAL B 489 14.37 21.34 56.04
C VAL B 489 13.95 19.90 56.29
N PHE B 490 14.53 19.25 57.29
CA PHE B 490 14.16 17.87 57.61
C PHE B 490 12.74 17.78 58.13
N LEU B 491 12.21 18.86 58.73
CA LEU B 491 10.87 18.82 59.29
C LEU B 491 9.80 18.77 58.20
N GLY B 492 10.08 19.33 57.02
CA GLY B 492 9.11 19.34 55.95
C GLY B 492 9.37 18.31 54.88
N ALA B 493 10.13 17.28 55.22
CA ALA B 493 10.51 16.26 54.25
C ALA B 493 9.36 15.31 53.98
N ASP B 494 9.11 15.04 52.71
CA ASP B 494 8.10 14.06 52.29
C ASP B 494 8.85 12.80 51.90
N VAL B 495 8.79 11.78 52.77
CA VAL B 495 9.60 10.59 52.57
C VAL B 495 9.12 9.80 51.35
N GLN B 496 7.82 9.81 51.08
CA GLN B 496 7.32 9.09 49.92
C GLN B 496 7.71 9.78 48.62
N ALA B 497 7.73 11.12 48.62
CA ALA B 497 8.13 11.85 47.42
C ALA B 497 9.63 11.77 47.19
N ILE B 498 10.42 11.68 48.26
CA ILE B 498 11.87 11.53 48.11
C ILE B 498 12.20 10.18 47.48
N SER B 499 11.53 9.12 47.92
CA SER B 499 11.74 7.81 47.31
C SER B 499 11.33 7.81 45.84
N GLY B 500 10.29 8.58 45.49
CA GLY B 500 9.87 8.64 44.10
C GLY B 500 10.88 9.35 43.22
N LEU B 501 11.48 10.43 43.73
CA LEU B 501 12.49 11.16 42.97
C LEU B 501 13.81 10.40 42.90
N LEU B 502 14.18 9.71 43.98
CA LEU B 502 15.43 8.95 43.97
C LEU B 502 15.34 7.75 43.04
N ALA B 503 14.16 7.13 42.95
CA ALA B 503 14.00 6.02 42.03
C ALA B 503 14.16 6.48 40.58
N ASN B 504 13.61 7.64 40.24
CA ASN B 504 13.81 8.18 38.91
C ASN B 504 15.27 8.55 38.67
N MET B 505 15.95 9.09 39.69
CA MET B 505 17.36 9.44 39.56
C MET B 505 18.21 8.18 39.40
N ALA B 506 17.86 7.10 40.10
CA ALA B 506 18.64 5.88 40.01
C ALA B 506 18.42 5.16 38.68
N VAL B 507 17.24 5.32 38.07
CA VAL B 507 17.00 4.73 36.75
C VAL B 507 17.93 5.36 35.72
N ASP B 508 18.08 6.69 35.76
CA ASP B 508 19.01 7.35 34.85
C ASP B 508 20.45 6.99 35.17
N ARG B 509 20.77 6.76 36.44
CA ARG B 509 22.13 6.35 36.80
C ARG B 509 22.46 4.98 36.21
N SER B 510 21.47 4.09 36.13
CA SER B 510 21.70 2.78 35.54
C SER B 510 22.07 2.90 34.06
N MET B 511 21.30 3.67 33.29
CA MET B 511 21.60 3.86 31.88
C MET B 511 22.92 4.59 31.68
N THR B 512 23.15 5.64 32.48
CA THR B 512 24.33 6.46 32.30
C THR B 512 25.61 5.73 32.74
N ALA B 513 25.59 5.14 33.93
CA ALA B 513 26.78 4.51 34.47
C ALA B 513 26.56 3.01 34.52
N SER B 514 26.06 2.47 35.63
CA SER B 514 25.80 1.03 35.73
C SER B 514 24.74 0.81 36.81
N LEU B 515 24.37 -0.46 37.00
CA LEU B 515 23.37 -0.77 38.03
C LEU B 515 23.97 -0.73 39.42
N SER B 516 25.27 -1.05 39.54
CA SER B 516 25.93 -0.94 40.83
C SER B 516 25.98 0.50 41.30
N ASP B 517 26.30 1.43 40.40
CA ASP B 517 26.32 2.84 40.76
C ASP B 517 24.93 3.34 41.15
N ALA B 518 23.89 2.86 40.45
CA ALA B 518 22.53 3.23 40.81
C ALA B 518 22.15 2.74 42.20
N ARG B 519 22.67 1.57 42.59
CA ARG B 519 22.41 1.06 43.93
C ARG B 519 23.24 1.76 44.99
N ASP B 520 24.48 2.13 44.64
CA ASP B 520 25.33 2.83 45.60
C ASP B 520 24.81 4.23 45.88
N ALA B 521 24.33 4.93 44.84
CA ALA B 521 23.79 6.27 45.04
C ALA B 521 22.52 6.25 45.87
N LEU B 522 21.76 5.15 45.82
CA LEU B 522 20.55 5.04 46.64
C LEU B 522 20.89 4.83 48.10
N VAL B 523 21.94 4.05 48.39
CA VAL B 523 22.35 3.85 49.76
C VAL B 523 23.04 5.09 50.30
N ASN B 524 23.85 5.75 49.47
CA ASN B 524 24.50 6.99 49.90
C ASN B 524 23.50 8.10 50.15
N ALA B 525 22.33 8.04 49.50
CA ALA B 525 21.29 9.03 49.77
C ALA B 525 20.77 8.92 51.20
N VAL B 526 20.73 7.71 51.76
CA VAL B 526 20.31 7.54 53.14
C VAL B 526 21.48 7.80 54.09
N ILE B 527 22.69 7.39 53.70
CA ILE B 527 23.86 7.59 54.55
C ILE B 527 24.14 9.08 54.73
N ASP B 528 24.33 9.79 53.63
CA ASP B 528 24.71 11.20 53.71
C ASP B 528 23.64 12.05 54.36
N SER B 529 22.37 11.72 54.15
CA SER B 529 21.29 12.49 54.75
C SER B 529 21.27 12.33 56.26
N LEU B 530 21.39 11.10 56.75
CA LEU B 530 21.41 10.85 58.18
C LEU B 530 22.77 11.16 58.82
N SER B 531 23.84 11.13 58.03
CA SER B 531 25.13 11.56 58.55
C SER B 531 25.17 13.07 58.75
N ALA B 532 24.43 13.82 57.94
CA ALA B 532 24.35 15.26 58.13
C ALA B 532 23.42 15.63 59.28
N TYR B 533 22.34 14.86 59.45
CA TYR B 533 21.43 15.12 60.58
C TYR B 533 22.11 14.81 61.90
N ARG B 534 22.98 13.79 61.93
CA ARG B 534 23.72 13.48 63.15
C ARG B 534 24.74 14.55 63.49
N SER B 535 25.40 15.14 62.48
CA SER B 535 26.37 16.21 62.66
C SER B 535 25.69 17.54 62.99
N SER B 536 24.41 17.54 63.42
CA SER B 536 23.71 18.77 63.78
C SER B 536 22.69 18.53 64.89
N VAL B 537 22.95 17.55 65.75
CA VAL B 537 22.08 17.28 66.88
C VAL B 537 22.91 17.08 68.14
N PRO B 543 24.42 7.26 70.19
CA PRO B 543 24.75 5.83 70.19
C PRO B 543 24.07 5.07 69.05
N GLY B 544 22.73 5.07 69.04
CA GLY B 544 21.97 4.35 68.04
C GLY B 544 21.89 5.08 66.71
N LEU B 545 20.82 4.82 65.98
CA LEU B 545 20.56 5.44 64.68
C LEU B 545 19.41 6.42 64.86
N MET B 546 19.73 7.71 64.93
CA MET B 546 18.76 8.76 65.20
C MET B 546 18.31 9.40 63.89
N VAL B 547 16.99 9.48 63.70
CA VAL B 547 16.42 10.11 62.52
C VAL B 547 15.29 11.05 62.96
N PRO B 548 14.98 12.09 62.19
CA PRO B 548 13.77 12.86 62.47
C PRO B 548 12.52 12.04 62.18
N PHE B 549 11.39 12.51 62.72
CA PHE B 549 10.14 11.77 62.58
C PHE B 549 9.71 11.69 61.12
N SER B 550 10.08 12.66 60.30
CA SER B 550 9.69 12.64 58.90
C SER B 550 10.46 11.61 58.09
N LEU B 551 11.59 11.11 58.61
CA LEU B 551 12.44 10.17 57.88
C LEU B 551 12.52 8.82 58.58
N ARG B 552 11.59 8.51 59.48
CA ARG B 552 11.60 7.22 60.15
C ARG B 552 11.38 6.07 59.18
N LEU B 553 10.81 6.34 58.00
CA LEU B 553 10.57 5.32 56.99
C LEU B 553 11.53 5.45 55.81
N PHE B 554 12.50 6.37 55.87
CA PHE B 554 13.41 6.57 54.75
C PHE B 554 14.27 5.34 54.47
N PRO B 555 14.94 4.72 55.46
CA PRO B 555 15.69 3.50 55.14
C PRO B 555 14.80 2.32 54.75
N LEU B 556 13.52 2.34 55.12
CA LEU B 556 12.62 1.26 54.76
C LEU B 556 12.22 1.33 53.29
N PHE B 557 11.83 2.53 52.82
CA PHE B 557 11.44 2.67 51.42
C PHE B 557 12.62 2.57 50.46
N VAL B 558 13.83 2.86 50.93
CA VAL B 558 15.00 2.72 50.07
C VAL B 558 15.43 1.27 49.97
N LEU B 559 15.39 0.53 51.09
CA LEU B 559 15.60 -0.91 51.02
C LEU B 559 14.55 -1.56 50.14
N ALA B 560 13.30 -1.08 50.20
CA ALA B 560 12.27 -1.57 49.30
C ALA B 560 12.61 -1.23 47.84
N LEU B 561 13.19 -0.05 47.62
CA LEU B 561 13.67 0.30 46.28
C LEU B 561 14.74 -0.68 45.81
N LEU B 562 15.69 -1.02 46.68
CA LEU B 562 16.79 -1.90 46.33
C LEU B 562 16.36 -3.35 46.20
N LYS B 563 15.13 -3.70 46.56
CA LYS B 563 14.61 -5.05 46.39
C LYS B 563 13.54 -5.14 45.31
N GLN B 564 13.02 -4.02 44.84
CA GLN B 564 12.12 -4.00 43.70
C GLN B 564 12.82 -4.62 42.48
N LYS B 565 12.01 -5.10 41.53
CA LYS B 565 12.54 -5.72 40.33
C LYS B 565 13.40 -4.77 39.51
N SER B 566 13.35 -3.47 39.79
CA SER B 566 14.16 -2.51 39.03
C SER B 566 15.64 -2.64 39.39
N PHE B 567 15.96 -2.78 40.68
CA PHE B 567 17.33 -2.71 41.13
C PHE B 567 17.82 -3.97 41.86
N GLN B 568 17.00 -5.02 41.93
CA GLN B 568 17.43 -6.24 42.60
C GLN B 568 18.62 -6.86 41.85
N THR B 569 19.51 -7.49 42.61
CA THR B 569 20.78 -7.98 42.08
C THR B 569 20.80 -9.51 41.99
N GLY B 570 20.83 -10.20 43.12
CA GLY B 570 21.04 -11.64 43.12
C GLY B 570 19.81 -12.48 42.84
N THR B 571 18.89 -11.96 42.03
CA THR B 571 17.65 -12.65 41.71
C THR B 571 17.74 -13.27 40.32
N ASN B 572 16.74 -14.11 40.01
CA ASN B 572 16.62 -14.74 38.70
C ASN B 572 15.86 -13.87 37.70
N ALA B 573 15.93 -12.55 37.86
CA ALA B 573 15.16 -11.65 37.00
C ALA B 573 15.73 -11.63 35.59
N ARG B 574 14.83 -11.47 34.62
CA ARG B 574 15.21 -11.39 33.21
C ARG B 574 15.21 -9.94 32.75
N LEU B 575 15.78 -9.72 31.57
CA LEU B 575 16.08 -8.36 31.11
C LEU B 575 14.81 -7.54 30.92
N ASP B 576 13.78 -8.13 30.32
CA ASP B 576 12.55 -7.37 30.05
C ASP B 576 11.80 -7.03 31.33
N GLU B 577 11.90 -7.88 32.35
CA GLU B 577 11.25 -7.58 33.63
C GLU B 577 11.84 -6.34 34.29
N ARG B 578 13.16 -6.17 34.15
CA ARG B 578 13.82 -5.04 34.82
C ARG B 578 13.52 -3.73 34.13
N ILE B 579 13.57 -3.71 32.79
CA ILE B 579 13.35 -2.47 32.06
C ILE B 579 11.91 -2.00 32.20
N PHE B 580 10.95 -2.93 32.25
CA PHE B 580 9.56 -2.54 32.47
C PHE B 580 9.34 -2.05 33.89
N ALA B 581 10.06 -2.62 34.86
CA ALA B 581 10.00 -2.09 36.23
C ALA B 581 10.58 -0.69 36.30
N MET B 582 11.50 -0.36 35.40
CA MET B 582 12.03 1.00 35.32
C MET B 582 11.14 1.91 34.49
N CYS B 583 10.48 1.38 33.46
CA CYS B 583 9.51 2.17 32.72
C CYS B 583 8.32 2.56 33.57
N GLN B 584 8.02 1.80 34.63
CA GLN B 584 6.93 2.18 35.53
C GLN B 584 7.39 3.19 36.58
N VAL B 585 8.68 3.19 36.91
CA VAL B 585 9.21 4.24 37.78
C VAL B 585 9.13 5.60 37.08
N LYS B 586 9.57 5.64 35.83
CA LYS B 586 9.59 6.88 35.06
C LYS B 586 8.21 7.36 34.64
N ASN B 587 7.17 6.55 34.78
CA ASN B 587 5.87 6.87 34.21
C ASN B 587 4.70 6.78 35.18
N GLN B 588 4.83 6.03 36.29
CA GLN B 588 3.65 5.95 37.14
C GLN B 588 3.61 7.09 38.15
N PRO B 589 2.42 7.48 38.58
CA PRO B 589 2.29 8.47 39.66
C PRO B 589 2.95 7.99 40.94
N LEU B 590 3.09 8.92 41.88
CA LEU B 590 3.83 8.64 43.11
C LEU B 590 3.11 7.60 43.98
N VAL B 591 1.78 7.62 43.99
CA VAL B 591 1.04 6.71 44.86
C VAL B 591 1.22 5.27 44.41
N TYR B 592 1.03 5.01 43.11
CA TYR B 592 1.15 3.64 42.61
C TYR B 592 2.61 3.18 42.56
N LEU B 593 3.55 4.12 42.48
CA LEU B 593 4.95 3.76 42.66
C LEU B 593 5.21 3.27 44.09
N MET B 594 4.55 3.88 45.06
CA MET B 594 4.71 3.45 46.45
C MET B 594 3.97 2.13 46.70
N LEU B 595 2.80 1.95 46.08
CA LEU B 595 2.08 0.68 46.23
C LEU B 595 2.87 -0.47 45.61
N THR B 596 3.54 -0.21 44.49
CA THR B 596 4.36 -1.26 43.87
C THR B 596 5.58 -1.56 44.71
N THR B 597 6.33 -0.52 45.09
CA THR B 597 7.57 -0.72 45.84
C THR B 597 7.29 -1.31 47.22
N HIS B 598 6.26 -0.82 47.90
CA HIS B 598 5.92 -1.25 49.27
C HIS B 598 4.43 -1.56 49.32
N PRO B 599 4.03 -2.77 48.93
CA PRO B 599 2.61 -3.12 48.94
C PRO B 599 2.03 -3.09 50.35
N SER B 600 0.74 -2.82 50.42
CA SER B 600 0.01 -2.77 51.69
C SER B 600 -0.50 -4.17 52.01
N LEU B 601 -0.07 -4.70 53.15
CA LEU B 601 -0.42 -6.06 53.56
C LEU B 601 -1.45 -6.02 54.68
N TYR B 602 -2.55 -6.74 54.48
CA TYR B 602 -3.63 -6.82 55.45
C TYR B 602 -3.91 -8.28 55.78
N ARG B 603 -4.52 -8.50 56.94
CA ARG B 603 -5.05 -9.81 57.33
C ARG B 603 -6.57 -9.78 57.16
N VAL B 604 -7.10 -10.71 56.37
CA VAL B 604 -8.46 -10.59 55.88
C VAL B 604 -9.29 -11.84 56.19
N ASP B 605 -8.87 -12.64 57.16
CA ASP B 605 -9.66 -13.77 57.61
C ASP B 605 -10.43 -13.48 58.89
N ASN B 606 -10.22 -12.32 59.49
CA ASN B 606 -10.83 -11.96 60.77
C ASN B 606 -11.38 -10.54 60.71
N LEU B 607 -12.07 -10.20 59.63
CA LEU B 607 -12.59 -8.86 59.46
C LEU B 607 -13.68 -8.56 60.47
N SER B 608 -13.65 -7.33 61.02
CA SER B 608 -14.59 -6.94 62.05
C SER B 608 -15.33 -5.65 61.68
N ASP B 609 -15.76 -4.89 62.68
CA ASP B 609 -16.62 -3.73 62.48
C ASP B 609 -15.99 -2.44 63.00
N GLU B 610 -14.68 -2.29 62.83
CA GLU B 610 -14.00 -1.03 63.10
C GLU B 610 -13.80 -0.20 61.84
N GLY B 611 -14.51 -0.53 60.77
CA GLY B 611 -14.24 0.02 59.47
C GLY B 611 -14.97 1.33 59.21
N ALA B 612 -15.07 1.66 57.92
CA ALA B 612 -15.75 2.88 57.47
C ALA B 612 -17.22 2.63 57.21
N LEU B 613 -17.92 2.10 58.21
CA LEU B 613 -19.37 1.82 58.12
C LEU B 613 -20.21 3.09 58.01
N ASN B 614 -19.58 4.26 57.83
CA ASN B 614 -20.31 5.48 57.58
C ASN B 614 -21.03 5.43 56.24
N ILE B 615 -20.45 4.74 55.25
CA ILE B 615 -21.06 4.75 53.93
C ILE B 615 -22.27 3.85 53.75
N SER B 616 -23.40 4.31 54.28
CA SER B 616 -24.70 3.63 54.19
C SER B 616 -24.71 2.20 54.70
N ASP B 617 -25.30 1.31 53.89
CA ASP B 617 -25.39 -0.11 54.21
C ASP B 617 -24.01 -0.72 54.28
N ARG B 618 -23.13 -0.31 53.37
CA ARG B 618 -21.77 -0.83 53.34
C ARG B 618 -21.02 -0.49 54.62
N THR B 619 -20.27 -1.47 55.09
CA THR B 619 -19.47 -1.36 56.32
C THR B 619 -17.98 -1.17 56.05
N ILE B 620 -17.40 -1.91 55.10
CA ILE B 620 -15.97 -1.74 54.73
C ILE B 620 -14.89 -1.86 55.83
N PRO B 621 -14.59 -3.10 56.27
CA PRO B 621 -13.66 -3.21 57.40
C PRO B 621 -12.33 -2.53 57.10
N GLN B 622 -11.67 -2.06 58.17
CA GLN B 622 -10.40 -1.35 58.08
C GLN B 622 -9.36 -2.12 58.89
N PRO B 623 -8.81 -3.21 58.35
CA PRO B 623 -7.75 -3.92 59.06
C PRO B 623 -6.46 -3.13 59.06
N PRO B 624 -5.61 -3.28 60.07
CA PRO B 624 -4.38 -2.49 60.12
C PRO B 624 -3.36 -2.98 59.11
N ILE B 625 -2.57 -2.02 58.62
CA ILE B 625 -1.48 -2.35 57.70
C ILE B 625 -0.38 -3.08 58.46
N LEU B 626 0.04 -4.23 57.92
CA LEU B 626 1.13 -5.00 58.48
C LEU B 626 2.42 -4.71 57.72
N GLN B 627 3.54 -4.96 58.39
CA GLN B 627 4.84 -4.76 57.76
C GLN B 627 5.20 -5.95 56.88
N LEU B 628 6.01 -5.69 55.86
CA LEU B 628 6.30 -6.67 54.82
C LEU B 628 7.38 -7.65 55.31
N SER B 629 6.98 -8.50 56.25
CA SER B 629 7.85 -9.54 56.80
C SER B 629 7.06 -10.82 56.99
N VAL B 630 7.72 -11.95 56.74
CA VAL B 630 7.08 -13.25 56.93
C VAL B 630 6.73 -13.46 58.39
N GLU B 631 7.49 -12.84 59.30
CA GLU B 631 7.19 -12.94 60.73
C GLU B 631 5.77 -12.47 61.04
N LYS B 632 5.24 -11.53 60.24
CA LYS B 632 3.89 -11.03 60.45
C LYS B 632 2.82 -11.97 59.89
N LEU B 633 3.21 -12.94 59.06
CA LEU B 633 2.25 -13.85 58.46
C LEU B 633 1.79 -14.88 59.50
N SER B 634 0.99 -15.85 59.05
CA SER B 634 0.46 -16.91 59.90
C SER B 634 -0.12 -18.00 59.02
N ARG B 635 0.20 -19.25 59.34
CA ARG B 635 -0.39 -20.37 58.62
C ARG B 635 -1.83 -20.63 59.01
N ASP B 636 -2.34 -19.95 60.04
CA ASP B 636 -3.69 -20.15 60.54
C ASP B 636 -4.72 -19.24 59.86
N GLY B 637 -4.31 -18.40 58.92
CA GLY B 637 -5.23 -17.48 58.29
C GLY B 637 -4.87 -17.09 56.88
N ALA B 638 -5.44 -15.98 56.40
CA ALA B 638 -5.21 -15.48 55.05
C ALA B 638 -4.78 -14.03 55.11
N PHE B 639 -3.95 -13.62 54.15
CA PHE B 639 -3.38 -12.29 54.11
C PHE B 639 -3.52 -11.70 52.71
N LEU B 640 -4.12 -10.53 52.62
CA LEU B 640 -4.32 -9.83 51.36
C LEU B 640 -3.23 -8.76 51.18
N MET B 641 -2.68 -8.68 49.97
CA MET B 641 -1.62 -7.75 49.65
C MET B 641 -2.06 -6.85 48.50
N ASP B 642 -1.94 -5.54 48.69
CA ASP B 642 -2.32 -4.56 47.68
C ASP B 642 -1.05 -4.00 47.07
N ALA B 643 -0.74 -4.44 45.84
CA ALA B 643 0.43 -3.98 45.11
C ALA B 643 0.09 -2.94 44.06
N GLY B 644 -1.04 -2.25 44.20
CA GLY B 644 -1.43 -1.22 43.26
C GLY B 644 -2.16 -1.73 42.04
N SER B 645 -1.44 -2.44 41.17
CA SER B 645 -2.03 -2.98 39.94
C SER B 645 -2.58 -4.39 40.12
N VAL B 646 -2.28 -5.05 41.24
CA VAL B 646 -2.69 -6.43 41.47
C VAL B 646 -2.99 -6.61 42.96
N LEU B 647 -3.84 -7.59 43.26
CA LEU B 647 -4.20 -7.94 44.63
C LEU B 647 -3.96 -9.44 44.82
N MET B 648 -3.02 -9.77 45.70
CA MET B 648 -2.69 -11.17 45.99
C MET B 648 -3.20 -11.54 47.38
N LEU B 649 -3.96 -12.63 47.45
CA LEU B 649 -4.47 -13.17 48.70
C LEU B 649 -3.78 -14.50 48.96
N TRP B 650 -2.90 -14.52 49.96
CA TRP B 650 -2.17 -15.72 50.33
C TRP B 650 -2.92 -16.47 51.42
N VAL B 651 -3.17 -17.75 51.19
CA VAL B 651 -3.94 -18.59 52.10
C VAL B 651 -2.99 -19.53 52.82
N GLY B 652 -3.02 -19.50 54.14
CA GLY B 652 -2.19 -20.40 54.91
C GLY B 652 -2.67 -21.83 54.83
N LYS B 653 -1.74 -22.77 55.02
CA LYS B 653 -2.07 -24.19 54.94
C LYS B 653 -3.04 -24.60 56.05
N ASN B 654 -2.79 -24.13 57.27
CA ASN B 654 -3.63 -24.45 58.42
C ASN B 654 -4.74 -23.42 58.61
N CYS B 655 -5.32 -22.92 57.52
CA CYS B 655 -6.37 -21.92 57.63
C CYS B 655 -7.64 -22.53 58.20
N THR B 656 -8.44 -21.68 58.84
CA THR B 656 -9.66 -22.15 59.50
C THR B 656 -10.66 -22.67 58.46
N GLN B 657 -11.43 -23.68 58.86
CA GLN B 657 -12.48 -24.22 58.01
C GLN B 657 -13.56 -23.19 57.72
N ASN B 658 -13.71 -22.18 58.59
CA ASN B 658 -14.74 -21.17 58.38
C ASN B 658 -14.40 -20.27 57.20
N PHE B 659 -13.14 -19.87 57.07
CA PHE B 659 -12.74 -19.04 55.94
C PHE B 659 -12.76 -19.81 54.63
N LEU B 660 -12.48 -21.11 54.68
CA LEU B 660 -12.51 -21.91 53.46
C LEU B 660 -13.92 -22.06 52.92
N SER B 661 -14.89 -22.33 53.80
CA SER B 661 -16.24 -22.63 53.35
C SER B 661 -17.07 -21.37 53.13
N GLN B 662 -16.90 -20.35 53.98
CA GLN B 662 -17.75 -19.17 53.94
C GLN B 662 -17.22 -18.07 53.03
N VAL B 663 -15.94 -18.08 52.69
CA VAL B 663 -15.35 -17.07 51.83
C VAL B 663 -14.86 -17.66 50.51
N LEU B 664 -14.16 -18.79 50.56
CA LEU B 664 -13.68 -19.45 49.34
C LEU B 664 -14.68 -20.42 48.74
N GLY B 665 -15.69 -20.84 49.50
CA GLY B 665 -16.65 -21.80 48.98
C GLY B 665 -16.04 -23.16 48.73
N VAL B 666 -15.12 -23.59 49.60
CA VAL B 666 -14.36 -24.82 49.41
C VAL B 666 -14.33 -25.57 50.74
N GLN B 667 -14.32 -26.90 50.65
CA GLN B 667 -14.40 -27.76 51.83
C GLN B 667 -13.05 -28.09 52.45
N ASN B 668 -11.94 -27.77 51.80
CA ASN B 668 -10.63 -28.07 52.37
C ASN B 668 -9.56 -27.31 51.59
N TYR B 669 -8.38 -27.19 52.21
CA TYR B 669 -7.28 -26.47 51.57
C TYR B 669 -6.83 -27.17 50.30
N ALA B 670 -7.08 -28.48 50.20
CA ALA B 670 -6.60 -29.25 49.06
C ALA B 670 -7.45 -29.05 47.81
N SER B 671 -8.69 -28.59 47.94
CA SER B 671 -9.59 -28.42 46.81
C SER B 671 -9.78 -26.95 46.44
N ILE B 672 -8.78 -26.12 46.69
CA ILE B 672 -8.78 -24.72 46.27
C ILE B 672 -8.18 -24.66 44.88
N PRO B 673 -8.93 -24.20 43.87
CA PRO B 673 -8.44 -24.28 42.48
C PRO B 673 -7.08 -23.60 42.31
N GLN B 674 -6.25 -24.18 41.45
CA GLN B 674 -4.87 -23.71 41.32
C GLN B 674 -4.80 -22.28 40.82
N PRO B 675 -5.33 -21.91 39.63
CA PRO B 675 -5.48 -20.50 39.32
C PRO B 675 -6.89 -20.01 39.60
N MET B 676 -7.06 -19.29 40.70
CA MET B 676 -8.37 -18.77 41.10
C MET B 676 -8.44 -17.30 40.67
N THR B 677 -9.22 -17.04 39.62
CA THR B 677 -9.24 -15.70 39.02
C THR B 677 -9.94 -14.67 39.88
N ASP B 678 -10.82 -15.08 40.79
CA ASP B 678 -11.50 -14.16 41.69
C ASP B 678 -12.30 -14.97 42.70
N LEU B 679 -12.71 -14.28 43.78
CA LEU B 679 -13.50 -14.88 44.84
C LEU B 679 -14.96 -15.03 44.43
N PRO B 680 -15.65 -16.03 44.95
CA PRO B 680 -17.10 -16.13 44.74
C PRO B 680 -17.86 -15.24 45.69
N GLU B 681 -18.98 -14.70 45.21
CA GLU B 681 -19.84 -13.87 46.04
C GLU B 681 -20.84 -14.79 46.73
N LEU B 682 -20.43 -15.32 47.88
CA LEU B 682 -21.22 -16.31 48.60
C LEU B 682 -22.26 -15.64 49.49
N ASP B 683 -23.18 -16.47 49.99
CA ASP B 683 -24.25 -16.00 50.89
C ASP B 683 -23.82 -16.08 52.35
N THR B 684 -22.65 -15.54 52.66
CA THR B 684 -22.13 -15.53 54.02
C THR B 684 -21.72 -14.11 54.39
N PRO B 685 -21.90 -13.72 55.66
CA PRO B 685 -21.47 -12.37 56.06
C PRO B 685 -19.96 -12.20 56.01
N GLU B 686 -19.20 -13.28 56.16
CA GLU B 686 -17.76 -13.19 55.99
C GLU B 686 -17.40 -12.90 54.54
N SER B 687 -18.18 -13.41 53.59
CA SER B 687 -17.98 -13.06 52.19
C SER B 687 -18.31 -11.59 51.95
N ALA B 688 -19.41 -11.10 52.53
CA ALA B 688 -19.79 -9.70 52.34
C ALA B 688 -18.73 -8.76 52.89
N ARG B 689 -18.13 -9.13 54.03
CA ARG B 689 -17.10 -8.27 54.62
C ARG B 689 -15.87 -8.20 53.72
N ILE B 690 -15.42 -9.34 53.20
CA ILE B 690 -14.20 -9.34 52.40
C ILE B 690 -14.46 -8.79 51.00
N ILE B 691 -15.68 -8.98 50.47
CA ILE B 691 -16.01 -8.37 49.19
C ILE B 691 -16.13 -6.86 49.34
N ALA B 692 -16.67 -6.40 50.48
CA ALA B 692 -16.74 -4.96 50.74
C ALA B 692 -15.36 -4.35 50.87
N PHE B 693 -14.44 -5.04 51.56
CA PHE B 693 -13.09 -4.51 51.73
C PHE B 693 -12.33 -4.48 50.41
N ILE B 694 -12.48 -5.53 49.60
CA ILE B 694 -11.80 -5.57 48.31
C ILE B 694 -12.38 -4.51 47.37
N SER B 695 -13.71 -4.38 47.34
CA SER B 695 -14.33 -3.35 46.50
C SER B 695 -13.83 -1.96 46.86
N TRP B 696 -13.67 -1.69 48.16
CA TRP B 696 -13.16 -0.39 48.59
C TRP B 696 -11.74 -0.15 48.10
N LEU B 697 -10.95 -1.21 47.96
CA LEU B 697 -9.57 -1.05 47.49
C LEU B 697 -9.54 -0.59 46.04
N ARG B 698 -10.28 -1.28 45.16
CA ARG B 698 -10.24 -0.94 43.74
C ARG B 698 -10.98 0.34 43.41
N GLU B 699 -11.95 0.75 44.23
CA GLU B 699 -12.65 2.01 44.00
C GLU B 699 -11.73 3.22 44.18
N GLN B 700 -10.57 3.03 44.81
CA GLN B 700 -9.60 4.11 45.00
C GLN B 700 -8.75 4.37 43.78
N ARG B 701 -8.95 3.62 42.68
CA ARG B 701 -8.07 3.71 41.53
C ARG B 701 -8.88 3.42 40.27
N PRO B 702 -8.48 3.99 39.13
CA PRO B 702 -9.17 3.66 37.87
C PRO B 702 -8.74 2.33 37.28
N PHE B 703 -7.44 2.03 37.31
CA PHE B 703 -6.94 0.75 36.80
C PHE B 703 -7.43 -0.38 37.69
N PHE B 704 -8.38 -1.16 37.20
CA PHE B 704 -8.96 -2.30 37.91
C PHE B 704 -7.87 -3.29 38.31
N PRO B 705 -7.56 -3.42 39.59
CA PRO B 705 -6.53 -4.37 40.01
C PRO B 705 -7.10 -5.78 40.09
N ILE B 706 -6.49 -6.71 39.36
CA ILE B 706 -6.96 -8.09 39.35
C ILE B 706 -6.54 -8.78 40.64
N LEU B 707 -7.49 -9.46 41.26
CA LEU B 707 -7.23 -10.26 42.45
C LEU B 707 -7.11 -11.73 42.04
N TYR B 708 -6.08 -12.41 42.55
CA TYR B 708 -6.00 -13.85 42.38
C TYR B 708 -5.55 -14.50 43.67
N VAL B 709 -6.37 -15.43 44.15
CA VAL B 709 -6.19 -16.12 45.42
C VAL B 709 -5.35 -17.36 45.26
N ILE B 710 -4.73 -17.48 44.09
CA ILE B 710 -3.91 -18.61 43.78
C ILE B 710 -2.77 -18.71 44.79
N ALA B 711 -2.22 -17.58 45.24
CA ALA B 711 -1.17 -17.74 46.13
C ALA B 711 -1.69 -18.77 47.09
N ASP B 712 -1.00 -19.88 47.06
CA ASP B 712 -1.06 -20.94 48.05
C ASP B 712 0.28 -21.01 48.77
N GLU B 713 0.45 -22.04 49.61
CA GLU B 713 1.77 -22.33 50.17
C GLU B 713 2.59 -23.22 49.25
N SER B 714 2.01 -23.71 48.17
CA SER B 714 2.75 -24.44 47.14
C SER B 714 2.09 -24.32 45.77
N PRO B 715 1.97 -23.12 45.19
CA PRO B 715 1.47 -23.00 43.82
C PRO B 715 2.55 -22.75 42.77
N MET B 716 3.82 -22.68 43.17
CA MET B 716 4.95 -22.30 42.32
C MET B 716 4.79 -20.90 41.72
N LYS B 717 3.81 -20.12 42.19
CA LYS B 717 3.60 -18.75 41.76
C LYS B 717 3.62 -17.79 42.95
N ALA B 718 4.30 -18.19 44.03
CA ALA B 718 4.32 -17.41 45.27
C ALA B 718 5.39 -16.32 45.22
N ASN B 719 5.30 -15.48 44.19
CA ASN B 719 6.02 -14.21 44.21
C ASN B 719 5.46 -13.27 45.27
N PHE B 720 4.39 -13.68 45.95
CA PHE B 720 3.91 -13.00 47.15
C PHE B 720 5.03 -12.82 48.16
N LEU B 721 5.96 -13.79 48.22
CA LEU B 721 7.06 -13.69 49.17
C LEU B 721 8.13 -12.71 48.72
N GLN B 722 8.24 -12.49 47.40
CA GLN B 722 9.27 -11.58 46.90
C GLN B 722 9.02 -10.15 47.32
N ASN B 723 7.81 -9.84 47.81
CA ASN B 723 7.50 -8.51 48.31
C ASN B 723 7.81 -8.35 49.79
N MET B 724 8.18 -9.43 50.48
CA MET B 724 8.59 -9.36 51.90
C MET B 724 9.97 -8.70 51.96
N ILE B 725 9.96 -7.37 51.86
CA ILE B 725 11.20 -6.61 51.78
C ILE B 725 11.93 -6.51 53.11
N GLU B 726 11.24 -6.74 54.23
CA GLU B 726 11.90 -6.64 55.52
C GLU B 726 12.80 -7.84 55.80
N ASP B 727 12.42 -9.02 55.29
CA ASP B 727 13.18 -10.22 55.59
C ASP B 727 14.43 -10.31 54.72
N ARG B 728 15.40 -11.07 55.22
CA ARG B 728 16.62 -11.32 54.47
C ARG B 728 16.38 -12.43 53.44
N THR B 729 17.26 -12.47 52.45
CA THR B 729 17.31 -13.57 51.49
C THR B 729 18.78 -13.95 51.29
N GLU B 730 19.02 -14.96 50.46
CA GLU B 730 20.39 -15.35 50.16
C GLU B 730 21.11 -14.33 49.29
N SER B 731 20.46 -13.20 48.97
CA SER B 731 21.08 -12.21 48.09
C SER B 731 20.73 -10.78 48.47
N ALA B 732 20.35 -10.51 49.73
CA ALA B 732 20.03 -9.16 50.18
C ALA B 732 20.00 -9.16 51.70
N LEU B 733 20.00 -7.95 52.26
CA LEU B 733 19.95 -7.77 53.70
C LEU B 733 18.51 -7.71 54.19
N SER B 734 18.33 -8.02 55.48
CA SER B 734 17.04 -7.77 56.11
C SER B 734 16.91 -6.30 56.46
N TYR B 735 15.72 -5.92 56.93
CA TYR B 735 15.52 -4.53 57.34
C TYR B 735 16.38 -4.18 58.53
N TYR B 736 16.52 -5.10 59.48
CA TYR B 736 17.36 -4.84 60.66
C TYR B 736 18.84 -4.95 60.32
N GLU B 737 19.21 -5.91 59.46
CA GLU B 737 20.58 -5.95 58.95
C GLU B 737 20.92 -4.66 58.20
N PHE B 738 19.94 -4.06 57.55
CA PHE B 738 20.18 -2.82 56.82
C PHE B 738 20.45 -1.66 57.78
N LEU B 739 19.68 -1.57 58.87
CA LEU B 739 19.86 -0.48 59.81
C LEU B 739 21.24 -0.53 60.47
N LEU B 740 21.75 -1.74 60.70
CA LEU B 740 23.10 -1.87 61.27
C LEU B 740 24.16 -1.35 60.31
N HIS B 741 23.96 -1.57 59.01
CA HIS B 741 24.93 -1.08 58.02
C HIS B 741 24.86 0.44 57.88
N ILE B 742 23.66 1.01 58.00
CA ILE B 742 23.51 2.46 57.89
C ILE B 742 24.23 3.14 59.05
N GLN B 743 24.01 2.65 60.26
CA GLN B 743 24.64 3.24 61.45
C GLN B 743 26.16 3.11 61.38
N GLN B 744 26.65 1.99 60.85
CA GLN B 744 28.10 1.79 60.72
C GLN B 744 28.73 2.87 59.84
N GLN B 745 28.01 3.35 58.83
CA GLN B 745 28.53 4.38 57.94
C GLN B 745 28.23 5.79 58.41
N VAL B 746 27.14 5.98 59.17
CA VAL B 746 26.78 7.33 59.63
C VAL B 746 27.87 7.87 60.54
N ASN B 747 28.31 7.07 61.52
CA ASN B 747 29.39 7.49 62.40
C ASN B 747 30.67 6.72 62.08
N LYS B 748 31.07 6.71 60.82
CA LYS B 748 32.30 6.04 60.40
C LYS B 748 33.51 6.84 60.87
N MET C 1 -4.92 22.62 -7.41
CA MET C 1 -5.08 21.19 -7.22
C MET C 1 -5.07 20.82 -5.75
N VAL C 2 -4.63 21.76 -4.91
CA VAL C 2 -4.58 21.54 -3.47
C VAL C 2 -5.40 22.58 -2.72
N LEU C 3 -5.98 22.18 -1.59
CA LEU C 3 -6.80 23.08 -0.78
C LEU C 3 -6.46 23.34 0.71
N LEU C 4 -6.87 24.53 1.14
CA LEU C 4 -6.74 25.10 2.47
C LEU C 4 -7.98 25.94 2.75
N THR C 5 -8.91 25.42 3.54
CA THR C 5 -10.23 26.03 3.70
C THR C 5 -10.41 26.53 5.12
N MET C 6 -10.95 27.74 5.26
CA MET C 6 -11.19 28.35 6.56
C MET C 6 -12.50 29.12 6.55
N ILE C 7 -13.27 28.99 7.62
CA ILE C 7 -14.51 29.72 7.82
C ILE C 7 -14.37 30.52 9.12
N ALA C 8 -14.43 31.84 9.01
CA ALA C 8 -14.18 32.71 10.15
C ALA C 8 -15.20 33.83 10.20
N ARG C 9 -15.40 34.36 11.42
CA ARG C 9 -16.30 35.49 11.62
C ARG C 9 -15.56 36.78 11.32
N VAL C 10 -16.15 37.60 10.44
CA VAL C 10 -15.44 38.75 9.89
C VAL C 10 -15.21 39.82 10.97
N ALA C 11 -16.07 39.88 11.99
CA ALA C 11 -15.99 40.95 12.97
C ALA C 11 -14.65 40.93 13.71
N ASP C 12 -14.28 39.78 14.26
CA ASP C 12 -13.07 39.66 15.06
C ASP C 12 -12.07 38.64 14.54
N GLY C 13 -12.34 38.03 13.38
CA GLY C 13 -11.46 37.00 12.88
C GLY C 13 -11.53 35.68 13.62
N LEU C 14 -12.61 35.45 14.35
CA LEU C 14 -12.75 34.23 15.14
C LEU C 14 -12.93 33.03 14.22
N PRO C 15 -12.08 32.02 14.30
CA PRO C 15 -12.27 30.84 13.44
C PRO C 15 -13.52 30.06 13.84
N LEU C 16 -14.19 29.51 12.84
CA LEU C 16 -15.38 28.70 13.05
C LEU C 16 -15.22 27.26 12.58
N ALA C 17 -14.62 27.05 11.41
CA ALA C 17 -14.40 25.71 10.88
C ALA C 17 -13.29 25.78 9.84
N ALA C 18 -12.48 24.73 9.79
CA ALA C 18 -11.37 24.67 8.84
C ALA C 18 -11.12 23.22 8.48
N SER C 19 -10.18 23.01 7.55
CA SER C 19 -9.80 21.67 7.11
C SER C 19 -8.47 21.75 6.39
N MET C 20 -7.47 21.01 6.87
CA MET C 20 -6.13 21.06 6.32
C MET C 20 -5.56 19.64 6.21
N GLN C 21 -4.89 19.37 5.09
CA GLN C 21 -4.27 18.07 4.83
C GLN C 21 -2.96 18.31 4.10
N GLU C 22 -1.86 17.79 4.66
CA GLU C 22 -0.55 17.96 4.04
C GLU C 22 -0.13 16.70 3.27
N ASP C 23 0.34 15.69 4.00
CA ASP C 23 0.85 14.47 3.39
C ASP C 23 -0.26 13.66 2.70
N ASP C 29 5.08 25.78 3.17
CA ASP C 29 4.33 24.84 4.00
C ASP C 29 3.01 25.42 4.48
N LEU C 30 2.37 24.69 5.39
CA LEU C 30 1.09 25.14 5.95
C LEU C 30 1.24 26.33 6.89
N GLN C 31 2.46 26.57 7.40
CA GLN C 31 2.64 27.57 8.44
C GLN C 31 2.65 28.99 7.89
N GLN C 32 3.11 29.19 6.66
CA GLN C 32 3.22 30.55 6.12
C GLN C 32 1.87 31.06 5.61
N TYR C 33 1.07 30.18 5.01
CA TYR C 33 -0.20 30.59 4.43
C TYR C 33 -1.35 30.56 5.41
N GLN C 34 -1.27 29.74 6.46
CA GLN C 34 -2.25 29.84 7.53
C GLN C 34 -2.08 31.15 8.30
N SER C 35 -0.83 31.61 8.45
CA SER C 35 -0.60 32.94 8.99
C SER C 35 -1.21 34.00 8.10
N GLN C 36 -0.85 34.01 6.81
CA GLN C 36 -1.42 34.95 5.85
C GLN C 36 -2.94 34.81 5.76
N ALA C 37 -3.49 33.65 6.10
CA ALA C 37 -4.93 33.50 6.14
C ALA C 37 -5.52 34.23 7.35
N LYS C 38 -4.81 34.22 8.48
CA LYS C 38 -5.31 34.83 9.69
C LYS C 38 -5.13 36.35 9.71
N GLN C 39 -4.30 36.90 8.84
CA GLN C 39 -4.26 38.36 8.71
C GLN C 39 -5.45 38.86 7.91
N LEU C 40 -5.83 38.14 6.86
CA LEU C 40 -7.00 38.53 6.07
C LEU C 40 -8.24 38.58 6.94
N PHE C 41 -8.43 37.57 7.78
CA PHE C 41 -9.56 37.57 8.70
C PHE C 41 -9.51 38.76 9.63
N ARG C 42 -8.34 39.34 9.83
CA ARG C 42 -8.24 40.49 10.73
C ARG C 42 -8.44 41.80 9.97
N LYS C 43 -7.93 41.89 8.75
CA LYS C 43 -8.04 43.13 7.98
C LYS C 43 -9.46 43.33 7.46
N LEU C 44 -10.18 42.25 7.20
CA LEU C 44 -11.52 42.36 6.64
C LEU C 44 -12.47 43.03 7.63
N ASN C 45 -13.37 43.86 7.10
CA ASN C 45 -14.36 44.54 7.90
C ASN C 45 -15.62 44.71 7.05
N GLU C 46 -16.51 45.61 7.46
CA GLU C 46 -17.76 45.83 6.75
C GLU C 46 -17.62 46.73 5.54
N GLN C 47 -16.40 47.16 5.21
CA GLN C 47 -16.13 47.90 3.98
C GLN C 47 -15.33 47.07 2.98
N SER C 48 -15.08 45.80 3.29
CA SER C 48 -14.31 44.93 2.44
C SER C 48 -15.15 44.44 1.26
N PRO C 49 -14.51 44.12 0.13
CA PRO C 49 -15.26 43.54 -0.99
C PRO C 49 -15.86 42.20 -0.61
N THR C 50 -17.16 42.04 -0.90
CA THR C 50 -17.86 40.81 -0.59
C THR C 50 -17.35 39.62 -1.41
N ARG C 51 -16.72 39.89 -2.55
CA ARG C 51 -16.13 38.86 -3.40
C ARG C 51 -14.74 39.33 -3.81
N CYS C 52 -13.74 38.46 -3.69
CA CYS C 52 -12.38 38.88 -3.97
C CYS C 52 -11.50 37.67 -4.26
N THR C 53 -10.37 37.94 -4.92
CA THR C 53 -9.35 36.94 -5.23
C THR C 53 -7.99 37.60 -5.07
N LEU C 54 -7.07 36.91 -4.40
CA LEU C 54 -5.77 37.48 -4.07
C LEU C 54 -4.66 36.58 -4.60
N GLU C 55 -3.58 37.19 -5.07
CA GLU C 55 -2.46 36.47 -5.66
C GLU C 55 -1.30 36.42 -4.67
N ALA C 56 -0.82 35.20 -4.40
CA ALA C 56 0.28 35.01 -3.46
C ALA C 56 1.44 34.28 -4.14
N GLY C 57 1.84 34.75 -5.32
CA GLY C 57 2.91 34.11 -6.07
C GLY C 57 2.50 32.76 -6.62
N ALA C 58 3.03 31.69 -6.03
CA ALA C 58 2.65 30.34 -6.44
C ALA C 58 1.29 29.91 -5.89
N MET C 59 0.70 30.69 -4.99
CA MET C 59 -0.57 30.36 -4.37
C MET C 59 -1.58 31.48 -4.65
N THR C 60 -2.82 31.25 -4.23
CA THR C 60 -3.90 32.18 -4.51
C THR C 60 -5.05 31.92 -3.55
N PHE C 61 -5.48 32.97 -2.84
CA PHE C 61 -6.61 32.88 -1.92
C PHE C 61 -7.90 33.31 -2.63
N HIS C 62 -9.01 32.72 -2.18
CA HIS C 62 -10.34 33.10 -2.64
C HIS C 62 -11.27 33.15 -1.44
N TYR C 63 -12.14 34.16 -1.40
CA TYR C 63 -13.10 34.24 -0.31
C TYR C 63 -14.37 34.93 -0.78
N ILE C 64 -15.48 34.57 -0.12
CA ILE C 64 -16.74 35.29 -0.21
C ILE C 64 -17.18 35.63 1.21
N ILE C 65 -17.98 36.67 1.33
CA ILE C 65 -18.45 37.15 2.63
C ILE C 65 -19.96 37.24 2.59
N GLU C 66 -20.61 36.40 3.41
CA GLU C 66 -22.07 36.39 3.52
C GLU C 66 -22.45 36.29 4.99
N GLN C 67 -23.37 37.15 5.42
CA GLN C 67 -23.87 37.16 6.79
C GLN C 67 -22.74 37.35 7.81
N GLY C 68 -21.81 38.25 7.50
CA GLY C 68 -20.69 38.49 8.38
C GLY C 68 -19.78 37.31 8.57
N VAL C 69 -19.80 36.35 7.64
CA VAL C 69 -18.98 35.15 7.71
C VAL C 69 -18.11 35.09 6.47
N CYS C 70 -16.82 34.80 6.65
CA CYS C 70 -15.86 34.74 5.56
C CYS C 70 -15.52 33.28 5.26
N TYR C 71 -15.61 32.91 3.99
CA TYR C 71 -15.31 31.56 3.52
C TYR C 71 -14.06 31.64 2.64
N LEU C 72 -12.90 31.38 3.25
CA LEU C 72 -11.62 31.50 2.56
C LEU C 72 -11.11 30.14 2.11
N VAL C 73 -10.53 30.10 0.91
CA VAL C 73 -9.90 28.90 0.38
C VAL C 73 -8.58 29.27 -0.26
N LEU C 74 -7.57 28.43 -0.07
CA LEU C 74 -6.26 28.59 -0.71
C LEU C 74 -6.05 27.44 -1.69
N CYS C 75 -5.41 27.75 -2.82
CA CYS C 75 -5.10 26.73 -3.81
C CYS C 75 -3.98 27.26 -4.70
N GLU C 76 -3.31 26.34 -5.39
CA GLU C 76 -2.31 26.73 -6.37
C GLU C 76 -2.96 27.57 -7.46
N ALA C 77 -2.19 28.53 -7.99
CA ALA C 77 -2.76 29.57 -8.84
C ALA C 77 -3.43 29.00 -10.08
N ALA C 78 -2.99 27.83 -10.55
CA ALA C 78 -3.56 27.24 -11.75
C ALA C 78 -4.93 26.60 -11.53
N PHE C 79 -5.40 26.53 -10.28
CA PHE C 79 -6.72 25.98 -10.03
C PHE C 79 -7.77 26.92 -10.61
N PRO C 80 -8.79 26.38 -11.30
CA PRO C 80 -9.78 27.24 -11.95
C PRO C 80 -10.48 28.17 -10.97
N LYS C 81 -10.39 29.47 -11.24
CA LYS C 81 -11.06 30.47 -10.41
C LYS C 81 -12.57 30.23 -10.36
N LYS C 82 -13.14 29.76 -11.47
CA LYS C 82 -14.57 29.45 -11.50
C LYS C 82 -14.95 28.36 -10.51
N LEU C 83 -14.05 27.38 -10.29
CA LEU C 83 -14.36 26.28 -9.39
C LEU C 83 -14.14 26.66 -7.93
N ALA C 84 -13.21 27.55 -7.65
CA ALA C 84 -12.93 27.93 -6.26
C ALA C 84 -14.10 28.69 -5.66
N PHE C 85 -14.72 29.58 -6.44
CA PHE C 85 -15.87 30.33 -5.93
C PHE C 85 -17.09 29.43 -5.76
N ALA C 86 -17.34 28.55 -6.74
CA ALA C 86 -18.44 27.60 -6.61
C ALA C 86 -18.23 26.67 -5.42
N TYR C 87 -16.97 26.40 -5.08
CA TYR C 87 -16.69 25.59 -3.89
C TYR C 87 -17.04 26.34 -2.61
N LEU C 88 -16.75 27.65 -2.57
CA LEU C 88 -17.09 28.44 -1.40
C LEU C 88 -18.59 28.66 -1.29
N GLU C 89 -19.30 28.71 -2.41
CA GLU C 89 -20.75 28.87 -2.36
C GLU C 89 -21.42 27.61 -1.83
N ASP C 90 -20.92 26.43 -2.20
CA ASP C 90 -21.44 25.19 -1.66
C ASP C 90 -21.24 25.12 -0.15
N LEU C 91 -20.09 25.61 0.34
CA LEU C 91 -19.85 25.64 1.78
C LEU C 91 -20.78 26.62 2.47
N HIS C 92 -20.95 27.81 1.89
CA HIS C 92 -21.77 28.84 2.53
C HIS C 92 -23.24 28.40 2.62
N SER C 93 -23.77 27.84 1.54
CA SER C 93 -25.17 27.43 1.53
C SER C 93 -25.45 26.37 2.59
N GLU C 94 -24.46 25.53 2.89
CA GLU C 94 -24.64 24.51 3.93
C GLU C 94 -24.38 25.09 5.33
N PHE C 95 -23.35 25.92 5.47
CA PHE C 95 -23.00 26.46 6.78
C PHE C 95 -24.06 27.43 7.29
N ASP C 96 -24.57 28.29 6.41
CA ASP C 96 -25.58 29.25 6.83
C ASP C 96 -26.88 28.58 7.25
N GLU C 97 -27.16 27.40 6.70
CA GLU C 97 -28.38 26.68 7.05
C GLU C 97 -28.25 25.98 8.40
N GLN C 98 -27.08 25.43 8.70
CA GLN C 98 -26.88 24.65 9.92
C GLN C 98 -26.54 25.52 11.13
N HIS C 99 -25.59 26.44 10.97
CA HIS C 99 -25.09 27.23 12.10
C HIS C 99 -25.21 28.74 11.88
N GLY C 100 -25.85 29.16 10.79
CA GLY C 100 -25.88 30.59 10.46
C GLY C 100 -26.47 31.46 11.53
N LYS C 101 -27.46 30.95 12.27
CA LYS C 101 -28.11 31.74 13.31
C LYS C 101 -27.34 31.70 14.63
N LYS C 102 -26.50 30.70 14.85
CA LYS C 102 -25.68 30.62 16.05
C LYS C 102 -24.33 31.28 15.91
N VAL C 103 -23.97 31.72 14.70
CA VAL C 103 -22.66 32.33 14.49
C VAL C 103 -22.42 33.56 15.38
N PRO C 104 -23.30 34.56 15.42
CA PRO C 104 -22.97 35.79 16.16
C PRO C 104 -22.95 35.63 17.67
N THR C 105 -23.25 34.45 18.22
CA THR C 105 -23.32 34.26 19.67
C THR C 105 -22.14 33.48 20.23
N VAL C 106 -21.49 32.63 19.44
CA VAL C 106 -20.42 31.79 19.96
C VAL C 106 -19.22 32.64 20.35
N SER C 107 -18.35 32.05 21.16
CA SER C 107 -17.14 32.73 21.61
C SER C 107 -15.89 31.86 21.58
N ARG C 108 -16.00 30.54 21.58
CA ARG C 108 -14.83 29.69 21.47
C ARG C 108 -14.29 29.71 20.05
N PRO C 109 -12.99 29.50 19.87
CA PRO C 109 -12.47 29.25 18.52
C PRO C 109 -12.88 27.88 18.02
N TYR C 110 -13.25 27.82 16.75
CA TYR C 110 -13.66 26.58 16.10
C TYR C 110 -14.82 25.93 16.84
N SER C 111 -15.86 26.72 17.12
CA SER C 111 -17.05 26.21 17.78
C SER C 111 -17.84 25.26 16.89
N PHE C 112 -17.39 25.09 15.64
CA PHE C 112 -18.03 24.17 14.70
C PHE C 112 -16.94 23.35 14.00
N ILE C 113 -16.13 22.64 14.79
CA ILE C 113 -15.13 21.75 14.20
C ILE C 113 -15.82 20.68 13.36
N GLU C 114 -16.91 20.11 13.87
CA GLU C 114 -17.57 18.99 13.21
C GLU C 114 -18.08 19.32 11.81
N PHE C 115 -18.09 20.61 11.43
CA PHE C 115 -18.25 20.97 10.03
C PHE C 115 -17.08 20.48 9.17
N ASP C 116 -15.99 20.04 9.81
CA ASP C 116 -14.85 19.41 9.13
C ASP C 116 -15.30 18.32 8.19
N THR C 117 -16.32 17.55 8.60
CA THR C 117 -16.77 16.41 7.81
C THR C 117 -17.37 16.86 6.48
N PHE C 118 -18.19 17.90 6.49
CA PHE C 118 -18.82 18.34 5.25
C PHE C 118 -17.82 19.03 4.33
N ILE C 119 -16.80 19.69 4.89
CA ILE C 119 -15.83 20.39 4.06
C ILE C 119 -15.07 19.40 3.19
N GLN C 120 -14.53 18.33 3.80
CA GLN C 120 -13.69 17.40 3.06
C GLN C 120 -14.48 16.60 2.04
N LYS C 121 -15.73 16.26 2.34
CA LYS C 121 -16.53 15.53 1.35
C LYS C 121 -16.93 16.44 0.18
N THR C 122 -17.16 17.72 0.45
CA THR C 122 -17.41 18.67 -0.62
C THR C 122 -16.13 19.09 -1.33
N LYS C 123 -15.01 19.11 -0.60
CA LYS C 123 -13.73 19.44 -1.20
C LYS C 123 -13.34 18.41 -2.26
N LYS C 124 -13.60 17.13 -2.00
CA LYS C 124 -13.21 16.09 -2.94
C LYS C 124 -13.99 16.13 -4.25
N LEU C 125 -15.11 16.86 -4.28
CA LEU C 125 -15.90 16.97 -5.50
C LEU C 125 -15.40 18.07 -6.42
N TYR C 126 -14.29 18.71 -6.10
CA TYR C 126 -13.75 19.81 -6.90
C TYR C 126 -12.30 19.59 -7.31
N ILE C 127 -11.48 19.00 -6.45
CA ILE C 127 -10.10 18.68 -6.81
C ILE C 127 -10.10 17.26 -7.39
N ASP C 128 -10.91 17.08 -8.43
CA ASP C 128 -10.94 15.83 -9.19
C ASP C 128 -11.67 16.13 -10.49
N SER C 129 -10.92 16.13 -11.60
CA SER C 129 -11.48 16.59 -12.87
C SER C 129 -12.50 15.63 -13.46
N ARG C 130 -12.51 14.38 -13.03
CA ARG C 130 -13.42 13.38 -13.60
C ARG C 130 -14.80 13.44 -12.95
N ILE C 148 -16.43 40.18 -7.70
CA ILE C 148 -15.12 39.56 -7.72
C ILE C 148 -14.05 40.62 -7.99
N MET C 149 -12.93 40.53 -7.27
CA MET C 149 -11.83 41.46 -7.42
C MET C 149 -10.52 40.68 -7.38
N VAL C 150 -9.49 41.24 -8.02
CA VAL C 150 -8.16 40.63 -8.05
C VAL C 150 -7.15 41.67 -7.56
N ALA C 151 -6.25 41.25 -6.68
CA ALA C 151 -5.19 42.12 -6.17
C ALA C 151 -4.11 41.24 -5.55
N ASN C 152 -2.98 41.86 -5.24
CA ASN C 152 -1.87 41.16 -4.62
C ASN C 152 -2.11 41.06 -3.11
N ILE C 153 -1.92 39.87 -2.55
CA ILE C 153 -2.17 39.67 -1.12
C ILE C 153 -1.20 40.49 -0.29
N GLU C 154 0.03 40.68 -0.76
CA GLU C 154 1.02 41.46 -0.03
C GLU C 154 0.58 42.92 0.14
N GLU C 155 -0.28 43.42 -0.75
CA GLU C 155 -0.79 44.78 -0.60
C GLU C 155 -1.77 44.88 0.56
N VAL C 156 -2.74 43.96 0.60
CA VAL C 156 -3.76 44.01 1.65
C VAL C 156 -3.14 43.76 3.02
N LEU C 157 -2.10 42.93 3.09
CA LEU C 157 -1.41 42.67 4.35
C LEU C 157 -0.47 43.81 4.70
N SER D 3 3.14 26.09 21.65
CA SER D 3 4.33 26.89 21.94
C SER D 3 3.96 28.22 22.55
N PHE D 4 2.70 28.33 23.02
CA PHE D 4 2.21 29.54 23.66
C PHE D 4 1.94 29.37 25.15
N ALA D 5 1.78 28.14 25.62
CA ALA D 5 1.47 27.89 27.02
C ALA D 5 2.61 28.32 27.95
ZN ZN E . 18.14 -37.66 -42.39
ZN ZN F . 5.50 36.78 36.09
#